data_3W4K
#
_entry.id   3W4K
#
_cell.length_a   149.663
_cell.length_b   182.463
_cell.length_c   50.844
_cell.angle_alpha   90.000
_cell.angle_beta   90.000
_cell.angle_gamma   90.000
#
_symmetry.space_group_name_H-M   'P 21 21 2'
#
loop_
_entity.id
_entity.type
_entity.pdbx_description
1 polymer 'D-amino-acid oxidase'
2 non-polymer 'FLAVIN-ADENINE DINUCLEOTIDE'
3 non-polymer 3-hydroxy-6-(2-phenylethyl)pyridazin-4(1H)-one
#
_entity_poly.entity_id   1
_entity_poly.type   'polypeptide(L)'
_entity_poly.pdbx_seq_one_letter_code
;MRVVVIGAGVIGLSTALCIHERYHSVLQPLDIKVYADRFTPLTTTDVAAGLWQPYLSDPNNPQEADWSQQTFDYLLSHVH
SPNAENLGLFLISGYNLFHEAIPDPSWKDTVLGFRKLTPRELDMFPDYGYGWFHTSLILEGKNYLQWLTERLTERGVKFF
QRKVESFEEVAREGADVIVNCTGVWAGALQRDPLLQPGRGQIMKVDAPWMKHFILTHDPERGIYNSPYIIPGTQTVTLGG
IFQLGNWSELNNIQDHNTIWEGCCRLEPTLKNARIIGERTGFRPVRPQIRLEREQLRTGPSNTEVIHNYGHGGYGLTIHW
GCALEAAKLFGRILEEKKLSRMPPSHL
;
_entity_poly.pdbx_strand_id   A,B,C,D
#
# COMPACT_ATOMS: atom_id res chain seq x y z
N MET A 1 -10.64 -44.73 15.43
CA MET A 1 -9.24 -44.53 14.92
C MET A 1 -8.84 -43.08 15.18
N ARG A 2 -8.08 -42.76 16.25
CA ARG A 2 -7.78 -41.30 16.51
C ARG A 2 -6.40 -40.99 15.97
N VAL A 3 -6.17 -39.83 15.35
CA VAL A 3 -4.81 -39.53 14.76
C VAL A 3 -4.14 -38.22 15.16
N VAL A 4 -2.93 -38.27 15.73
CA VAL A 4 -2.19 -37.00 16.12
C VAL A 4 -1.07 -36.57 15.18
N VAL A 5 -1.26 -35.35 14.69
CA VAL A 5 -0.25 -34.76 13.88
C VAL A 5 0.51 -33.78 14.72
N ILE A 6 1.82 -34.05 14.96
CA ILE A 6 2.65 -33.01 15.62
C ILE A 6 3.38 -32.14 14.66
N GLY A 7 3.14 -30.86 14.85
CA GLY A 7 3.84 -29.87 14.06
C GLY A 7 2.80 -29.26 13.11
N ALA A 8 2.90 -27.91 12.83
CA ALA A 8 1.80 -27.18 12.18
C ALA A 8 2.30 -26.30 11.15
N GLY A 9 3.56 -26.43 10.82
CA GLY A 9 4.11 -25.87 9.62
C GLY A 9 3.59 -26.60 8.38
N VAL A 10 4.35 -26.44 7.31
CA VAL A 10 3.78 -26.80 6.08
C VAL A 10 3.76 -28.27 6.10
N ILE A 11 4.76 -28.87 6.73
CA ILE A 11 4.77 -30.30 6.64
C ILE A 11 3.57 -30.93 7.28
N GLY A 12 3.27 -30.52 8.51
CA GLY A 12 2.19 -31.07 9.25
C GLY A 12 0.90 -30.91 8.47
N LEU A 13 0.68 -29.64 8.00
CA LEU A 13 -0.70 -29.24 7.64
C LEU A 13 -0.92 -29.97 6.39
N SER A 14 0.04 -29.96 5.46
CA SER A 14 -0.23 -30.67 4.21
C SER A 14 -0.43 -32.16 4.55
N THR A 15 0.35 -32.70 5.46
CA THR A 15 0.18 -34.12 5.69
C THR A 15 -1.15 -34.36 6.33
N ALA A 16 -1.49 -33.48 7.26
CA ALA A 16 -2.76 -33.69 7.85
C ALA A 16 -3.83 -33.88 6.75
N LEU A 17 -3.79 -33.07 5.70
CA LEU A 17 -4.99 -32.86 4.89
C LEU A 17 -5.01 -33.91 3.86
N CYS A 18 -3.81 -34.05 3.35
CA CYS A 18 -3.68 -35.02 2.42
C CYS A 18 -4.29 -36.31 3.08
N ILE A 19 -3.81 -36.72 4.23
CA ILE A 19 -4.42 -37.87 4.91
C ILE A 19 -5.96 -37.80 5.06
N HIS A 20 -6.48 -36.65 5.43
CA HIS A 20 -7.95 -36.53 5.60
C HIS A 20 -8.65 -36.80 4.27
N GLU A 21 -8.32 -35.99 3.25
CA GLU A 21 -8.95 -36.22 1.95
C GLU A 21 -8.68 -37.69 1.48
N ARG A 22 -7.51 -38.26 1.70
CA ARG A 22 -7.38 -39.64 1.20
C ARG A 22 -8.24 -40.68 1.91
N TYR A 23 -8.49 -40.53 3.20
CA TYR A 23 -8.99 -41.65 3.93
C TYR A 23 -10.19 -41.40 4.75
N HIS A 24 -10.84 -40.26 4.67
CA HIS A 24 -11.99 -40.11 5.61
C HIS A 24 -13.30 -40.78 5.16
N SER A 25 -13.36 -41.12 3.87
CA SER A 25 -14.45 -41.95 3.33
C SER A 25 -14.25 -43.45 3.66
N VAL A 26 -13.09 -43.79 4.21
CA VAL A 26 -12.83 -45.19 4.49
C VAL A 26 -12.20 -45.43 5.83
N LEU A 27 -12.74 -44.79 6.87
CA LEU A 27 -12.47 -45.08 8.27
C LEU A 27 -13.65 -44.47 8.96
N GLN A 28 -14.42 -45.16 9.81
CA GLN A 28 -15.59 -44.42 10.34
C GLN A 28 -15.17 -43.46 11.46
N PRO A 29 -15.00 -43.94 12.69
CA PRO A 29 -14.38 -42.81 13.43
C PRO A 29 -12.91 -42.60 13.01
N LEU A 30 -12.66 -41.81 11.96
CA LEU A 30 -11.30 -41.17 11.68
C LEU A 30 -11.03 -39.72 12.32
N ASP A 31 -10.80 -39.64 13.63
CA ASP A 31 -10.55 -38.36 14.33
C ASP A 31 -9.12 -37.76 14.13
N ILE A 32 -9.07 -36.58 13.49
CA ILE A 32 -7.82 -35.81 13.39
C ILE A 32 -7.61 -34.53 14.27
N LYS A 33 -6.40 -34.47 14.82
CA LYS A 33 -6.02 -33.49 15.83
C LYS A 33 -4.53 -33.11 15.64
N VAL A 34 -4.27 -31.82 15.60
CA VAL A 34 -2.98 -31.31 15.35
C VAL A 34 -2.49 -30.68 16.58
N TYR A 35 -1.30 -31.12 16.95
CA TYR A 35 -0.63 -30.61 18.09
C TYR A 35 0.62 -29.89 17.62
N ALA A 36 0.84 -28.72 18.21
CA ALA A 36 1.96 -27.89 17.87
C ALA A 36 2.22 -26.71 18.85
N ASP A 37 3.51 -26.50 19.11
CA ASP A 37 3.90 -25.45 19.99
C ASP A 37 3.87 -24.04 19.35
N ARG A 38 4.52 -23.87 18.20
CA ARG A 38 4.38 -22.60 17.48
C ARG A 38 3.40 -22.87 16.27
N PHE A 39 2.52 -21.90 15.93
CA PHE A 39 1.53 -21.94 14.80
C PHE A 39 1.64 -20.72 13.92
N THR A 40 0.94 -20.82 12.80
CA THR A 40 0.98 -19.94 11.60
C THR A 40 1.70 -18.67 11.33
N PRO A 41 1.99 -17.81 12.33
CA PRO A 41 3.02 -16.81 12.02
C PRO A 41 4.35 -17.16 12.61
N LEU A 42 4.39 -18.11 13.50
CA LEU A 42 5.55 -18.17 14.34
C LEU A 42 6.42 -19.31 13.96
N THR A 43 6.31 -19.77 12.74
CA THR A 43 7.05 -21.01 12.32
C THR A 43 8.12 -20.81 11.19
N THR A 44 8.89 -21.85 10.93
CA THR A 44 9.93 -21.71 9.94
C THR A 44 9.35 -21.48 8.52
N THR A 45 8.16 -22.08 8.35
CA THR A 45 7.45 -21.99 7.11
C THR A 45 7.15 -20.57 6.75
N ASP A 46 6.60 -19.79 7.67
CA ASP A 46 6.28 -18.39 7.44
C ASP A 46 7.43 -17.54 6.93
N VAL A 47 8.67 -18.00 7.12
CA VAL A 47 9.88 -17.25 6.97
C VAL A 47 10.44 -17.46 5.54
N ALA A 48 10.17 -18.65 4.96
CA ALA A 48 10.52 -18.95 3.56
C ALA A 48 9.76 -18.10 2.55
N ALA A 49 10.47 -17.53 1.60
CA ALA A 49 9.82 -16.96 0.37
C ALA A 49 8.85 -17.87 -0.32
N GLY A 50 9.22 -19.05 -0.73
CA GLY A 50 8.16 -19.93 -1.15
C GLY A 50 8.45 -20.19 -2.59
N LEU A 51 9.71 -19.97 -2.94
CA LEU A 51 10.09 -20.18 -4.28
C LEU A 51 10.19 -21.65 -4.46
N TRP A 52 9.73 -22.21 -5.57
CA TRP A 52 9.91 -23.62 -5.87
C TRP A 52 11.18 -23.86 -6.65
N GLN A 53 12.02 -24.72 -6.15
CA GLN A 53 13.30 -24.98 -6.84
C GLN A 53 14.25 -25.88 -5.98
N PRO A 54 14.43 -27.21 -6.32
CA PRO A 54 15.34 -28.20 -5.66
C PRO A 54 16.82 -27.92 -5.85
N TYR A 55 17.67 -28.33 -4.87
CA TYR A 55 19.17 -28.07 -4.93
C TYR A 55 19.72 -28.20 -6.41
N LEU A 56 20.94 -27.75 -6.69
CA LEU A 56 21.36 -27.79 -8.12
C LEU A 56 21.43 -29.27 -8.67
N SER A 57 22.20 -30.12 -7.96
CA SER A 57 22.51 -31.52 -8.29
C SER A 57 21.47 -32.52 -7.70
N ASP A 58 21.65 -33.82 -7.92
CA ASP A 58 20.54 -34.75 -7.64
C ASP A 58 20.74 -35.55 -6.37
N PRO A 59 19.63 -36.05 -5.75
CA PRO A 59 19.53 -36.11 -4.27
C PRO A 59 20.19 -37.33 -3.77
N ASN A 60 20.55 -37.31 -2.51
CA ASN A 60 21.05 -38.52 -1.97
C ASN A 60 19.94 -39.62 -2.18
N ASN A 61 18.67 -39.22 -2.22
CA ASN A 61 17.62 -40.21 -2.30
C ASN A 61 16.79 -39.82 -3.48
N PRO A 62 16.73 -40.67 -4.51
CA PRO A 62 16.20 -40.06 -5.78
C PRO A 62 14.66 -40.12 -5.92
N GLN A 63 13.96 -40.46 -4.84
CA GLN A 63 12.55 -40.12 -4.82
C GLN A 63 12.30 -38.68 -4.41
N GLU A 64 13.17 -38.08 -3.59
CA GLU A 64 12.96 -36.69 -3.27
C GLU A 64 12.66 -35.99 -4.62
N ALA A 65 13.55 -36.19 -5.62
CA ALA A 65 13.20 -35.92 -7.07
C ALA A 65 11.74 -36.07 -7.47
N ASP A 66 11.15 -37.24 -7.41
CA ASP A 66 9.74 -37.24 -7.72
C ASP A 66 8.84 -36.34 -6.92
N TRP A 67 9.14 -36.17 -5.61
CA TRP A 67 8.22 -35.39 -4.77
C TRP A 67 8.30 -33.88 -5.02
N SER A 68 9.46 -33.38 -5.48
CA SER A 68 9.45 -32.06 -6.06
C SER A 68 8.55 -32.08 -7.29
N GLN A 69 8.73 -33.07 -8.19
CA GLN A 69 8.01 -32.99 -9.47
C GLN A 69 6.56 -32.90 -9.18
N GLN A 70 6.15 -33.82 -8.33
CA GLN A 70 4.77 -33.98 -8.04
C GLN A 70 4.30 -32.71 -7.47
N THR A 71 4.89 -32.31 -6.36
CA THR A 71 4.52 -31.07 -5.71
C THR A 71 4.34 -30.06 -6.80
N PHE A 72 5.41 -29.78 -7.56
CA PHE A 72 5.34 -28.79 -8.64
C PHE A 72 4.25 -28.96 -9.63
N ASP A 73 4.19 -30.15 -10.22
CA ASP A 73 3.01 -30.56 -11.06
C ASP A 73 1.56 -30.12 -10.58
N TYR A 74 1.32 -30.31 -9.33
CA TYR A 74 0.06 -30.07 -8.74
C TYR A 74 -0.19 -28.57 -8.58
N LEU A 75 0.84 -27.89 -8.06
CA LEU A 75 0.61 -26.55 -7.66
C LEU A 75 0.26 -25.94 -8.97
N LEU A 76 1.02 -26.34 -10.00
CA LEU A 76 0.91 -25.67 -11.31
C LEU A 76 -0.44 -26.01 -11.88
N SER A 77 -0.98 -27.11 -11.40
CA SER A 77 -2.22 -27.58 -11.92
C SER A 77 -3.35 -26.74 -11.35
N HIS A 78 -3.06 -25.93 -10.35
CA HIS A 78 -4.07 -25.16 -9.64
C HIS A 78 -3.81 -23.66 -9.85
N VAL A 79 -2.73 -23.41 -10.62
CA VAL A 79 -2.18 -22.10 -10.95
C VAL A 79 -3.22 -21.02 -10.99
N HIS A 80 -4.39 -21.41 -11.52
CA HIS A 80 -5.36 -20.51 -12.10
C HIS A 80 -6.72 -20.76 -11.64
N SER A 81 -6.93 -21.51 -10.59
CA SER A 81 -8.30 -21.49 -10.11
C SER A 81 -8.48 -20.04 -9.53
N PRO A 82 -9.68 -19.67 -8.93
CA PRO A 82 -9.77 -18.27 -8.46
C PRO A 82 -9.53 -18.22 -6.91
N ASN A 83 -8.51 -18.99 -6.48
CA ASN A 83 -7.99 -19.13 -5.07
C ASN A 83 -6.58 -18.63 -5.15
N ALA A 84 -5.84 -19.11 -6.15
CA ALA A 84 -4.39 -19.02 -6.14
C ALA A 84 -3.90 -17.81 -5.34
N GLU A 85 -4.35 -16.57 -5.67
CA GLU A 85 -4.19 -15.39 -4.78
C GLU A 85 -4.35 -15.64 -3.21
N ASN A 86 -5.49 -16.21 -2.74
CA ASN A 86 -5.67 -16.82 -1.37
C ASN A 86 -4.52 -17.73 -0.93
N LEU A 87 -4.34 -18.80 -1.71
CA LEU A 87 -3.10 -19.56 -1.70
C LEU A 87 -1.81 -18.69 -1.64
N GLY A 88 -1.78 -17.57 -2.34
CA GLY A 88 -0.55 -16.83 -2.48
C GLY A 88 0.39 -17.68 -3.33
N LEU A 89 -0.23 -18.35 -4.34
CA LEU A 89 0.37 -19.27 -5.29
C LEU A 89 0.41 -18.54 -6.61
N PHE A 90 1.58 -18.28 -7.17
CA PHE A 90 1.60 -17.59 -8.45
C PHE A 90 2.88 -17.81 -9.18
N LEU A 91 2.82 -17.66 -10.48
CA LEU A 91 3.98 -17.88 -11.37
C LEU A 91 5.07 -16.85 -11.18
N ILE A 92 6.34 -17.16 -11.40
CA ILE A 92 7.36 -16.11 -11.43
C ILE A 92 8.46 -16.57 -12.27
N SER A 93 9.05 -15.66 -13.01
CA SER A 93 10.26 -16.03 -13.72
C SER A 93 11.44 -15.45 -13.01
N GLY A 94 12.64 -15.62 -13.51
CA GLY A 94 13.81 -15.07 -12.81
C GLY A 94 15.12 -15.71 -13.19
N TYR A 95 16.18 -15.28 -12.53
CA TYR A 95 17.51 -15.65 -12.85
C TYR A 95 18.18 -16.56 -11.88
N ASN A 96 18.85 -17.58 -12.40
CA ASN A 96 19.95 -18.21 -11.64
C ASN A 96 21.37 -17.78 -12.21
N LEU A 97 22.36 -17.49 -11.37
CA LEU A 97 23.63 -17.02 -11.82
C LEU A 97 24.74 -17.70 -11.03
N PHE A 98 25.86 -17.87 -11.72
CA PHE A 98 26.99 -18.69 -11.35
C PHE A 98 28.16 -17.98 -11.96
N HIS A 99 29.33 -18.15 -11.32
CA HIS A 99 30.62 -17.66 -11.84
C HIS A 99 31.22 -18.56 -13.03
N GLU A 100 31.05 -19.89 -12.94
CA GLU A 100 31.46 -20.88 -13.98
C GLU A 100 30.24 -21.48 -14.72
N ALA A 101 30.45 -22.37 -15.71
CA ALA A 101 29.28 -23.10 -16.28
C ALA A 101 28.92 -24.28 -15.40
N ILE A 102 27.79 -24.91 -15.67
CA ILE A 102 27.23 -25.90 -14.77
C ILE A 102 26.28 -26.70 -15.62
N PRO A 103 26.28 -28.01 -15.41
CA PRO A 103 25.30 -28.89 -15.99
C PRO A 103 23.86 -28.41 -15.77
N ASP A 104 22.98 -28.79 -16.65
CA ASP A 104 21.64 -28.33 -16.42
C ASP A 104 21.03 -28.87 -15.14
N PRO A 105 20.11 -28.13 -14.53
CA PRO A 105 19.57 -28.75 -13.36
C PRO A 105 18.60 -29.80 -13.84
N SER A 106 18.50 -30.85 -13.00
CA SER A 106 17.69 -32.06 -13.17
C SER A 106 16.23 -31.77 -13.45
N TRP A 107 15.73 -30.69 -12.90
CA TRP A 107 14.33 -30.39 -12.89
C TRP A 107 13.87 -29.55 -14.10
N LYS A 108 14.87 -29.06 -14.87
CA LYS A 108 14.74 -28.09 -15.97
C LYS A 108 13.50 -28.34 -16.75
N ASP A 109 13.05 -29.56 -16.74
CA ASP A 109 11.90 -29.91 -17.54
C ASP A 109 10.59 -29.82 -16.83
N THR A 110 10.67 -29.42 -15.60
CA THR A 110 9.52 -29.38 -14.82
C THR A 110 9.08 -27.93 -14.84
N VAL A 111 10.02 -27.04 -14.51
CA VAL A 111 9.85 -25.58 -14.66
C VAL A 111 9.40 -25.17 -16.08
N LEU A 112 8.66 -24.07 -16.13
CA LEU A 112 8.30 -23.53 -17.39
C LEU A 112 9.47 -22.88 -18.04
N GLY A 113 9.58 -23.27 -19.28
CA GLY A 113 10.54 -22.75 -20.23
C GLY A 113 11.90 -22.36 -19.72
N PHE A 114 12.63 -23.30 -19.12
CA PHE A 114 14.04 -23.02 -18.68
C PHE A 114 15.04 -22.94 -19.89
N ARG A 115 16.13 -22.19 -19.80
CA ARG A 115 16.93 -21.81 -20.98
C ARG A 115 18.14 -21.13 -20.39
N LYS A 116 19.32 -21.26 -20.99
CA LYS A 116 20.49 -20.62 -20.38
C LYS A 116 20.59 -19.11 -20.61
N LEU A 117 21.15 -18.33 -19.65
CA LEU A 117 21.38 -16.87 -19.90
C LEU A 117 22.15 -16.57 -21.15
N THR A 118 21.60 -15.68 -21.99
CA THR A 118 22.26 -15.06 -23.12
C THR A 118 23.23 -13.94 -22.72
N PRO A 119 24.14 -13.58 -23.66
CA PRO A 119 25.16 -12.52 -23.37
C PRO A 119 24.49 -11.22 -22.92
N ARG A 120 23.39 -10.89 -23.60
CA ARG A 120 22.75 -9.67 -23.27
C ARG A 120 22.26 -9.60 -21.79
N GLU A 121 21.35 -10.54 -21.45
CA GLU A 121 20.87 -10.78 -20.09
C GLU A 121 22.06 -10.73 -19.11
N LEU A 122 23.17 -11.27 -19.60
CA LEU A 122 24.29 -11.45 -18.78
C LEU A 122 24.92 -10.21 -18.30
N ASP A 123 24.85 -9.19 -19.13
CA ASP A 123 25.59 -8.02 -18.77
C ASP A 123 25.01 -7.26 -17.66
N MET A 124 23.80 -7.60 -17.21
CA MET A 124 23.29 -6.89 -16.08
C MET A 124 24.02 -7.43 -14.87
N PHE A 125 24.95 -8.33 -15.10
CA PHE A 125 25.59 -8.98 -13.96
C PHE A 125 27.12 -9.08 -14.19
N PRO A 126 27.81 -8.00 -13.73
CA PRO A 126 29.23 -7.89 -13.98
C PRO A 126 29.63 -9.07 -13.21
N ASP A 127 29.48 -8.97 -11.88
CA ASP A 127 30.07 -9.88 -10.92
C ASP A 127 29.61 -11.31 -11.13
N TYR A 128 28.74 -11.67 -12.10
CA TYR A 128 28.49 -13.14 -12.39
C TYR A 128 28.76 -13.35 -13.82
N GLY A 129 29.32 -14.51 -14.16
CA GLY A 129 29.73 -14.77 -15.57
C GLY A 129 28.96 -15.87 -16.29
N TYR A 130 28.05 -16.57 -15.62
CA TYR A 130 27.26 -17.60 -16.34
C TYR A 130 25.89 -17.86 -15.66
N GLY A 131 24.92 -18.54 -16.27
CA GLY A 131 23.67 -18.83 -15.54
C GLY A 131 22.37 -19.26 -16.25
N TRP A 132 21.31 -19.53 -15.47
CA TRP A 132 20.01 -19.92 -16.08
C TRP A 132 18.89 -18.84 -16.07
N PHE A 133 17.81 -19.12 -16.82
CA PHE A 133 16.59 -18.38 -16.67
C PHE A 133 15.44 -19.21 -17.08
N HIS A 134 14.43 -19.22 -16.24
CA HIS A 134 13.27 -20.08 -16.42
C HIS A 134 12.20 -19.52 -15.55
N THR A 135 10.97 -19.94 -15.83
CA THR A 135 9.74 -19.47 -15.16
C THR A 135 9.46 -20.60 -14.25
N SER A 136 8.85 -20.32 -13.08
CA SER A 136 8.60 -21.28 -11.95
C SER A 136 7.37 -20.82 -11.17
N LEU A 137 7.14 -21.37 -9.97
CA LEU A 137 6.06 -20.87 -9.03
C LEU A 137 6.61 -20.44 -7.66
N ILE A 138 5.90 -19.50 -7.01
CA ILE A 138 5.99 -19.24 -5.57
C ILE A 138 4.67 -19.57 -4.90
N LEU A 139 4.84 -20.16 -3.70
CA LEU A 139 3.78 -20.58 -2.78
C LEU A 139 4.08 -19.91 -1.45
N GLU A 140 3.49 -18.75 -1.19
CA GLU A 140 3.96 -17.90 -0.10
C GLU A 140 3.54 -18.55 1.22
N GLY A 141 4.52 -18.92 2.04
CA GLY A 141 4.29 -19.73 3.24
C GLY A 141 3.17 -19.25 4.15
N LYS A 142 3.15 -17.92 4.47
CA LYS A 142 2.14 -17.25 5.40
C LYS A 142 0.66 -17.56 5.01
N ASN A 143 0.30 -17.16 3.79
CA ASN A 143 -0.91 -17.63 3.09
C ASN A 143 -1.14 -19.18 2.96
N TYR A 144 -0.21 -19.93 2.33
CA TYR A 144 -0.49 -21.34 2.03
C TYR A 144 -0.89 -21.92 3.37
N LEU A 145 -0.27 -21.33 4.39
CA LEU A 145 -0.39 -21.79 5.79
C LEU A 145 -1.81 -21.45 6.31
N GLN A 146 -2.20 -20.20 6.07
CA GLN A 146 -3.50 -19.77 6.49
C GLN A 146 -4.53 -20.64 5.74
N TRP A 147 -4.30 -20.88 4.44
CA TRP A 147 -5.24 -21.64 3.60
C TRP A 147 -5.51 -23.04 4.08
N LEU A 148 -4.47 -23.87 4.24
CA LEU A 148 -4.56 -25.25 4.67
C LEU A 148 -5.33 -25.19 5.97
N THR A 149 -5.11 -24.16 6.76
CA THR A 149 -5.84 -24.06 7.98
C THR A 149 -7.32 -23.98 7.73
N GLU A 150 -7.78 -23.08 6.85
CA GLU A 150 -9.23 -22.89 6.77
C GLU A 150 -9.84 -24.15 6.14
N ARG A 151 -9.04 -24.88 5.38
CA ARG A 151 -9.46 -26.17 4.79
C ARG A 151 -9.62 -27.21 5.89
N LEU A 152 -8.50 -27.48 6.56
CA LEU A 152 -8.43 -28.36 7.74
C LEU A 152 -9.58 -28.16 8.70
N THR A 153 -9.96 -26.92 8.98
CA THR A 153 -10.99 -26.63 10.00
C THR A 153 -12.44 -27.02 9.56
N GLU A 154 -12.89 -26.60 8.38
CA GLU A 154 -14.18 -27.12 7.85
C GLU A 154 -14.27 -28.63 7.99
N ARG A 155 -13.14 -29.30 7.66
CA ARG A 155 -12.93 -30.75 7.82
C ARG A 155 -12.87 -31.17 9.22
N GLY A 156 -12.81 -30.16 10.04
CA GLY A 156 -12.86 -30.36 11.45
C GLY A 156 -11.82 -31.34 11.96
N VAL A 157 -10.56 -31.09 11.52
CA VAL A 157 -9.40 -31.62 12.19
C VAL A 157 -9.24 -30.64 13.26
N LYS A 158 -8.82 -31.07 14.46
CA LYS A 158 -8.74 -30.07 15.51
C LYS A 158 -7.28 -29.67 15.90
N PHE A 159 -7.10 -28.46 16.44
CA PHE A 159 -5.80 -27.84 16.69
C PHE A 159 -5.68 -27.47 18.15
N PHE A 160 -4.56 -27.87 18.73
CA PHE A 160 -4.25 -27.39 20.06
C PHE A 160 -2.82 -26.89 20.19
N GLN A 161 -2.65 -25.83 20.94
CA GLN A 161 -1.39 -25.19 20.99
C GLN A 161 -0.62 -25.75 22.15
N ARG A 162 0.42 -26.55 21.87
CA ARG A 162 1.02 -27.27 22.95
C ARG A 162 2.29 -28.03 22.64
N LYS A 163 3.30 -27.81 23.50
CA LYS A 163 4.53 -28.53 23.40
C LYS A 163 4.25 -29.93 23.93
N VAL A 164 4.41 -30.90 23.02
CA VAL A 164 4.44 -32.35 23.28
C VAL A 164 5.80 -32.71 23.83
N GLU A 165 5.91 -33.53 24.90
CA GLU A 165 7.20 -33.97 25.49
C GLU A 165 7.77 -35.32 25.06
N SER A 166 7.05 -36.05 24.23
CA SER A 166 7.46 -37.39 23.89
C SER A 166 6.31 -37.99 23.20
N PHE A 167 6.63 -39.02 22.44
CA PHE A 167 5.66 -39.62 21.61
C PHE A 167 4.61 -40.28 22.46
N GLU A 168 5.01 -40.72 23.66
CA GLU A 168 4.23 -41.65 24.50
C GLU A 168 3.22 -40.94 25.39
N GLU A 169 3.50 -39.67 25.69
CA GLU A 169 2.57 -38.74 26.28
C GLU A 169 1.33 -38.85 25.42
N VAL A 170 1.58 -38.85 24.11
CA VAL A 170 0.53 -38.72 23.14
C VAL A 170 -0.02 -40.12 23.03
N ALA A 171 0.83 -41.13 22.79
CA ALA A 171 0.33 -42.52 22.63
C ALA A 171 -0.46 -42.83 23.89
N ARG A 172 0.24 -42.77 25.03
CA ARG A 172 -0.34 -42.75 26.40
C ARG A 172 -1.78 -42.22 26.42
N GLU A 173 -1.92 -40.90 26.18
CA GLU A 173 -3.19 -40.19 26.24
C GLU A 173 -4.17 -40.61 25.13
N GLY A 174 -3.79 -41.58 24.29
CA GLY A 174 -4.79 -42.39 23.57
C GLY A 174 -4.84 -42.54 22.06
N ALA A 175 -3.74 -42.20 21.41
CA ALA A 175 -3.69 -42.14 19.98
C ALA A 175 -3.11 -43.37 19.29
N ASP A 176 -3.33 -43.40 17.99
CA ASP A 176 -3.27 -44.62 17.22
C ASP A 176 -2.17 -44.67 16.17
N VAL A 177 -2.09 -43.62 15.32
CA VAL A 177 -0.92 -43.37 14.44
C VAL A 177 -0.49 -42.08 14.97
N ILE A 178 0.80 -41.74 14.79
CA ILE A 178 1.32 -40.42 15.14
C ILE A 178 2.14 -39.94 14.01
N VAL A 179 1.90 -38.71 13.58
CA VAL A 179 2.65 -38.29 12.39
C VAL A 179 3.52 -37.18 12.79
N ASN A 180 4.81 -37.45 12.67
CA ASN A 180 5.88 -36.60 13.18
C ASN A 180 6.45 -35.61 12.20
N CYS A 181 6.09 -34.33 12.44
CA CYS A 181 6.25 -33.24 11.44
C CYS A 181 6.91 -32.11 12.03
N THR A 182 7.89 -32.39 12.86
CA THR A 182 8.20 -31.44 13.92
C THR A 182 9.31 -30.46 13.54
N GLY A 183 9.80 -30.56 12.29
CA GLY A 183 10.87 -29.72 11.74
C GLY A 183 12.23 -29.93 12.38
N VAL A 184 13.16 -28.95 12.23
CA VAL A 184 14.47 -28.95 12.89
C VAL A 184 14.39 -29.59 14.29
N TRP A 185 13.24 -29.51 14.94
CA TRP A 185 13.11 -29.82 16.33
C TRP A 185 12.86 -31.28 16.60
N ALA A 186 12.98 -32.11 15.60
CA ALA A 186 12.66 -33.52 15.76
C ALA A 186 13.47 -34.20 16.84
N GLY A 187 14.69 -33.70 17.05
CA GLY A 187 15.59 -34.20 18.13
C GLY A 187 15.05 -34.27 19.56
N ALA A 188 14.23 -33.33 19.96
CA ALA A 188 13.71 -33.36 21.30
C ALA A 188 12.65 -34.47 21.47
N LEU A 189 12.37 -35.27 20.47
CA LEU A 189 11.44 -36.32 20.83
C LEU A 189 11.94 -37.67 20.42
N GLN A 190 13.05 -37.64 19.68
CA GLN A 190 13.81 -38.85 19.40
C GLN A 190 15.15 -38.35 18.95
N ARG A 191 16.18 -38.38 19.81
CA ARG A 191 17.55 -38.28 19.31
C ARG A 191 17.65 -38.60 17.81
N ASP A 192 18.18 -37.65 17.00
CA ASP A 192 18.54 -37.87 15.55
C ASP A 192 19.60 -36.88 15.14
N PRO A 193 20.81 -37.36 14.84
CA PRO A 193 22.06 -36.59 14.86
C PRO A 193 22.51 -36.26 13.45
N LEU A 194 21.75 -36.86 12.54
CA LEU A 194 21.81 -36.54 11.10
C LEU A 194 21.07 -35.22 10.71
N LEU A 195 20.35 -34.62 11.69
CA LEU A 195 19.49 -33.50 11.47
C LEU A 195 20.05 -32.29 12.15
N GLN A 196 20.28 -31.21 11.43
CA GLN A 196 20.66 -29.92 12.11
C GLN A 196 20.20 -28.58 11.45
N PRO A 197 20.19 -27.48 12.28
CA PRO A 197 19.83 -26.12 11.87
C PRO A 197 20.55 -25.64 10.63
N GLY A 198 19.82 -25.31 9.56
CA GLY A 198 20.26 -24.37 8.53
C GLY A 198 19.78 -22.96 8.86
N ARG A 199 20.34 -22.37 9.91
CA ARG A 199 19.71 -21.16 10.41
C ARG A 199 19.77 -20.17 9.28
N GLY A 200 18.64 -19.71 8.76
CA GLY A 200 18.71 -18.70 7.71
C GLY A 200 18.14 -17.40 8.24
N GLN A 201 18.35 -16.30 7.53
CA GLN A 201 17.71 -15.05 7.94
C GLN A 201 17.43 -14.29 6.67
N ILE A 202 16.39 -13.48 6.68
CA ILE A 202 15.92 -12.75 5.54
C ILE A 202 15.38 -11.34 5.97
N MET A 203 15.32 -10.44 4.96
CA MET A 203 14.67 -9.11 4.91
C MET A 203 13.46 -9.08 3.95
N LYS A 204 12.40 -8.43 4.35
CA LYS A 204 11.24 -8.27 3.54
C LYS A 204 11.26 -6.74 3.31
N VAL A 205 10.95 -6.34 2.09
CA VAL A 205 11.19 -4.98 1.67
C VAL A 205 10.19 -4.52 0.60
N ASP A 206 10.03 -3.19 0.51
CA ASP A 206 9.16 -2.61 -0.51
C ASP A 206 9.89 -2.30 -1.83
N ALA A 207 9.85 -3.20 -2.82
CA ALA A 207 10.45 -2.93 -4.11
C ALA A 207 9.40 -3.36 -5.09
N PRO A 208 8.37 -2.56 -5.27
CA PRO A 208 7.25 -3.20 -6.02
C PRO A 208 7.60 -3.43 -7.48
N TRP A 209 8.75 -2.90 -7.92
CA TRP A 209 9.12 -2.98 -9.29
C TRP A 209 9.73 -4.29 -9.59
N MET A 210 9.97 -5.19 -8.65
CA MET A 210 10.77 -6.32 -9.12
C MET A 210 9.81 -7.38 -9.52
N LYS A 211 9.93 -7.89 -10.75
CA LYS A 211 9.07 -8.92 -11.24
C LYS A 211 9.77 -10.25 -11.54
N HIS A 212 11.03 -10.30 -11.14
CA HIS A 212 11.86 -11.49 -11.30
C HIS A 212 12.61 -11.93 -10.00
N PHE A 213 12.64 -13.21 -9.71
CA PHE A 213 13.62 -13.64 -8.76
C PHE A 213 14.98 -13.67 -9.37
N ILE A 214 15.98 -13.46 -8.52
CA ILE A 214 17.40 -13.47 -8.86
C ILE A 214 18.12 -14.25 -7.71
N LEU A 215 18.72 -15.40 -8.06
CA LEU A 215 19.42 -16.22 -7.07
C LEU A 215 20.93 -16.33 -7.37
N THR A 216 21.79 -15.78 -6.51
CA THR A 216 23.26 -15.83 -6.71
C THR A 216 23.94 -17.07 -6.11
N HIS A 217 24.64 -17.88 -6.94
CA HIS A 217 25.23 -19.18 -6.44
C HIS A 217 26.72 -19.24 -6.31
N ASP A 218 27.26 -19.77 -5.23
CA ASP A 218 28.72 -19.92 -5.22
C ASP A 218 29.34 -20.86 -4.17
N PRO A 219 29.79 -22.05 -4.61
CA PRO A 219 30.57 -23.09 -3.94
C PRO A 219 31.46 -22.60 -2.80
N GLU A 220 32.25 -21.54 -3.11
CA GLU A 220 33.01 -20.72 -2.08
C GLU A 220 32.16 -20.47 -0.82
N ARG A 221 31.00 -19.78 -0.95
CA ARG A 221 30.08 -19.47 0.18
C ARG A 221 28.96 -20.49 0.37
N GLY A 222 28.74 -21.40 -0.58
CA GLY A 222 27.81 -22.52 -0.38
C GLY A 222 26.33 -22.14 -0.40
N ILE A 223 25.49 -23.16 -0.56
CA ILE A 223 24.01 -23.08 -0.82
C ILE A 223 23.27 -22.15 0.11
N TYR A 224 22.20 -21.55 -0.43
CA TYR A 224 21.45 -20.52 0.28
C TYR A 224 22.39 -19.63 1.00
N ASN A 225 23.62 -19.55 0.55
CA ASN A 225 24.52 -18.81 1.39
C ASN A 225 25.10 -17.67 0.66
N SER A 226 24.42 -17.44 -0.45
CA SER A 226 24.65 -16.37 -1.30
C SER A 226 23.35 -15.53 -1.51
N PRO A 227 23.50 -14.19 -1.76
CA PRO A 227 22.48 -13.22 -2.19
C PRO A 227 21.29 -13.79 -3.04
N TYR A 228 20.07 -13.60 -2.58
CA TYR A 228 18.99 -13.90 -3.45
C TYR A 228 17.85 -12.94 -3.09
N ILE A 229 16.94 -12.84 -4.05
CA ILE A 229 16.03 -11.69 -4.07
C ILE A 229 14.81 -12.27 -4.69
N ILE A 230 13.74 -12.36 -3.91
CA ILE A 230 12.58 -13.03 -4.40
C ILE A 230 11.24 -12.27 -4.36
N PRO A 231 10.75 -11.76 -5.48
CA PRO A 231 9.48 -11.04 -5.33
C PRO A 231 8.38 -11.84 -4.65
N GLY A 232 7.86 -11.34 -3.55
CA GLY A 232 6.77 -12.01 -2.93
C GLY A 232 5.56 -11.18 -3.41
N THR A 233 4.36 -11.58 -2.94
CA THR A 233 3.08 -10.94 -3.27
C THR A 233 3.08 -9.47 -2.92
N GLN A 234 3.11 -9.13 -1.63
CA GLN A 234 3.12 -7.71 -1.08
C GLN A 234 4.54 -7.12 -0.94
N THR A 235 5.56 -7.97 -1.03
CA THR A 235 6.78 -7.55 -0.46
C THR A 235 7.93 -8.34 -1.07
N VAL A 236 9.18 -7.92 -0.85
CA VAL A 236 10.24 -8.66 -1.54
C VAL A 236 11.25 -9.21 -0.56
N THR A 237 11.46 -10.55 -0.71
CA THR A 237 12.26 -11.33 0.23
C THR A 237 13.73 -11.21 -0.08
N LEU A 238 14.49 -10.87 0.94
CA LEU A 238 15.87 -10.46 0.70
C LEU A 238 16.75 -11.29 1.56
N GLY A 239 17.59 -12.21 1.04
CA GLY A 239 18.44 -13.16 1.84
C GLY A 239 19.68 -13.84 1.19
N GLY A 240 20.25 -14.86 1.85
CA GLY A 240 21.46 -15.60 1.36
C GLY A 240 22.37 -15.89 2.57
N ILE A 241 21.67 -16.30 3.61
CA ILE A 241 22.26 -16.65 4.89
C ILE A 241 21.97 -18.16 5.28
N PHE A 242 23.04 -19.00 5.29
CA PHE A 242 22.96 -20.42 5.76
C PHE A 242 24.07 -20.70 6.71
N GLN A 243 23.78 -21.26 7.87
CA GLN A 243 24.83 -21.53 8.87
C GLN A 243 24.51 -22.77 9.75
N LEU A 244 25.22 -23.89 9.49
CA LEU A 244 25.21 -25.11 10.34
C LEU A 244 25.35 -24.98 11.84
N GLY A 245 24.35 -25.50 12.54
CA GLY A 245 24.40 -25.64 13.96
C GLY A 245 24.00 -24.34 14.61
N ASN A 246 23.95 -23.25 13.89
CA ASN A 246 23.54 -22.05 14.67
C ASN A 246 22.14 -22.15 15.27
N TRP A 247 21.96 -22.21 16.61
CA TRP A 247 20.52 -22.23 17.13
C TRP A 247 19.81 -20.93 17.54
N SER A 248 20.44 -19.78 17.24
CA SER A 248 19.93 -18.42 17.59
C SER A 248 18.82 -17.90 16.64
N GLU A 249 17.58 -18.15 17.04
CA GLU A 249 16.37 -17.46 16.52
C GLU A 249 16.33 -15.98 16.86
N LEU A 250 17.35 -15.24 16.49
CA LEU A 250 17.30 -13.82 16.69
C LEU A 250 18.13 -13.22 15.62
N ASN A 251 17.49 -12.17 15.04
CA ASN A 251 18.02 -11.36 13.89
C ASN A 251 19.32 -10.72 14.22
N ASN A 252 20.21 -10.81 13.28
CA ASN A 252 21.58 -10.52 13.49
C ASN A 252 22.09 -9.32 12.67
N ILE A 253 22.41 -8.24 13.36
CA ILE A 253 23.11 -7.12 12.71
C ILE A 253 24.26 -7.37 11.63
N GLN A 254 25.09 -8.42 11.72
CA GLN A 254 26.06 -8.61 10.65
C GLN A 254 25.31 -9.13 9.48
N ASP A 255 24.42 -10.07 9.80
CA ASP A 255 23.68 -10.80 8.80
C ASP A 255 22.80 -9.76 8.12
N HIS A 256 22.13 -8.98 8.95
CA HIS A 256 21.43 -7.84 8.42
C HIS A 256 22.23 -7.12 7.34
N ASN A 257 23.47 -6.75 7.68
CA ASN A 257 24.38 -6.13 6.75
C ASN A 257 24.85 -7.03 5.67
N THR A 258 25.04 -8.29 5.96
CA THR A 258 25.39 -9.17 4.88
C THR A 258 24.30 -9.23 3.74
N ILE A 259 23.01 -9.24 4.12
CA ILE A 259 21.93 -9.45 3.17
C ILE A 259 21.87 -8.19 2.32
N TRP A 260 21.89 -7.08 3.01
CA TRP A 260 21.62 -5.86 2.31
C TRP A 260 22.73 -5.58 1.31
N GLU A 261 23.97 -5.93 1.65
CA GLU A 261 25.06 -5.69 0.70
C GLU A 261 24.96 -6.59 -0.48
N GLY A 262 24.63 -7.82 -0.25
CA GLY A 262 24.71 -8.79 -1.33
C GLY A 262 23.61 -8.45 -2.34
N CYS A 263 22.47 -8.04 -1.76
CA CYS A 263 21.32 -7.72 -2.56
C CYS A 263 21.51 -6.39 -3.27
N CYS A 264 22.11 -5.40 -2.60
CA CYS A 264 22.33 -4.10 -3.26
C CYS A 264 23.35 -4.21 -4.35
N ARG A 265 24.51 -4.83 -4.07
CA ARG A 265 25.52 -5.11 -5.11
C ARG A 265 24.81 -5.69 -6.25
N LEU A 266 23.74 -6.47 -6.06
CA LEU A 266 23.17 -7.27 -7.15
C LEU A 266 22.10 -6.48 -7.86
N GLU A 267 21.41 -5.64 -7.13
CA GLU A 267 20.28 -4.90 -7.67
C GLU A 267 20.24 -3.51 -7.07
N PRO A 268 21.18 -2.72 -7.51
CA PRO A 268 21.39 -1.43 -6.87
C PRO A 268 20.09 -0.59 -6.73
N THR A 269 19.06 -0.86 -7.55
CA THR A 269 17.81 -0.08 -7.43
C THR A 269 17.12 -0.36 -6.06
N LEU A 270 17.65 -1.40 -5.41
CA LEU A 270 17.14 -1.85 -4.15
C LEU A 270 17.66 -0.88 -3.11
N LYS A 271 18.35 0.15 -3.52
CA LYS A 271 18.72 1.10 -2.53
C LYS A 271 17.46 1.85 -2.00
N ASN A 272 16.39 1.76 -2.75
CA ASN A 272 15.33 2.49 -2.25
C ASN A 272 14.39 1.71 -1.43
N ALA A 273 14.46 0.39 -1.54
CA ALA A 273 13.53 -0.40 -0.76
C ALA A 273 13.36 0.19 0.62
N ARG A 274 12.19 0.03 1.19
CA ARG A 274 11.92 0.37 2.57
C ARG A 274 12.06 -0.97 3.18
N ILE A 275 12.95 -1.06 4.17
CA ILE A 275 12.86 -2.24 4.98
C ILE A 275 11.54 -2.28 5.71
N ILE A 276 10.88 -3.42 5.74
CA ILE A 276 9.61 -3.46 6.43
C ILE A 276 9.83 -4.32 7.61
N GLY A 277 10.67 -5.35 7.46
CA GLY A 277 11.00 -6.22 8.58
C GLY A 277 11.89 -7.38 8.20
N GLU A 278 12.23 -8.22 9.16
CA GLU A 278 13.33 -9.08 8.99
C GLU A 278 13.16 -10.23 9.98
N ARG A 279 13.81 -11.39 9.74
CA ARG A 279 13.33 -12.65 10.38
C ARG A 279 14.31 -13.71 10.18
N THR A 280 14.30 -14.72 11.03
CA THR A 280 15.23 -15.82 10.99
C THR A 280 14.47 -17.15 11.18
N GLY A 281 14.92 -18.22 10.55
CA GLY A 281 14.44 -19.53 10.83
C GLY A 281 15.45 -20.61 10.54
N PHE A 282 15.05 -21.83 10.91
CA PHE A 282 16.00 -22.94 10.93
C PHE A 282 15.79 -24.01 9.83
N ARG A 283 16.59 -24.07 8.79
CA ARG A 283 16.30 -25.04 7.77
C ARG A 283 16.41 -26.35 8.46
N PRO A 284 15.41 -27.25 8.28
CA PRO A 284 15.67 -28.54 8.85
C PRO A 284 16.64 -29.33 7.96
N VAL A 285 17.96 -29.24 8.23
CA VAL A 285 18.98 -29.89 7.37
C VAL A 285 19.21 -31.36 7.79
N ARG A 286 19.61 -32.23 6.84
CA ARG A 286 19.75 -33.72 7.01
C ARG A 286 20.11 -34.49 5.67
N PRO A 287 21.08 -35.47 5.65
CA PRO A 287 21.48 -36.08 4.36
C PRO A 287 20.26 -36.37 3.49
N GLN A 288 19.23 -37.01 4.07
CA GLN A 288 17.97 -37.25 3.33
C GLN A 288 16.78 -37.09 4.23
N ILE A 289 15.58 -37.07 3.68
CA ILE A 289 14.46 -36.54 4.48
C ILE A 289 14.03 -37.73 5.25
N ARG A 290 13.53 -37.66 6.49
CA ARG A 290 12.91 -38.92 7.02
C ARG A 290 11.40 -39.09 6.85
N LEU A 291 11.04 -39.70 5.73
CA LEU A 291 9.71 -40.11 5.49
C LEU A 291 9.58 -41.65 5.51
N GLU A 292 9.41 -42.15 6.73
CA GLU A 292 9.32 -43.60 6.96
C GLU A 292 8.44 -43.95 8.18
N ARG A 293 8.12 -45.23 8.33
CA ARG A 293 7.40 -45.72 9.50
C ARG A 293 8.29 -46.12 10.70
N GLU A 294 7.69 -46.18 11.88
CA GLU A 294 8.25 -46.91 13.02
C GLU A 294 7.22 -47.43 14.08
N GLN A 295 7.42 -48.60 14.66
CA GLN A 295 6.40 -49.06 15.64
C GLN A 295 6.91 -48.73 16.98
N LEU A 296 6.39 -47.68 17.56
CA LEU A 296 6.89 -47.31 18.85
C LEU A 296 6.33 -48.29 19.85
N ARG A 297 7.26 -49.03 20.44
CA ARG A 297 6.90 -50.12 21.32
C ARG A 297 6.44 -49.59 22.69
N THR A 298 5.55 -48.61 22.66
CA THR A 298 4.74 -48.17 23.79
C THR A 298 4.14 -49.34 24.56
N GLY A 299 3.71 -49.05 25.79
CA GLY A 299 2.83 -49.89 26.65
C GLY A 299 2.27 -51.23 26.21
N PRO A 300 0.91 -51.45 26.34
CA PRO A 300 0.28 -52.69 25.87
C PRO A 300 0.55 -52.94 24.35
N SER A 301 -0.08 -52.20 23.41
CA SER A 301 0.18 -52.47 21.96
C SER A 301 1.35 -51.66 21.41
N ASN A 302 1.57 -51.64 20.09
CA ASN A 302 2.24 -50.43 19.61
C ASN A 302 1.40 -49.36 18.97
N THR A 303 1.91 -48.14 18.96
CA THR A 303 1.26 -47.12 18.17
C THR A 303 2.15 -46.84 16.95
N GLU A 304 1.55 -46.61 15.79
CA GLU A 304 2.43 -46.35 14.69
C GLU A 304 2.74 -44.86 14.44
N VAL A 305 3.91 -44.61 13.89
CA VAL A 305 4.38 -43.26 13.81
C VAL A 305 4.96 -43.06 12.42
N ILE A 306 4.42 -42.04 11.74
CA ILE A 306 5.02 -41.67 10.47
C ILE A 306 5.98 -40.52 10.75
N HIS A 307 7.18 -40.73 10.20
CA HIS A 307 8.17 -39.71 10.23
C HIS A 307 8.15 -39.00 8.96
N ASN A 308 7.93 -37.69 9.11
CA ASN A 308 7.99 -36.76 8.02
C ASN A 308 8.66 -35.43 8.42
N TYR A 309 9.98 -35.40 8.38
CA TYR A 309 10.67 -34.19 8.67
C TYR A 309 12.02 -34.25 8.09
N GLY A 310 12.66 -33.10 8.21
CA GLY A 310 14.06 -32.85 7.87
C GLY A 310 14.21 -32.56 6.43
N HIS A 311 13.57 -31.48 5.98
CA HIS A 311 13.22 -31.37 4.54
C HIS A 311 14.14 -30.28 3.98
N GLY A 312 14.79 -29.55 4.86
CA GLY A 312 15.92 -28.77 4.40
C GLY A 312 15.66 -27.35 4.09
N GLY A 313 16.19 -26.93 2.97
CA GLY A 313 15.92 -25.60 2.59
C GLY A 313 14.77 -25.77 1.64
N TYR A 314 14.02 -26.87 1.59
CA TYR A 314 13.12 -27.05 0.39
C TYR A 314 11.76 -27.72 0.56
N GLY A 315 11.04 -27.23 1.55
CA GLY A 315 9.94 -27.99 2.12
C GLY A 315 8.86 -27.70 1.17
N LEU A 316 8.66 -26.40 0.95
CA LEU A 316 7.64 -25.97 0.06
C LEU A 316 7.94 -26.68 -1.26
N THR A 317 9.21 -26.91 -1.56
CA THR A 317 9.37 -27.36 -2.88
C THR A 317 8.87 -28.75 -3.08
N ILE A 318 8.68 -29.43 -1.98
CA ILE A 318 8.51 -30.85 -2.01
C ILE A 318 7.27 -31.31 -1.21
N HIS A 319 6.69 -30.41 -0.48
CA HIS A 319 5.83 -30.87 0.59
C HIS A 319 4.73 -31.76 0.15
N TRP A 320 4.14 -31.45 -0.99
CA TRP A 320 3.08 -32.31 -1.51
C TRP A 320 3.52 -33.78 -1.71
N GLY A 321 4.50 -34.03 -2.56
CA GLY A 321 4.86 -35.44 -2.80
C GLY A 321 5.04 -36.24 -1.50
N CYS A 322 5.80 -35.65 -0.60
CA CYS A 322 5.83 -35.98 0.82
C CYS A 322 4.46 -36.27 1.50
N ALA A 323 3.47 -35.43 1.28
CA ALA A 323 2.29 -35.66 1.99
C ALA A 323 1.66 -36.95 1.38
N LEU A 324 1.65 -37.07 0.05
CA LEU A 324 1.05 -38.28 -0.56
C LEU A 324 1.72 -39.57 -0.05
N GLU A 325 3.02 -39.62 -0.26
CA GLU A 325 3.86 -40.66 0.28
C GLU A 325 3.55 -40.94 1.78
N ALA A 326 3.66 -39.92 2.63
CA ALA A 326 3.21 -40.04 3.99
C ALA A 326 1.80 -40.59 4.12
N ALA A 327 0.91 -40.43 3.16
CA ALA A 327 -0.44 -41.01 3.41
C ALA A 327 -0.57 -42.45 2.90
N LYS A 328 0.21 -42.74 1.85
CA LYS A 328 0.36 -44.06 1.30
C LYS A 328 0.90 -44.99 2.37
N LEU A 329 1.71 -44.46 3.27
CA LEU A 329 2.17 -45.19 4.45
C LEU A 329 1.01 -45.30 5.40
N PHE A 330 0.24 -44.23 5.51
CA PHE A 330 -0.84 -44.25 6.46
C PHE A 330 -1.80 -45.32 6.12
N GLY A 331 -2.08 -45.38 4.83
CA GLY A 331 -2.96 -46.34 4.28
C GLY A 331 -2.43 -47.74 4.30
N ARG A 332 -1.10 -47.89 4.15
CA ARG A 332 -0.47 -49.21 4.36
C ARG A 332 -0.73 -49.68 5.84
N ILE A 333 -0.52 -48.82 6.82
CA ILE A 333 -1.09 -49.20 8.08
C ILE A 333 -2.48 -49.88 7.94
N LEU A 334 -3.53 -49.13 7.70
CA LEU A 334 -4.86 -49.71 7.90
C LEU A 334 -5.09 -51.17 7.46
N GLU A 335 -4.47 -51.56 6.36
CA GLU A 335 -4.74 -52.90 5.86
C GLU A 335 -4.17 -53.98 6.82
N GLU A 336 -2.84 -54.02 6.96
CA GLU A 336 -2.22 -54.81 8.03
C GLU A 336 -2.95 -54.66 9.42
N LYS A 337 -3.61 -53.50 9.71
CA LYS A 337 -4.53 -53.37 10.91
C LYS A 337 -5.99 -53.85 10.63
N LYS A 338 -6.22 -54.33 9.40
CA LYS A 338 -7.54 -54.75 8.94
C LYS A 338 -8.70 -53.74 9.27
N LEU A 339 -8.50 -52.48 8.83
CA LEU A 339 -9.58 -51.47 8.66
C LEU A 339 -9.67 -50.89 7.17
N SER A 340 -9.55 -51.79 6.17
CA SER A 340 -9.93 -51.52 4.74
C SER A 340 -10.51 -52.77 4.04
N MET B 1 19.37 32.41 -30.08
CA MET B 1 18.68 31.20 -30.64
C MET B 1 17.57 30.72 -29.72
N ARG B 2 16.31 31.04 -30.02
CA ARG B 2 15.23 30.84 -29.04
C ARG B 2 14.37 29.62 -29.54
N VAL B 3 13.91 28.72 -28.64
CA VAL B 3 13.23 27.50 -29.19
C VAL B 3 11.98 27.14 -28.44
N VAL B 4 10.87 26.98 -29.18
CA VAL B 4 9.55 26.63 -28.55
C VAL B 4 9.24 25.20 -28.92
N VAL B 5 8.95 24.42 -27.91
CA VAL B 5 8.65 23.03 -28.12
C VAL B 5 7.18 22.86 -27.69
N ILE B 6 6.29 22.47 -28.59
CA ILE B 6 4.83 22.36 -28.16
C ILE B 6 4.49 20.94 -27.78
N GLY B 7 4.12 20.78 -26.51
CA GLY B 7 3.62 19.46 -26.02
C GLY B 7 4.48 18.95 -24.87
N ALA B 8 3.84 18.76 -23.69
CA ALA B 8 4.57 18.42 -22.48
C ALA B 8 4.50 16.86 -22.34
N GLY B 9 4.40 16.19 -23.48
CA GLY B 9 4.11 14.78 -23.51
C GLY B 9 5.41 14.10 -23.75
N VAL B 10 5.33 12.75 -23.91
CA VAL B 10 6.60 12.01 -24.05
C VAL B 10 7.42 12.56 -25.14
N ILE B 11 6.89 12.61 -26.35
CA ILE B 11 7.65 13.24 -27.44
C ILE B 11 8.28 14.70 -27.23
N GLY B 12 7.44 15.74 -27.06
CA GLY B 12 7.86 17.00 -26.52
C GLY B 12 8.98 16.86 -25.51
N LEU B 13 8.78 16.15 -24.38
CA LEU B 13 9.84 16.28 -23.39
C LEU B 13 11.12 15.55 -23.77
N SER B 14 10.97 14.42 -24.42
CA SER B 14 12.13 13.69 -24.86
C SER B 14 12.93 14.49 -25.86
N THR B 15 12.26 15.07 -26.82
CA THR B 15 12.95 15.89 -27.81
C THR B 15 13.47 17.19 -27.19
N ALA B 16 12.70 17.80 -26.29
CA ALA B 16 13.23 18.93 -25.55
C ALA B 16 14.59 18.56 -25.02
N LEU B 17 14.63 17.63 -24.08
CA LEU B 17 15.90 17.18 -23.49
C LEU B 17 16.88 16.68 -24.48
N CYS B 18 16.39 16.11 -25.54
CA CYS B 18 17.41 15.55 -26.31
C CYS B 18 18.11 16.70 -27.06
N ILE B 19 17.36 17.67 -27.54
CA ILE B 19 18.01 18.75 -28.20
C ILE B 19 18.83 19.47 -27.15
N HIS B 20 18.31 19.66 -25.93
CA HIS B 20 19.13 20.54 -25.06
C HIS B 20 20.48 19.86 -24.74
N GLU B 21 20.39 18.58 -24.32
CA GLU B 21 21.58 17.90 -23.88
C GLU B 21 22.64 18.10 -25.00
N ARG B 22 22.15 18.20 -26.24
CA ARG B 22 23.03 18.06 -27.40
C ARG B 22 23.78 19.35 -27.88
N TYR B 23 23.29 20.49 -27.41
CA TYR B 23 23.59 21.69 -28.07
C TYR B 23 23.66 22.84 -27.13
N HIS B 24 23.89 22.64 -25.83
CA HIS B 24 24.06 23.90 -25.02
C HIS B 24 25.50 24.41 -25.07
N SER B 25 26.45 23.46 -25.14
CA SER B 25 27.91 23.66 -25.42
C SER B 25 28.10 24.53 -26.69
N VAL B 26 27.60 24.01 -27.84
CA VAL B 26 27.85 24.54 -29.21
C VAL B 26 26.72 25.53 -29.64
N LEU B 27 26.46 26.54 -28.85
CA LEU B 27 25.40 27.45 -29.21
C LEU B 27 25.28 28.51 -28.15
N GLN B 28 25.51 29.79 -28.45
CA GLN B 28 25.29 30.64 -27.30
C GLN B 28 23.86 30.71 -26.79
N PRO B 29 23.13 31.86 -26.85
CA PRO B 29 21.88 31.89 -25.99
C PRO B 29 20.78 30.97 -26.55
N LEU B 30 20.89 29.66 -26.22
CA LEU B 30 19.84 28.62 -26.36
C LEU B 30 18.70 28.85 -25.39
N ASP B 31 17.58 29.34 -25.88
CA ASP B 31 16.49 29.43 -24.98
C ASP B 31 15.60 28.35 -25.38
N ILE B 32 15.22 27.50 -24.44
CA ILE B 32 14.14 26.61 -24.75
C ILE B 32 12.88 26.76 -23.92
N LYS B 33 11.73 26.67 -24.57
CA LYS B 33 10.48 26.71 -23.79
C LYS B 33 9.48 25.70 -24.32
N VAL B 34 8.72 25.11 -23.39
CA VAL B 34 7.72 24.15 -23.76
C VAL B 34 6.53 24.95 -23.60
N TYR B 35 5.69 24.91 -24.62
CA TYR B 35 4.34 25.42 -24.48
C TYR B 35 3.41 24.24 -24.60
N ALA B 36 2.51 24.15 -23.61
CA ALA B 36 1.59 23.03 -23.55
C ALA B 36 0.28 23.38 -22.92
N ASP B 37 -0.71 22.81 -23.56
CA ASP B 37 -2.12 22.91 -23.21
C ASP B 37 -2.40 21.95 -22.04
N ARG B 38 -1.76 20.78 -22.04
CA ARG B 38 -1.94 19.79 -21.00
C ARG B 38 -0.64 19.24 -20.51
N PHE B 39 -0.50 19.21 -19.18
CA PHE B 39 0.74 18.84 -18.57
C PHE B 39 0.71 17.54 -17.87
N THR B 40 1.90 17.07 -17.48
CA THR B 40 2.13 15.70 -17.00
C THR B 40 1.19 14.97 -16.17
N PRO B 41 0.20 15.62 -15.55
CA PRO B 41 -0.65 14.63 -14.86
C PRO B 41 -1.77 14.14 -15.75
N LEU B 42 -1.91 14.76 -16.94
CA LEU B 42 -3.10 14.70 -17.73
C LEU B 42 -2.89 14.53 -19.22
N THR B 43 -1.87 13.85 -19.62
CA THR B 43 -1.71 13.70 -21.06
C THR B 43 -2.08 12.25 -21.47
N THR B 44 -2.10 12.02 -22.79
CA THR B 44 -2.30 10.69 -23.19
C THR B 44 -1.12 9.86 -22.68
N THR B 45 0.05 10.47 -22.55
CA THR B 45 1.24 9.68 -22.33
C THR B 45 1.08 9.06 -21.00
N ASP B 46 0.55 9.88 -20.08
CA ASP B 46 0.05 9.51 -18.68
C ASP B 46 -0.83 8.27 -18.53
N VAL B 47 -1.59 7.93 -19.59
CA VAL B 47 -2.42 6.75 -19.70
C VAL B 47 -1.69 5.44 -20.13
N ALA B 48 -0.53 5.50 -20.77
CA ALA B 48 0.02 4.27 -21.24
C ALA B 48 0.64 3.34 -20.15
N ALA B 49 0.28 2.05 -20.15
CA ALA B 49 1.17 1.04 -19.53
C ALA B 49 2.68 1.28 -19.71
N GLY B 50 3.16 1.49 -20.92
CA GLY B 50 4.49 1.91 -20.97
C GLY B 50 5.34 0.69 -21.21
N LEU B 51 4.71 -0.39 -21.67
CA LEU B 51 5.60 -1.46 -22.06
C LEU B 51 6.07 -1.20 -23.42
N TRP B 52 7.33 -1.52 -23.65
CA TRP B 52 7.99 -1.53 -24.95
C TRP B 52 7.71 -2.77 -25.76
N GLN B 53 7.22 -2.55 -26.97
CA GLN B 53 6.84 -3.64 -27.94
C GLN B 53 6.21 -3.13 -29.24
N PRO B 54 7.02 -2.96 -30.28
CA PRO B 54 6.65 -2.43 -31.64
C PRO B 54 5.61 -3.31 -32.29
N TYR B 55 4.84 -2.87 -33.32
CA TYR B 55 3.84 -3.87 -33.91
C TYR B 55 4.58 -5.15 -34.43
N LEU B 56 3.86 -6.16 -34.89
CA LEU B 56 4.44 -7.49 -34.95
C LEU B 56 5.00 -7.85 -36.35
N SER B 57 4.60 -7.07 -37.35
CA SER B 57 5.42 -6.97 -38.56
C SER B 57 5.99 -5.52 -38.62
N ASP B 58 6.76 -5.25 -39.69
CA ASP B 58 7.74 -4.12 -39.81
C ASP B 58 7.26 -2.87 -40.57
N PRO B 59 7.88 -1.68 -40.32
CA PRO B 59 7.06 -0.40 -40.28
C PRO B 59 6.64 0.01 -41.71
N ASN B 60 5.85 1.09 -41.90
CA ASN B 60 5.69 1.57 -43.33
C ASN B 60 7.08 2.09 -43.66
N ASN B 61 7.69 2.54 -42.58
CA ASN B 61 8.88 3.30 -42.68
C ASN B 61 10.01 2.60 -41.87
N PRO B 62 10.76 1.70 -42.55
CA PRO B 62 11.70 0.75 -41.97
C PRO B 62 12.72 1.38 -41.02
N GLN B 63 12.81 2.71 -41.00
CA GLN B 63 13.68 3.33 -39.99
C GLN B 63 13.06 3.24 -38.58
N GLU B 64 11.77 3.51 -38.40
CA GLU B 64 11.22 3.27 -37.07
C GLU B 64 11.89 2.05 -36.34
N ALA B 65 11.89 0.90 -37.04
CA ALA B 65 12.66 -0.29 -36.62
C ALA B 65 13.92 0.07 -35.91
N ASP B 66 14.68 0.97 -36.47
CA ASP B 66 15.89 1.48 -35.81
C ASP B 66 15.62 2.39 -34.60
N TRP B 67 14.61 3.29 -34.69
CA TRP B 67 14.24 4.17 -33.55
C TRP B 67 13.80 3.37 -32.33
N SER B 68 12.89 2.39 -32.55
CA SER B 68 12.52 1.49 -31.45
C SER B 68 13.74 0.83 -30.82
N GLN B 69 14.75 0.62 -31.67
CA GLN B 69 15.85 -0.24 -31.28
C GLN B 69 16.53 0.45 -30.24
N GLN B 70 16.67 1.74 -30.43
CA GLN B 70 17.70 2.32 -29.68
C GLN B 70 17.10 2.82 -28.44
N THR B 71 15.79 3.08 -28.54
CA THR B 71 14.97 3.46 -27.36
C THR B 71 15.34 2.27 -26.45
N PHE B 72 15.17 1.06 -26.97
CA PHE B 72 15.47 -0.10 -26.18
C PHE B 72 16.84 -0.20 -25.52
N ASP B 73 17.86 0.00 -26.36
CA ASP B 73 19.21 -0.13 -25.81
C ASP B 73 19.36 0.95 -24.76
N TYR B 74 18.87 2.15 -25.05
CA TYR B 74 19.16 3.22 -24.12
C TYR B 74 18.57 2.91 -22.70
N LEU B 75 17.33 2.43 -22.68
CA LEU B 75 16.61 2.25 -21.42
C LEU B 75 17.26 1.17 -20.58
N LEU B 76 18.00 0.31 -21.25
CA LEU B 76 18.32 -0.95 -20.67
C LEU B 76 19.63 -0.74 -20.18
N SER B 77 20.33 0.12 -20.86
CA SER B 77 21.62 0.54 -20.38
C SER B 77 21.53 1.57 -19.22
N HIS B 78 20.41 1.56 -18.49
CA HIS B 78 20.07 2.54 -17.46
C HIS B 78 19.23 1.74 -16.43
N VAL B 79 19.33 0.43 -16.52
CA VAL B 79 18.37 -0.35 -15.84
C VAL B 79 18.85 -0.68 -14.53
N HIS B 80 20.15 -0.60 -14.30
CA HIS B 80 20.57 -0.50 -12.93
C HIS B 80 21.28 0.81 -12.67
N SER B 81 20.73 1.55 -11.70
CA SER B 81 21.42 2.60 -10.98
C SER B 81 20.45 3.20 -9.93
N PRO B 82 20.78 4.39 -9.31
CA PRO B 82 19.76 5.01 -8.44
C PRO B 82 18.58 5.53 -9.27
N ASN B 83 18.81 6.28 -10.37
CA ASN B 83 17.73 6.69 -11.35
C ASN B 83 16.52 5.64 -11.64
N ALA B 84 16.84 4.36 -11.95
CA ALA B 84 15.85 3.44 -12.60
C ALA B 84 14.41 3.65 -12.17
N GLU B 85 14.06 3.40 -10.92
CA GLU B 85 12.66 3.59 -10.55
C GLU B 85 12.12 5.11 -10.44
N ASN B 86 13.02 6.10 -10.36
CA ASN B 86 12.60 7.49 -10.49
C ASN B 86 11.82 7.65 -11.72
N LEU B 87 12.60 7.59 -12.80
CA LEU B 87 12.15 7.20 -14.14
C LEU B 87 10.92 6.23 -14.20
N GLY B 88 10.81 5.32 -13.22
CA GLY B 88 9.87 4.17 -13.34
C GLY B 88 10.14 3.21 -14.50
N LEU B 89 11.36 2.66 -14.56
CA LEU B 89 11.86 1.86 -15.61
C LEU B 89 12.22 0.66 -14.91
N PHE B 90 11.99 -0.51 -15.46
CA PHE B 90 12.38 -1.77 -14.75
C PHE B 90 12.10 -2.80 -15.83
N LEU B 91 12.61 -4.01 -15.60
CA LEU B 91 12.46 -5.19 -16.55
C LEU B 91 11.23 -6.04 -16.31
N ILE B 92 10.63 -6.61 -17.35
CA ILE B 92 9.50 -7.49 -17.13
C ILE B 92 9.26 -8.55 -18.18
N SER B 93 9.30 -9.83 -17.84
CA SER B 93 8.93 -10.86 -18.85
C SER B 93 7.48 -11.12 -18.91
N GLY B 94 7.03 -11.77 -19.97
CA GLY B 94 5.60 -12.16 -20.09
C GLY B 94 5.27 -12.77 -21.45
N TYR B 95 3.98 -12.76 -21.82
CA TYR B 95 3.36 -13.65 -22.85
C TYR B 95 2.80 -12.88 -23.97
N ASN B 96 2.70 -13.57 -25.11
CA ASN B 96 2.02 -13.17 -26.36
C ASN B 96 1.04 -14.32 -26.84
N LEU B 97 -0.24 -14.05 -26.81
CA LEU B 97 -1.15 -15.08 -27.19
C LEU B 97 -1.76 -14.86 -28.62
N PHE B 98 -1.69 -15.95 -29.39
CA PHE B 98 -2.24 -16.03 -30.70
C PHE B 98 -2.95 -17.29 -30.78
N HIS B 99 -4.13 -17.22 -31.39
CA HIS B 99 -4.81 -18.39 -31.96
C HIS B 99 -3.90 -19.19 -32.91
N GLU B 100 -3.70 -18.65 -34.07
CA GLU B 100 -3.08 -19.44 -35.04
C GLU B 100 -1.60 -19.29 -34.90
N ALA B 101 -0.88 -19.89 -35.81
CA ALA B 101 0.57 -19.58 -35.89
C ALA B 101 0.79 -18.22 -36.57
N ILE B 102 2.07 -17.77 -36.53
CA ILE B 102 2.45 -16.40 -36.94
C ILE B 102 3.99 -16.19 -37.00
N PRO B 103 4.48 -15.54 -38.05
CA PRO B 103 5.96 -15.30 -38.12
C PRO B 103 6.53 -14.51 -36.95
N ASP B 104 7.81 -14.76 -36.61
CA ASP B 104 8.52 -13.99 -35.61
C ASP B 104 8.42 -12.48 -35.83
N PRO B 105 8.71 -11.67 -34.76
CA PRO B 105 8.53 -10.24 -35.00
C PRO B 105 9.92 -9.77 -35.47
N SER B 106 9.99 -8.82 -36.38
CA SER B 106 11.27 -8.19 -36.71
C SER B 106 12.20 -8.13 -35.48
N TRP B 107 11.67 -7.46 -34.46
CA TRP B 107 12.41 -7.15 -33.23
C TRP B 107 12.93 -8.31 -32.38
N LYS B 108 12.27 -9.46 -32.44
CA LYS B 108 12.79 -10.66 -31.86
C LYS B 108 14.14 -10.60 -31.15
N ASP B 109 15.10 -9.79 -31.61
CA ASP B 109 16.50 -9.93 -31.16
C ASP B 109 17.08 -8.80 -30.37
N THR B 110 16.20 -7.82 -30.17
CA THR B 110 16.47 -6.66 -29.31
C THR B 110 16.11 -7.06 -27.90
N VAL B 111 14.96 -7.70 -27.75
CA VAL B 111 14.54 -8.17 -26.46
C VAL B 111 15.49 -9.35 -26.09
N LEU B 112 15.33 -9.79 -24.85
CA LEU B 112 16.09 -10.82 -24.20
C LEU B 112 15.19 -11.97 -24.16
N GLY B 113 15.78 -13.12 -24.28
CA GLY B 113 15.06 -14.38 -24.18
C GLY B 113 13.82 -14.57 -24.97
N PHE B 114 13.70 -13.93 -26.12
CA PHE B 114 12.59 -14.24 -27.02
C PHE B 114 12.48 -15.70 -27.41
N ARG B 115 11.32 -16.31 -27.28
CA ARG B 115 11.18 -17.73 -27.66
C ARG B 115 9.74 -18.11 -27.87
N LYS B 116 9.41 -19.36 -28.11
CA LYS B 116 7.99 -19.56 -28.48
C LYS B 116 7.29 -20.32 -27.37
N LEU B 117 6.00 -20.11 -27.16
CA LEU B 117 5.43 -20.73 -25.96
C LEU B 117 5.38 -22.19 -26.17
N THR B 118 6.11 -22.94 -25.35
CA THR B 118 6.17 -24.39 -25.40
C THR B 118 4.84 -24.93 -24.96
N PRO B 119 4.62 -26.25 -25.11
CA PRO B 119 3.23 -26.68 -24.94
C PRO B 119 2.78 -26.79 -23.49
N ARG B 120 3.65 -27.17 -22.52
CA ARG B 120 3.17 -27.07 -21.09
C ARG B 120 2.49 -25.67 -20.97
N GLU B 121 3.14 -24.63 -21.49
CA GLU B 121 2.77 -23.20 -21.36
C GLU B 121 1.38 -22.95 -21.92
N LEU B 122 1.14 -23.45 -23.12
CA LEU B 122 -0.10 -23.07 -23.80
C LEU B 122 -1.40 -23.70 -23.27
N ASP B 123 -1.26 -24.49 -22.19
CA ASP B 123 -2.38 -25.28 -21.72
C ASP B 123 -3.02 -24.33 -20.82
N MET B 124 -2.12 -23.68 -20.05
CA MET B 124 -2.47 -22.51 -19.27
C MET B 124 -3.45 -21.64 -20.04
N PHE B 125 -3.34 -21.60 -21.36
CA PHE B 125 -4.23 -20.84 -22.20
C PHE B 125 -5.09 -21.67 -23.18
N PRO B 126 -6.33 -21.89 -22.71
CA PRO B 126 -7.24 -22.76 -23.37
C PRO B 126 -7.77 -21.97 -24.53
N ASP B 127 -8.09 -20.68 -24.31
CA ASP B 127 -8.55 -19.82 -25.44
C ASP B 127 -7.56 -19.51 -26.55
N TYR B 128 -6.30 -19.97 -26.38
CA TYR B 128 -5.17 -19.73 -27.32
C TYR B 128 -4.43 -21.00 -27.68
N GLY B 129 -3.92 -20.96 -28.92
CA GLY B 129 -3.22 -22.05 -29.60
C GLY B 129 -1.74 -21.71 -29.82
N TYR B 130 -1.31 -20.52 -29.41
CA TYR B 130 0.09 -20.31 -29.68
C TYR B 130 0.49 -19.00 -29.15
N GLY B 131 1.80 -18.84 -28.79
CA GLY B 131 2.40 -17.51 -28.43
C GLY B 131 3.91 -17.25 -28.57
N TRP B 132 4.44 -16.10 -28.07
CA TRP B 132 5.87 -16.04 -27.74
C TRP B 132 5.97 -15.85 -26.26
N PHE B 133 7.20 -15.95 -25.73
CA PHE B 133 7.59 -15.53 -24.40
C PHE B 133 8.85 -14.72 -24.54
N HIS B 134 9.00 -13.65 -23.76
CA HIS B 134 10.27 -12.93 -23.79
C HIS B 134 10.32 -11.98 -22.59
N THR B 135 11.50 -11.47 -22.25
CA THR B 135 11.68 -10.37 -21.29
C THR B 135 11.81 -8.96 -21.93
N SER B 136 10.88 -8.04 -21.66
CA SER B 136 10.97 -6.65 -22.20
C SER B 136 11.14 -5.58 -21.07
N LEU B 137 10.74 -4.30 -21.32
CA LEU B 137 10.93 -3.08 -20.46
C LEU B 137 9.62 -2.38 -20.18
N ILE B 138 9.37 -1.95 -18.95
CA ILE B 138 8.42 -0.92 -18.86
C ILE B 138 9.12 0.36 -18.55
N LEU B 139 8.68 1.35 -19.30
CA LEU B 139 8.90 2.73 -18.94
C LEU B 139 7.58 3.43 -18.61
N GLU B 140 7.22 3.51 -17.34
CA GLU B 140 5.88 3.90 -16.91
C GLU B 140 5.63 5.33 -17.31
N GLY B 141 4.48 5.59 -17.98
CA GLY B 141 4.16 6.94 -18.50
C GLY B 141 4.45 8.12 -17.55
N LYS B 142 3.95 8.05 -16.30
CA LYS B 142 3.89 9.18 -15.31
C LYS B 142 5.23 9.58 -14.80
N ASN B 143 5.87 8.65 -14.08
CA ASN B 143 7.26 8.79 -13.76
C ASN B 143 8.15 9.30 -14.95
N TYR B 144 8.04 8.76 -16.19
CA TYR B 144 9.07 9.15 -17.16
C TYR B 144 8.87 10.61 -17.35
N LEU B 145 7.58 10.97 -17.40
CA LEU B 145 7.16 12.35 -17.58
C LEU B 145 7.62 13.24 -16.39
N GLN B 146 7.59 12.71 -15.16
CA GLN B 146 7.89 13.57 -14.02
C GLN B 146 9.40 13.80 -13.90
N TRP B 147 10.20 12.87 -14.37
CA TRP B 147 11.64 12.97 -14.25
C TRP B 147 12.24 13.88 -15.35
N LEU B 148 11.99 13.50 -16.62
CA LEU B 148 12.19 14.36 -17.79
C LEU B 148 11.88 15.76 -17.35
N THR B 149 10.77 15.95 -16.66
CA THR B 149 10.49 17.27 -16.26
C THR B 149 11.51 17.74 -15.26
N GLU B 150 11.89 16.96 -14.27
CA GLU B 150 12.80 17.66 -13.40
C GLU B 150 14.20 17.84 -14.05
N ARG B 151 14.58 16.96 -14.95
CA ARG B 151 15.79 17.25 -15.72
C ARG B 151 15.71 18.52 -16.61
N LEU B 152 14.70 18.63 -17.47
CA LEU B 152 14.44 19.91 -18.17
C LEU B 152 14.51 21.14 -17.24
N THR B 153 13.90 21.05 -16.03
CA THR B 153 13.87 22.18 -15.09
C THR B 153 15.21 22.43 -14.46
N GLU B 154 15.92 21.41 -14.05
CA GLU B 154 17.31 21.73 -13.76
C GLU B 154 18.07 22.25 -14.94
N ARG B 155 17.56 22.22 -16.16
CA ARG B 155 18.46 22.63 -17.26
C ARG B 155 18.15 23.99 -17.67
N GLY B 156 17.43 24.65 -16.79
CA GLY B 156 16.88 25.93 -17.11
C GLY B 156 15.74 26.04 -18.11
N VAL B 157 15.31 24.93 -18.76
CA VAL B 157 14.13 24.97 -19.73
C VAL B 157 12.77 25.30 -19.03
N LYS B 158 11.94 26.14 -19.64
CA LYS B 158 10.91 26.87 -18.87
C LYS B 158 9.56 26.45 -19.39
N PHE B 159 8.69 25.99 -18.51
CA PHE B 159 7.38 25.54 -18.94
C PHE B 159 6.33 26.62 -19.08
N PHE B 160 5.43 26.55 -20.09
CA PHE B 160 4.24 27.45 -20.07
C PHE B 160 2.88 26.86 -20.49
N GLN B 161 1.91 27.01 -19.63
CA GLN B 161 0.64 26.40 -19.85
C GLN B 161 -0.02 27.20 -20.88
N ARG B 162 0.01 26.79 -22.15
CA ARG B 162 -0.92 27.42 -23.11
C ARG B 162 -1.35 26.67 -24.33
N LYS B 163 -2.38 27.19 -24.96
CA LYS B 163 -2.77 26.76 -26.26
C LYS B 163 -2.07 27.58 -27.34
N VAL B 164 -1.30 26.88 -28.17
CA VAL B 164 -0.72 27.54 -29.31
C VAL B 164 -1.70 27.43 -30.45
N GLU B 165 -2.21 28.56 -30.98
CA GLU B 165 -3.16 28.57 -32.11
C GLU B 165 -2.58 28.25 -33.43
N SER B 166 -1.31 28.42 -33.64
CA SER B 166 -0.78 28.26 -34.97
C SER B 166 0.67 28.50 -34.85
N PHE B 167 1.41 27.95 -35.77
CA PHE B 167 2.81 28.17 -35.77
C PHE B 167 3.04 29.70 -35.74
N GLU B 168 2.73 30.42 -36.83
CA GLU B 168 2.91 31.86 -36.85
C GLU B 168 2.48 32.73 -35.62
N GLU B 169 1.49 32.35 -34.81
CA GLU B 169 1.32 33.09 -33.53
C GLU B 169 2.57 33.00 -32.70
N VAL B 170 3.34 31.93 -32.91
CA VAL B 170 4.58 31.66 -32.17
C VAL B 170 5.93 32.10 -32.83
N ALA B 171 6.05 31.89 -34.14
CA ALA B 171 7.06 32.60 -34.95
C ALA B 171 6.90 34.07 -34.59
N ARG B 172 5.83 34.68 -35.11
CA ARG B 172 5.44 36.01 -34.71
C ARG B 172 5.98 36.32 -33.33
N GLU B 173 5.55 35.63 -32.27
CA GLU B 173 6.07 36.03 -30.95
C GLU B 173 7.59 35.91 -30.72
N GLY B 174 8.39 35.37 -31.66
CA GLY B 174 9.84 35.42 -31.46
C GLY B 174 10.82 34.28 -31.70
N ALA B 175 10.41 33.21 -32.34
CA ALA B 175 11.19 31.98 -32.22
C ALA B 175 11.87 31.54 -33.50
N ASP B 176 13.16 31.33 -33.45
CA ASP B 176 13.82 30.71 -34.55
C ASP B 176 13.25 29.33 -34.73
N VAL B 177 13.16 28.45 -33.73
CA VAL B 177 12.65 27.07 -34.06
C VAL B 177 11.40 26.51 -33.36
N ILE B 178 10.50 25.87 -34.14
CA ILE B 178 9.31 25.18 -33.56
C ILE B 178 9.31 23.65 -33.67
N VAL B 179 9.59 23.03 -32.54
CA VAL B 179 9.48 21.57 -32.46
C VAL B 179 8.07 21.18 -32.12
N ASN B 180 7.47 20.45 -33.04
CA ASN B 180 6.04 20.22 -33.00
C ASN B 180 5.71 18.86 -32.40
N CYS B 181 5.31 18.92 -31.13
CA CYS B 181 5.17 17.64 -30.42
C CYS B 181 3.78 17.43 -29.84
N THR B 182 2.80 17.54 -30.72
CA THR B 182 1.47 17.92 -30.27
C THR B 182 0.46 16.80 -30.34
N GLY B 183 0.90 15.61 -30.79
CA GLY B 183 0.15 14.35 -30.73
C GLY B 183 -1.15 14.21 -31.54
N VAL B 184 -2.14 13.53 -30.97
CA VAL B 184 -3.31 13.37 -31.75
C VAL B 184 -3.73 14.80 -32.17
N TRP B 185 -3.38 15.83 -31.41
CA TRP B 185 -3.97 17.12 -31.68
C TRP B 185 -3.22 17.90 -32.73
N ALA B 186 -2.25 17.23 -33.35
CA ALA B 186 -1.37 17.82 -34.32
C ALA B 186 -2.18 18.64 -35.31
N GLY B 187 -3.09 17.93 -36.01
CA GLY B 187 -3.86 18.50 -37.13
C GLY B 187 -4.38 19.91 -36.90
N ALA B 188 -4.79 20.25 -35.68
CA ALA B 188 -5.35 21.57 -35.43
C ALA B 188 -4.36 22.76 -35.58
N LEU B 189 -3.12 22.54 -36.00
CA LEU B 189 -2.26 23.70 -36.34
C LEU B 189 -1.89 23.67 -37.85
N GLN B 190 -2.10 22.52 -38.47
CA GLN B 190 -1.65 22.26 -39.81
C GLN B 190 -2.22 20.87 -40.18
N ARG B 191 -3.53 20.90 -40.49
CA ARG B 191 -4.37 19.83 -41.12
C ARG B 191 -3.60 18.67 -41.78
N ASP B 192 -4.05 17.47 -41.47
CA ASP B 192 -3.36 16.27 -41.91
C ASP B 192 -4.34 15.19 -41.74
N PRO B 193 -4.91 14.74 -42.83
CA PRO B 193 -6.14 13.95 -42.57
C PRO B 193 -5.69 12.45 -42.31
N LEU B 194 -4.46 12.09 -42.76
CA LEU B 194 -3.60 10.99 -42.17
C LEU B 194 -3.58 10.73 -40.59
N LEU B 195 -3.69 11.77 -39.79
CA LEU B 195 -3.68 11.59 -38.36
C LEU B 195 -5.06 11.26 -37.85
N GLN B 196 -5.19 10.18 -37.13
CA GLN B 196 -6.42 10.06 -36.43
C GLN B 196 -6.19 9.40 -35.08
N PRO B 197 -7.12 9.62 -34.15
CA PRO B 197 -7.05 9.01 -32.87
C PRO B 197 -7.53 7.52 -32.84
N GLY B 198 -6.61 6.63 -32.37
CA GLY B 198 -6.91 5.32 -31.76
C GLY B 198 -7.39 5.38 -30.31
N ARG B 199 -8.71 5.58 -30.10
CA ARG B 199 -9.20 5.74 -28.69
C ARG B 199 -8.87 4.54 -27.91
N GLY B 200 -8.45 4.70 -26.64
CA GLY B 200 -8.23 3.55 -25.75
C GLY B 200 -8.68 3.76 -24.32
N GLN B 201 -8.98 2.71 -23.60
CA GLN B 201 -9.44 2.81 -22.24
C GLN B 201 -8.74 1.68 -21.58
N ILE B 202 -8.21 1.91 -20.37
CA ILE B 202 -7.62 0.86 -19.54
C ILE B 202 -8.16 1.02 -18.12
N MET B 203 -8.16 -0.10 -17.38
CA MET B 203 -8.32 -0.16 -15.90
C MET B 203 -7.00 -0.41 -15.10
N LYS B 204 -6.64 0.49 -14.21
CA LYS B 204 -5.60 0.26 -13.20
C LYS B 204 -6.32 -0.45 -12.05
N VAL B 205 -5.87 -1.66 -11.73
CA VAL B 205 -6.45 -2.54 -10.71
C VAL B 205 -5.36 -3.01 -9.71
N ASP B 206 -5.78 -3.59 -8.58
CA ASP B 206 -4.77 -4.10 -7.59
C ASP B 206 -4.41 -5.59 -7.74
N ALA B 207 -3.25 -5.93 -8.27
CA ALA B 207 -2.95 -7.36 -8.37
C ALA B 207 -1.46 -7.59 -8.29
N PRO B 208 -0.94 -7.47 -7.10
CA PRO B 208 0.50 -7.41 -7.05
C PRO B 208 1.00 -8.82 -7.26
N TRP B 209 0.07 -9.73 -7.41
CA TRP B 209 0.62 -11.06 -7.47
C TRP B 209 1.08 -11.25 -8.91
N MET B 210 0.44 -10.51 -9.83
CA MET B 210 0.82 -10.54 -11.24
C MET B 210 2.30 -10.12 -11.50
N LYS B 211 3.09 -11.06 -11.98
CA LYS B 211 4.47 -10.84 -12.24
C LYS B 211 4.88 -10.88 -13.73
N HIS B 212 3.93 -11.22 -14.62
CA HIS B 212 4.17 -11.30 -16.08
C HIS B 212 3.18 -10.45 -16.85
N PHE B 213 3.55 -9.72 -17.91
CA PHE B 213 2.50 -9.07 -18.71
C PHE B 213 1.96 -10.15 -19.58
N ILE B 214 0.70 -10.13 -19.93
CA ILE B 214 0.14 -11.09 -20.88
C ILE B 214 -0.59 -10.33 -21.97
N LEU B 215 -0.17 -10.55 -23.21
CA LEU B 215 -0.72 -9.86 -24.39
C LEU B 215 -1.42 -10.79 -25.38
N THR B 216 -2.76 -10.77 -25.46
CA THR B 216 -3.46 -11.57 -26.50
C THR B 216 -3.55 -10.77 -27.79
N HIS B 217 -3.71 -11.51 -28.90
CA HIS B 217 -3.95 -10.89 -30.25
C HIS B 217 -5.08 -11.58 -30.99
N ASP B 218 -5.77 -10.84 -31.82
CA ASP B 218 -6.81 -11.47 -32.55
C ASP B 218 -7.09 -10.49 -33.67
N PRO B 219 -6.49 -10.75 -34.85
CA PRO B 219 -6.63 -9.91 -36.07
C PRO B 219 -8.09 -9.78 -36.52
N GLU B 220 -8.97 -10.65 -36.01
CA GLU B 220 -10.38 -10.45 -36.21
C GLU B 220 -10.87 -9.14 -35.61
N ARG B 221 -10.12 -8.55 -34.68
CA ARG B 221 -10.44 -7.26 -33.98
C ARG B 221 -9.30 -6.22 -34.07
N GLY B 222 -8.17 -6.75 -34.59
CA GLY B 222 -6.94 -6.04 -34.83
C GLY B 222 -6.22 -5.72 -33.55
N ILE B 223 -4.96 -5.34 -33.78
CA ILE B 223 -4.04 -4.70 -32.87
C ILE B 223 -4.74 -3.90 -31.78
N TYR B 224 -4.07 -3.77 -30.65
CA TYR B 224 -4.52 -2.86 -29.63
C TYR B 224 -6.01 -3.02 -29.50
N ASN B 225 -6.50 -4.24 -29.27
CA ASN B 225 -7.99 -4.33 -29.15
C ASN B 225 -8.37 -5.70 -28.67
N SER B 226 -7.37 -6.37 -28.09
CA SER B 226 -7.55 -7.69 -27.61
C SER B 226 -6.93 -7.62 -26.23
N PRO B 227 -7.48 -8.36 -25.24
CA PRO B 227 -7.21 -7.88 -23.90
C PRO B 227 -5.78 -8.11 -23.57
N TYR B 228 -5.22 -7.15 -22.83
CA TYR B 228 -3.86 -7.16 -22.28
C TYR B 228 -3.76 -6.82 -20.73
N ILE B 229 -2.74 -7.42 -20.12
CA ILE B 229 -2.48 -7.27 -18.74
C ILE B 229 -1.01 -6.88 -18.67
N ILE B 230 -0.79 -5.63 -18.27
CA ILE B 230 0.56 -5.10 -18.08
C ILE B 230 0.73 -4.83 -16.56
N PRO B 231 1.40 -5.74 -15.83
CA PRO B 231 1.68 -5.36 -14.42
C PRO B 231 2.45 -4.00 -14.29
N GLY B 232 2.02 -3.05 -13.51
CA GLY B 232 2.76 -1.80 -13.51
C GLY B 232 3.61 -1.81 -12.28
N THR B 233 4.32 -0.70 -12.01
CA THR B 233 5.07 -0.52 -10.76
C THR B 233 4.19 -0.82 -9.53
N GLN B 234 3.00 -0.21 -9.42
CA GLN B 234 2.22 -0.02 -8.17
C GLN B 234 0.85 -0.65 -8.28
N THR B 235 0.55 -1.06 -9.50
CA THR B 235 -0.80 -1.32 -9.91
C THR B 235 -0.74 -2.07 -11.25
N VAL B 236 -1.76 -2.81 -11.64
CA VAL B 236 -1.74 -3.54 -12.86
C VAL B 236 -2.81 -2.98 -13.85
N THR B 237 -2.39 -2.83 -15.09
CA THR B 237 -3.23 -2.23 -16.05
C THR B 237 -3.83 -3.24 -16.90
N LEU B 238 -5.10 -3.00 -17.16
CA LEU B 238 -6.06 -3.85 -17.83
C LEU B 238 -6.64 -3.07 -18.98
N GLY B 239 -6.33 -3.43 -20.22
CA GLY B 239 -6.97 -2.89 -21.44
C GLY B 239 -7.19 -3.91 -22.58
N GLY B 240 -7.29 -3.40 -23.81
CA GLY B 240 -7.79 -4.15 -25.01
C GLY B 240 -8.78 -3.38 -25.93
N ILE B 241 -8.76 -2.07 -25.90
CA ILE B 241 -9.72 -1.23 -26.56
C ILE B 241 -9.07 -0.20 -27.43
N PHE B 242 -9.29 -0.38 -28.73
CA PHE B 242 -8.83 0.48 -29.86
C PHE B 242 -9.94 0.81 -30.81
N GLN B 243 -10.11 2.07 -31.17
CA GLN B 243 -11.29 2.49 -31.97
C GLN B 243 -11.05 3.76 -32.74
N LEU B 244 -10.70 3.69 -34.03
CA LEU B 244 -10.42 4.88 -34.98
C LEU B 244 -11.43 5.98 -34.94
N GLY B 245 -11.03 7.24 -34.98
CA GLY B 245 -12.00 8.33 -34.98
C GLY B 245 -12.79 8.57 -33.71
N ASN B 246 -12.55 7.82 -32.67
CA ASN B 246 -13.29 8.20 -31.49
C ASN B 246 -12.66 9.37 -30.76
N TRP B 247 -13.33 10.49 -30.75
CA TRP B 247 -12.91 11.67 -29.97
C TRP B 247 -13.63 11.80 -28.59
N SER B 248 -14.08 10.68 -27.98
CA SER B 248 -14.65 10.81 -26.59
C SER B 248 -13.63 10.43 -25.52
N GLU B 249 -12.98 11.48 -25.00
CA GLU B 249 -12.17 11.42 -23.79
C GLU B 249 -13.03 11.25 -22.56
N LEU B 250 -13.56 10.07 -22.39
CA LEU B 250 -14.45 9.87 -21.28
C LEU B 250 -14.62 8.42 -21.27
N ASN B 251 -14.55 7.93 -20.04
CA ASN B 251 -14.87 6.56 -19.74
C ASN B 251 -16.22 6.07 -20.13
N ASN B 252 -16.12 4.92 -20.76
CA ASN B 252 -17.22 4.18 -21.29
C ASN B 252 -17.55 2.75 -20.61
N ILE B 253 -18.62 2.67 -19.80
CA ILE B 253 -19.28 1.34 -19.48
C ILE B 253 -19.04 0.12 -20.44
N GLN B 254 -19.35 0.30 -21.70
CA GLN B 254 -19.31 -0.87 -22.54
C GLN B 254 -17.88 -1.33 -22.60
N ASP B 255 -16.96 -0.34 -22.59
CA ASP B 255 -15.47 -0.63 -22.67
C ASP B 255 -14.81 -1.34 -21.39
N HIS B 256 -14.97 -0.66 -20.25
CA HIS B 256 -14.95 -1.28 -18.96
C HIS B 256 -15.38 -2.75 -19.14
N ASN B 257 -16.60 -2.95 -19.63
CA ASN B 257 -17.15 -4.25 -19.50
C ASN B 257 -16.31 -5.19 -20.32
N THR B 258 -16.01 -4.79 -21.54
CA THR B 258 -15.22 -5.55 -22.46
C THR B 258 -13.84 -5.84 -21.86
N ILE B 259 -13.15 -4.78 -21.38
CA ILE B 259 -11.82 -4.87 -20.71
C ILE B 259 -11.86 -5.99 -19.63
N TRP B 260 -12.73 -5.75 -18.63
CA TRP B 260 -12.83 -6.57 -17.49
C TRP B 260 -13.27 -8.04 -17.81
N GLU B 261 -14.16 -8.25 -18.78
CA GLU B 261 -14.56 -9.62 -19.11
C GLU B 261 -13.33 -10.30 -19.67
N GLY B 262 -12.70 -9.66 -20.62
CA GLY B 262 -11.71 -10.39 -21.40
C GLY B 262 -10.58 -10.70 -20.48
N CYS B 263 -10.27 -9.68 -19.66
CA CYS B 263 -9.14 -9.78 -18.73
C CYS B 263 -9.38 -10.85 -17.66
N CYS B 264 -10.54 -10.84 -16.98
CA CYS B 264 -10.94 -11.96 -16.11
C CYS B 264 -10.89 -13.32 -16.84
N ARG B 265 -11.39 -13.37 -18.07
CA ARG B 265 -11.32 -14.66 -18.86
C ARG B 265 -9.87 -15.07 -19.04
N LEU B 266 -8.98 -14.08 -19.19
CA LEU B 266 -7.62 -14.39 -19.56
C LEU B 266 -6.94 -14.87 -18.34
N GLU B 267 -7.26 -14.32 -17.17
CA GLU B 267 -6.61 -14.68 -15.90
C GLU B 267 -7.61 -14.57 -14.77
N PRO B 268 -8.15 -15.68 -14.32
CA PRO B 268 -9.31 -15.46 -13.46
C PRO B 268 -9.03 -14.99 -12.08
N THR B 269 -7.81 -15.13 -11.61
CA THR B 269 -7.45 -14.56 -10.34
C THR B 269 -7.82 -13.07 -10.30
N LEU B 270 -8.05 -12.46 -11.46
CA LEU B 270 -8.32 -11.02 -11.43
C LEU B 270 -9.67 -10.71 -10.86
N LYS B 271 -10.54 -11.69 -10.97
CA LYS B 271 -11.83 -11.47 -10.43
C LYS B 271 -11.68 -11.00 -8.96
N ASN B 272 -10.50 -11.02 -8.40
CA ASN B 272 -10.46 -10.44 -7.08
C ASN B 272 -9.76 -9.12 -6.91
N ALA B 273 -9.25 -8.55 -7.99
CA ALA B 273 -8.53 -7.31 -7.87
C ALA B 273 -9.51 -6.22 -7.51
N ARG B 274 -8.99 -5.16 -6.92
CA ARG B 274 -9.71 -3.97 -6.57
C ARG B 274 -9.33 -2.99 -7.70
N ILE B 275 -10.33 -2.54 -8.47
CA ILE B 275 -10.21 -1.37 -9.43
C ILE B 275 -9.67 0.00 -8.79
N ILE B 276 -8.70 0.69 -9.35
CA ILE B 276 -8.16 1.76 -8.52
C ILE B 276 -8.78 2.80 -9.25
N GLY B 277 -8.63 2.71 -10.55
CA GLY B 277 -9.40 3.63 -11.34
C GLY B 277 -9.37 3.24 -12.78
N GLU B 278 -9.87 4.16 -13.62
CA GLU B 278 -9.93 3.92 -15.06
C GLU B 278 -9.63 5.15 -15.97
N ARG B 279 -9.10 5.00 -17.16
CA ARG B 279 -8.73 6.22 -17.90
C ARG B 279 -8.87 6.07 -19.47
N THR B 280 -9.21 7.14 -20.20
CA THR B 280 -9.14 7.05 -21.65
C THR B 280 -8.09 7.98 -22.13
N GLY B 281 -7.64 7.70 -23.35
CA GLY B 281 -6.75 8.55 -24.15
C GLY B 281 -6.75 8.17 -25.63
N PHE B 282 -6.01 8.96 -26.42
CA PHE B 282 -6.03 8.93 -27.88
C PHE B 282 -4.67 8.67 -28.46
N ARG B 283 -4.37 7.44 -28.80
CA ARG B 283 -3.28 7.06 -29.65
C ARG B 283 -3.28 8.01 -30.81
N PRO B 284 -2.16 8.72 -31.11
CA PRO B 284 -2.12 9.46 -32.44
C PRO B 284 -1.69 8.56 -33.60
N VAL B 285 -2.63 8.19 -34.48
CA VAL B 285 -2.44 7.16 -35.48
C VAL B 285 -2.08 7.74 -36.85
N ARG B 286 -1.42 6.98 -37.70
CA ARG B 286 -0.89 7.57 -38.96
C ARG B 286 -0.06 6.49 -39.75
N PRO B 287 -0.20 6.44 -41.07
CA PRO B 287 0.64 5.38 -41.65
C PRO B 287 2.06 5.38 -41.12
N GLN B 288 2.66 6.54 -40.87
CA GLN B 288 4.02 6.57 -40.31
C GLN B 288 4.19 7.79 -39.48
N ILE B 289 5.20 7.77 -38.63
CA ILE B 289 5.44 8.89 -37.75
C ILE B 289 5.71 10.09 -38.63
N ARG B 290 5.17 11.23 -38.29
CA ARG B 290 5.71 12.33 -39.00
C ARG B 290 6.87 12.97 -38.31
N LEU B 291 8.05 12.94 -38.93
CA LEU B 291 9.23 13.65 -38.38
C LEU B 291 10.20 14.14 -39.43
N GLU B 292 9.92 15.36 -39.85
CA GLU B 292 10.66 16.00 -40.90
C GLU B 292 10.67 17.44 -40.48
N ARG B 293 11.44 18.22 -41.22
CA ARG B 293 11.45 19.72 -41.14
C ARG B 293 10.41 20.46 -42.04
N GLU B 294 10.09 21.70 -41.71
CA GLU B 294 9.32 22.54 -42.68
C GLU B 294 9.48 24.05 -42.56
N GLN B 295 10.36 24.68 -43.36
CA GLN B 295 10.50 26.18 -43.36
C GLN B 295 9.19 26.91 -43.66
N LEU B 296 8.54 27.30 -42.59
CA LEU B 296 7.28 28.03 -42.55
C LEU B 296 7.39 29.45 -42.95
N ARG B 297 6.83 29.70 -44.11
CA ARG B 297 7.11 30.96 -44.76
C ARG B 297 6.15 32.02 -44.13
N THR B 298 6.75 33.11 -43.61
CA THR B 298 6.14 33.85 -42.50
C THR B 298 6.67 35.29 -42.15
N GLY B 299 6.23 36.30 -42.88
CA GLY B 299 6.83 37.62 -42.67
C GLY B 299 8.28 37.83 -43.21
N PRO B 300 9.10 38.57 -42.42
CA PRO B 300 10.33 39.07 -43.03
C PRO B 300 11.24 37.85 -43.33
N SER B 301 11.31 36.86 -42.42
CA SER B 301 12.02 35.59 -42.71
C SER B 301 11.34 34.33 -42.14
N ASN B 302 11.71 33.15 -42.65
CA ASN B 302 10.97 31.94 -42.27
C ASN B 302 11.44 31.25 -40.99
N THR B 303 10.48 30.92 -40.12
CA THR B 303 10.79 30.14 -38.92
C THR B 303 10.98 28.66 -39.22
N GLU B 304 11.64 27.95 -38.37
CA GLU B 304 11.87 26.58 -38.67
C GLU B 304 11.02 25.61 -37.80
N VAL B 305 10.32 24.71 -38.48
CA VAL B 305 9.52 23.76 -37.77
C VAL B 305 9.95 22.32 -37.91
N ILE B 306 10.28 21.70 -36.78
CA ILE B 306 10.42 20.23 -36.74
C ILE B 306 9.12 19.49 -36.27
N HIS B 307 8.63 18.55 -37.05
CA HIS B 307 7.38 17.89 -36.70
C HIS B 307 7.65 16.57 -36.09
N ASN B 308 7.15 16.34 -34.89
CA ASN B 308 7.51 15.08 -34.33
C ASN B 308 6.27 14.62 -33.61
N TYR B 309 5.44 13.98 -34.40
CA TYR B 309 4.26 13.34 -33.88
C TYR B 309 3.83 12.22 -34.77
N GLY B 310 2.71 11.64 -34.35
CA GLY B 310 2.06 10.52 -35.01
C GLY B 310 2.69 9.25 -34.50
N HIS B 311 2.96 9.15 -33.20
CA HIS B 311 3.60 7.88 -32.75
C HIS B 311 2.58 6.73 -32.39
N GLY B 312 1.29 7.09 -32.36
CA GLY B 312 0.27 6.10 -32.24
C GLY B 312 0.29 5.32 -30.95
N GLY B 313 0.46 4.02 -31.02
CA GLY B 313 0.31 3.29 -29.80
C GLY B 313 1.62 2.76 -29.36
N TYR B 314 2.75 3.36 -29.82
CA TYR B 314 4.11 2.86 -29.54
C TYR B 314 5.13 3.96 -29.28
N GLY B 315 4.56 5.17 -29.09
CA GLY B 315 5.14 6.43 -28.56
C GLY B 315 6.24 6.15 -27.57
N LEU B 316 6.01 5.48 -26.44
CA LEU B 316 7.17 5.26 -25.59
C LEU B 316 8.18 4.22 -26.12
N THR B 317 7.78 3.28 -26.99
CA THR B 317 8.70 2.24 -27.37
C THR B 317 9.70 2.92 -28.21
N ILE B 318 9.29 4.03 -28.77
CA ILE B 318 10.19 4.66 -29.74
C ILE B 318 10.83 5.99 -29.33
N HIS B 319 10.14 6.79 -28.56
CA HIS B 319 10.39 8.21 -28.37
C HIS B 319 11.86 8.59 -28.43
N TRP B 320 12.69 7.80 -27.76
CA TRP B 320 14.10 8.16 -27.74
C TRP B 320 14.76 8.18 -29.11
N GLY B 321 14.55 7.13 -29.88
CA GLY B 321 14.93 7.23 -31.29
C GLY B 321 14.58 8.58 -31.95
N CYS B 322 13.29 8.78 -32.12
CA CYS B 322 12.70 10.01 -32.59
C CYS B 322 13.39 11.25 -32.15
N ALA B 323 13.36 11.45 -30.85
CA ALA B 323 14.08 12.55 -30.21
C ALA B 323 15.52 12.73 -30.67
N LEU B 324 16.29 11.64 -30.83
CA LEU B 324 17.68 11.71 -31.37
C LEU B 324 17.67 12.08 -32.82
N GLU B 325 16.64 11.65 -33.51
CA GLU B 325 16.36 12.16 -34.85
C GLU B 325 16.04 13.65 -34.95
N ALA B 326 15.06 14.16 -34.21
CA ALA B 326 14.65 15.54 -34.39
C ALA B 326 15.79 16.43 -33.91
N ALA B 327 16.65 15.87 -33.07
CA ALA B 327 17.92 16.49 -32.69
C ALA B 327 18.90 16.62 -33.87
N LYS B 328 19.04 15.55 -34.65
CA LYS B 328 19.94 15.56 -35.78
C LYS B 328 19.35 16.69 -36.64
N LEU B 329 18.17 16.47 -37.22
CA LEU B 329 17.54 17.49 -38.03
C LEU B 329 17.82 18.88 -37.46
N PHE B 330 17.62 19.04 -36.15
CA PHE B 330 17.91 20.29 -35.45
C PHE B 330 19.34 20.76 -35.70
N GLY B 331 20.29 19.86 -35.53
CA GLY B 331 21.66 20.24 -35.76
C GLY B 331 21.78 20.90 -37.11
N ARG B 332 20.94 20.48 -38.07
CA ARG B 332 21.19 20.76 -39.50
C ARG B 332 20.74 22.13 -39.71
N ILE B 333 19.52 22.40 -39.25
CA ILE B 333 19.10 23.79 -39.13
C ILE B 333 20.32 24.55 -38.66
N LEU B 334 21.03 24.10 -37.65
CA LEU B 334 22.17 24.83 -37.30
C LEU B 334 23.25 24.96 -38.37
N GLU B 335 23.71 23.88 -38.98
CA GLU B 335 24.90 24.10 -39.79
C GLU B 335 24.61 25.05 -40.92
N GLU B 336 23.44 24.85 -41.51
CA GLU B 336 22.89 25.82 -42.44
C GLU B 336 22.86 27.30 -41.95
N LYS B 337 22.15 27.60 -40.87
CA LYS B 337 22.22 28.94 -40.35
C LYS B 337 23.69 29.37 -40.12
N LYS B 338 24.64 28.53 -40.62
CA LYS B 338 26.07 28.72 -40.48
C LYS B 338 26.18 29.06 -39.00
N LEU B 339 25.95 28.09 -38.14
CA LEU B 339 25.95 28.27 -36.66
C LEU B 339 26.63 26.94 -36.07
N SER B 340 26.49 25.82 -36.83
CA SER B 340 27.08 24.48 -36.51
C SER B 340 28.59 24.52 -36.31
N MET C 1 30.44 -4.58 36.50
CA MET C 1 29.01 -4.66 36.91
C MET C 1 28.29 -5.43 35.82
N ARG C 2 28.17 -6.75 35.97
CA ARG C 2 27.53 -7.53 34.93
C ARG C 2 26.01 -7.47 35.16
N VAL C 3 25.23 -6.88 34.22
CA VAL C 3 23.74 -6.91 34.27
C VAL C 3 23.01 -7.87 33.19
N VAL C 4 22.27 -8.90 33.63
CA VAL C 4 21.49 -9.70 32.73
C VAL C 4 20.03 -9.20 32.87
N VAL C 5 19.42 -8.67 31.78
CA VAL C 5 17.96 -8.46 31.71
C VAL C 5 17.31 -9.65 30.98
N ILE C 6 16.33 -10.26 31.60
CA ILE C 6 15.48 -11.22 30.92
C ILE C 6 14.18 -10.53 30.60
N GLY C 7 13.84 -10.64 29.32
CA GLY C 7 12.53 -10.27 28.80
C GLY C 7 12.92 -9.24 27.81
N ALA C 8 12.21 -9.21 26.66
CA ALA C 8 12.59 -8.44 25.48
C ALA C 8 11.33 -7.80 25.02
N GLY C 9 10.34 -7.85 25.92
CA GLY C 9 8.98 -7.27 25.70
C GLY C 9 9.29 -5.83 25.98
N VAL C 10 8.30 -4.96 25.89
CA VAL C 10 8.57 -3.53 26.09
C VAL C 10 9.22 -3.34 27.40
N ILE C 11 8.69 -3.96 28.44
CA ILE C 11 9.21 -3.93 29.83
C ILE C 11 10.69 -4.34 29.88
N GLY C 12 11.00 -5.52 29.30
CA GLY C 12 12.37 -5.94 29.10
C GLY C 12 13.36 -4.85 28.57
N LEU C 13 13.06 -4.27 27.42
CA LEU C 13 14.03 -3.37 26.79
C LEU C 13 14.04 -1.98 27.42
N SER C 14 12.89 -1.28 27.50
CA SER C 14 12.90 0.03 28.09
C SER C 14 13.75 -0.02 29.37
N THR C 15 13.39 -0.86 30.36
CA THR C 15 14.23 -1.00 31.58
C THR C 15 15.68 -1.09 31.15
N ALA C 16 15.93 -1.88 30.14
CA ALA C 16 17.32 -2.08 29.70
C ALA C 16 18.05 -0.76 29.51
N LEU C 17 17.43 0.10 28.70
CA LEU C 17 18.01 1.30 28.16
C LEU C 17 17.87 2.40 29.19
N CYS C 18 16.89 2.20 30.03
CA CYS C 18 16.72 3.17 31.06
C CYS C 18 17.89 3.12 32.02
N ILE C 19 18.23 1.90 32.44
CA ILE C 19 19.39 1.54 33.23
C ILE C 19 20.76 1.97 32.66
N HIS C 20 20.99 1.87 31.34
CA HIS C 20 22.27 2.30 30.75
C HIS C 20 22.26 3.79 30.70
N GLU C 21 21.33 4.34 29.90
CA GLU C 21 21.17 5.80 29.80
C GLU C 21 21.31 6.52 31.16
N ARG C 22 21.08 5.86 32.28
CA ARG C 22 21.30 6.57 33.56
C ARG C 22 22.55 6.25 34.39
N TYR C 23 23.41 5.35 33.96
CA TYR C 23 24.39 4.82 34.89
C TYR C 23 25.68 4.33 34.20
N HIS C 24 26.00 4.83 33.01
CA HIS C 24 27.18 4.24 32.40
C HIS C 24 28.34 5.21 32.54
N SER C 25 28.01 6.47 32.87
CA SER C 25 28.96 7.51 33.39
C SER C 25 29.46 7.09 34.79
N VAL C 26 28.52 6.57 35.56
CA VAL C 26 28.78 6.30 36.93
C VAL C 26 29.28 4.86 37.14
N LEU C 27 29.15 3.94 36.18
CA LEU C 27 29.97 2.72 36.30
C LEU C 27 30.99 2.52 35.19
N GLN C 28 32.07 1.76 35.45
CA GLN C 28 32.97 1.36 34.33
C GLN C 28 32.73 -0.04 33.74
N PRO C 29 32.76 -1.09 34.57
CA PRO C 29 32.23 -2.21 33.79
C PRO C 29 30.76 -2.35 34.15
N LEU C 30 29.90 -1.45 33.63
CA LEU C 30 28.46 -1.72 33.42
C LEU C 30 28.29 -2.59 32.15
N ASP C 31 28.39 -3.92 32.28
CA ASP C 31 27.96 -4.86 31.21
C ASP C 31 26.46 -5.32 31.32
N ILE C 32 25.63 -4.80 30.40
CA ILE C 32 24.19 -5.22 30.12
C ILE C 32 24.04 -6.26 28.95
N LYS C 33 23.52 -7.41 29.34
CA LYS C 33 23.00 -8.35 28.40
C LYS C 33 21.49 -8.50 28.52
N VAL C 34 20.92 -8.97 27.42
CA VAL C 34 19.51 -9.35 27.36
C VAL C 34 19.47 -10.80 26.98
N TYR C 35 18.60 -11.50 27.67
CA TYR C 35 18.42 -12.93 27.59
C TYR C 35 16.91 -13.12 27.43
N ALA C 36 16.44 -13.73 26.34
CA ALA C 36 15.01 -13.92 26.15
C ALA C 36 14.65 -15.08 25.25
N ASP C 37 13.43 -15.61 25.45
CA ASP C 37 12.93 -16.72 24.66
C ASP C 37 12.49 -16.26 23.36
N ARG C 38 11.48 -15.40 23.35
CA ARG C 38 10.99 -14.93 22.08
C ARG C 38 11.37 -13.47 21.85
N PHE C 39 11.93 -13.17 20.67
CA PHE C 39 12.29 -11.80 20.29
C PHE C 39 11.31 -11.05 19.43
N THR C 40 11.40 -9.73 19.55
CA THR C 40 10.56 -8.75 18.87
C THR C 40 9.70 -8.94 17.65
N PRO C 41 10.03 -9.83 16.75
CA PRO C 41 8.77 -9.92 15.93
C PRO C 41 7.57 -10.51 16.69
N LEU C 42 7.82 -11.19 17.82
CA LEU C 42 6.98 -12.30 18.32
C LEU C 42 6.66 -12.32 19.76
N THR C 43 6.20 -11.21 20.32
CA THR C 43 5.98 -11.14 21.79
C THR C 43 4.69 -10.42 22.15
N THR C 44 4.23 -10.51 23.40
CA THR C 44 2.93 -9.99 23.58
C THR C 44 3.05 -8.59 23.17
N THR C 45 3.99 -7.87 23.73
CA THR C 45 4.20 -6.50 23.29
C THR C 45 3.82 -6.18 21.81
N ASP C 46 4.31 -6.98 20.86
CA ASP C 46 3.98 -6.86 19.41
C ASP C 46 2.53 -6.99 18.93
N VAL C 47 1.66 -7.44 19.81
CA VAL C 47 0.27 -7.69 19.52
C VAL C 47 -0.61 -6.53 20.10
N ALA C 48 -0.01 -5.59 20.83
CA ALA C 48 -0.84 -4.54 21.44
C ALA C 48 -0.97 -3.41 20.47
N ALA C 49 -2.19 -2.89 20.28
CA ALA C 49 -2.37 -1.68 19.46
C ALA C 49 -1.47 -0.54 19.88
N GLY C 50 -1.01 -0.56 21.10
CA GLY C 50 -0.11 0.45 21.54
C GLY C 50 -0.90 1.71 21.81
N LEU C 51 -2.14 1.58 22.26
CA LEU C 51 -2.91 2.80 22.46
C LEU C 51 -2.39 3.39 23.75
N TRP C 52 -2.53 4.68 24.06
CA TRP C 52 -2.42 5.05 25.47
C TRP C 52 -3.79 5.31 26.05
N GLN C 53 -4.01 4.68 27.18
CA GLN C 53 -5.14 4.98 28.08
C GLN C 53 -5.24 3.88 29.14
N PRO C 54 -4.99 4.24 30.41
CA PRO C 54 -4.99 3.34 31.53
C PRO C 54 -6.40 2.86 31.91
N TYR C 55 -6.50 1.92 32.88
CA TYR C 55 -7.81 1.44 33.44
C TYR C 55 -8.84 2.65 33.56
N LEU C 56 -10.15 2.39 33.71
CA LEU C 56 -11.13 3.54 33.95
C LEU C 56 -10.98 4.29 35.34
N SER C 57 -10.90 3.46 36.41
CA SER C 57 -10.51 3.70 37.84
C SER C 57 -9.00 3.83 38.34
N ASP C 58 -8.79 4.57 39.44
CA ASP C 58 -7.45 4.74 40.11
C ASP C 58 -6.86 3.40 40.54
N PRO C 59 -5.51 3.28 40.63
CA PRO C 59 -5.01 1.90 40.76
C PRO C 59 -5.00 1.31 42.21
N ASN C 60 -4.96 -0.02 42.30
CA ASN C 60 -4.47 -0.68 43.50
C ASN C 60 -2.97 -0.43 43.77
N ASN C 61 -2.37 0.44 42.96
CA ASN C 61 -1.29 1.25 43.51
C ASN C 61 -1.16 2.66 42.86
N PRO C 62 -1.53 3.71 43.60
CA PRO C 62 -1.48 5.06 43.08
C PRO C 62 -0.13 5.37 42.42
N GLN C 63 0.97 4.75 42.88
CA GLN C 63 2.23 4.79 42.13
C GLN C 63 2.10 4.49 40.61
N GLU C 64 1.24 3.50 40.28
CA GLU C 64 0.98 3.13 38.90
C GLU C 64 0.42 4.36 38.16
N ALA C 65 -0.51 5.07 38.82
CA ALA C 65 -1.14 6.26 38.27
C ALA C 65 -0.05 7.09 37.79
N ASP C 66 0.94 7.32 38.58
CA ASP C 66 1.89 8.31 38.12
C ASP C 66 2.69 7.86 36.94
N TRP C 67 3.02 6.57 36.93
CA TRP C 67 3.78 5.91 35.90
C TRP C 67 3.34 6.19 34.45
N SER C 68 2.09 5.82 34.17
CA SER C 68 1.46 6.28 32.96
C SER C 68 1.55 7.82 32.75
N GLN C 69 1.25 8.65 33.74
CA GLN C 69 1.44 10.08 33.47
C GLN C 69 2.87 10.27 32.95
N GLN C 70 3.82 9.68 33.66
CA GLN C 70 5.20 9.98 33.35
C GLN C 70 5.57 9.41 32.04
N THR C 71 5.09 8.18 31.76
CA THR C 71 5.15 7.57 30.41
C THR C 71 4.62 8.55 29.31
N PHE C 72 3.30 8.82 29.34
CA PHE C 72 2.61 9.77 28.44
C PHE C 72 3.35 11.10 28.17
N ASP C 73 3.85 11.76 29.23
CA ASP C 73 4.50 13.08 29.11
C ASP C 73 5.81 12.96 28.33
N TYR C 74 6.66 12.13 28.90
CA TYR C 74 7.78 11.57 28.18
C TYR C 74 7.58 11.27 26.67
N LEU C 75 6.58 10.44 26.36
CA LEU C 75 6.20 10.25 24.97
C LEU C 75 5.74 11.58 24.30
N LEU C 76 4.62 12.14 24.79
CA LEU C 76 4.08 13.38 24.25
C LEU C 76 5.22 14.29 23.89
N SER C 77 6.18 14.53 24.76
CA SER C 77 7.12 15.56 24.47
C SER C 77 8.10 15.19 23.38
N HIS C 78 7.93 14.02 22.77
CA HIS C 78 8.64 13.64 21.54
C HIS C 78 7.65 13.51 20.34
N VAL C 79 6.40 13.94 20.50
CA VAL C 79 5.41 13.71 19.46
C VAL C 79 5.82 14.30 18.16
N HIS C 80 6.73 15.29 18.20
CA HIS C 80 7.01 16.04 16.99
C HIS C 80 8.45 16.17 16.51
N SER C 81 9.34 15.27 16.95
CA SER C 81 10.67 15.04 16.32
C SER C 81 10.52 14.26 14.94
N PRO C 82 11.60 14.18 14.09
CA PRO C 82 11.77 13.08 13.05
C PRO C 82 11.66 11.54 13.44
N ASN C 83 12.43 11.01 14.42
CA ASN C 83 12.17 9.68 15.17
C ASN C 83 10.75 9.01 15.22
N ALA C 84 9.68 9.83 15.17
CA ALA C 84 8.27 9.41 15.42
C ALA C 84 7.78 8.19 14.64
N GLU C 85 7.34 8.45 13.41
CA GLU C 85 7.42 7.48 12.35
C GLU C 85 8.35 6.27 12.76
N ASN C 86 9.67 6.47 13.02
CA ASN C 86 10.59 5.34 13.50
C ASN C 86 10.04 4.36 14.57
N LEU C 87 9.62 4.91 15.71
CA LEU C 87 9.20 4.11 16.86
C LEU C 87 7.71 3.85 16.86
N GLY C 88 7.03 4.37 15.85
CA GLY C 88 5.59 4.25 15.72
C GLY C 88 4.76 5.00 16.78
N LEU C 89 4.94 6.33 16.92
CA LEU C 89 4.31 7.19 17.91
C LEU C 89 3.57 8.32 17.27
N PHE C 90 2.26 8.36 17.17
CA PHE C 90 1.59 9.60 16.69
C PHE C 90 0.36 9.76 17.61
N LEU C 91 -0.29 10.93 17.48
CA LEU C 91 -1.42 11.28 18.36
C LEU C 91 -2.69 10.84 17.70
N ILE C 92 -3.57 10.18 18.38
CA ILE C 92 -4.81 9.88 17.74
C ILE C 92 -6.02 10.27 18.63
N SER C 93 -7.12 10.74 18.01
CA SER C 93 -8.30 11.07 18.76
C SER C 93 -9.39 10.06 18.52
N GLY C 94 -10.24 9.84 19.54
CA GLY C 94 -11.47 9.02 19.48
C GLY C 94 -12.30 9.04 20.78
N TYR C 95 -13.25 8.10 20.76
CA TYR C 95 -14.36 7.91 21.66
C TYR C 95 -14.25 6.72 22.60
N ASN C 96 -14.32 6.92 23.92
CA ASN C 96 -14.80 5.82 24.77
C ASN C 96 -16.35 5.93 24.84
N LEU C 97 -17.08 4.80 24.92
CA LEU C 97 -18.50 4.87 25.07
C LEU C 97 -18.97 3.80 26.02
N PHE C 98 -20.17 4.02 26.53
CA PHE C 98 -20.64 3.36 27.77
C PHE C 98 -22.13 3.38 27.71
N HIS C 99 -22.78 2.60 28.58
CA HIS C 99 -24.25 2.45 28.52
C HIS C 99 -25.07 3.45 29.35
N GLU C 100 -24.68 3.51 30.63
CA GLU C 100 -25.07 4.59 31.57
C GLU C 100 -23.82 5.42 32.04
N ALA C 101 -23.91 6.73 32.26
CA ALA C 101 -22.82 7.49 32.98
C ALA C 101 -21.92 6.83 34.11
N ILE C 102 -20.68 7.33 34.27
CA ILE C 102 -19.64 6.72 35.07
C ILE C 102 -18.94 8.00 35.36
N PRO C 103 -18.18 8.15 36.44
CA PRO C 103 -17.59 9.46 36.38
C PRO C 103 -16.41 9.41 35.39
N ASP C 104 -15.78 10.57 35.14
CA ASP C 104 -14.43 10.70 34.52
C ASP C 104 -13.41 9.74 35.10
N PRO C 105 -12.17 9.74 34.53
CA PRO C 105 -10.99 9.03 34.96
C PRO C 105 -9.94 10.05 35.30
N SER C 106 -9.17 9.77 36.34
CA SER C 106 -8.17 10.75 36.79
C SER C 106 -7.06 11.18 35.81
N TRP C 107 -6.88 10.46 34.70
CA TRP C 107 -5.87 10.87 33.72
C TRP C 107 -6.40 12.07 32.92
N LYS C 108 -7.71 12.39 33.06
CA LYS C 108 -8.40 13.42 32.20
C LYS C 108 -7.60 14.74 31.95
N ASP C 109 -6.49 14.87 32.68
CA ASP C 109 -5.69 16.09 32.71
C ASP C 109 -4.33 15.87 32.16
N THR C 110 -4.05 14.59 31.88
CA THR C 110 -2.84 14.11 31.21
C THR C 110 -3.01 14.14 29.66
N VAL C 111 -4.16 13.58 29.21
CA VAL C 111 -4.54 13.47 27.80
C VAL C 111 -4.90 14.88 27.21
N LEU C 112 -5.16 15.01 25.91
CA LEU C 112 -5.41 16.28 25.34
C LEU C 112 -6.87 16.40 25.04
N GLY C 113 -7.43 17.52 25.46
CA GLY C 113 -8.84 17.80 25.35
C GLY C 113 -9.81 16.80 25.96
N PHE C 114 -9.50 16.14 27.08
CA PHE C 114 -10.51 15.17 27.50
C PHE C 114 -11.91 15.80 27.58
N ARG C 115 -13.00 15.11 27.27
CA ARG C 115 -14.28 15.83 27.17
C ARG C 115 -15.50 14.97 26.94
N LYS C 116 -16.59 15.22 27.61
CA LYS C 116 -17.80 14.44 27.37
C LYS C 116 -18.33 14.45 25.92
N LEU C 117 -19.36 13.67 25.64
CA LEU C 117 -19.78 13.42 24.26
C LEU C 117 -20.99 14.21 23.79
N THR C 118 -20.85 15.22 22.94
CA THR C 118 -22.05 15.93 22.46
C THR C 118 -23.24 15.10 21.82
N PRO C 119 -24.52 15.57 22.00
CA PRO C 119 -25.56 14.74 21.37
C PRO C 119 -25.35 14.46 19.86
N ARG C 120 -24.85 15.44 19.06
CA ARG C 120 -24.63 15.18 17.62
C ARG C 120 -23.92 13.78 17.59
N GLU C 121 -22.90 13.65 18.49
CA GLU C 121 -21.91 12.57 18.54
C GLU C 121 -22.50 11.35 19.07
N LEU C 122 -23.28 11.45 20.14
CA LEU C 122 -23.77 10.20 20.68
C LEU C 122 -24.70 9.47 19.68
N ASP C 123 -25.34 10.26 18.82
CA ASP C 123 -26.32 9.73 17.92
C ASP C 123 -25.67 8.82 16.92
N MET C 124 -24.46 9.17 16.53
CA MET C 124 -23.71 8.25 15.72
C MET C 124 -23.72 6.79 16.21
N PHE C 125 -23.96 6.56 17.49
CA PHE C 125 -23.86 5.19 18.02
C PHE C 125 -25.13 4.64 18.74
N PRO C 126 -26.08 4.06 17.95
CA PRO C 126 -27.34 3.51 18.41
C PRO C 126 -27.17 2.87 19.77
N ASP C 127 -26.61 1.63 19.78
CA ASP C 127 -26.31 0.82 21.01
C ASP C 127 -25.74 1.51 22.24
N TYR C 128 -25.24 2.76 22.13
CA TYR C 128 -24.64 3.41 23.34
C TYR C 128 -25.44 4.49 24.00
N GLY C 129 -25.03 4.84 25.21
CA GLY C 129 -25.84 5.70 26.05
C GLY C 129 -25.08 6.94 26.41
N TYR C 130 -23.77 6.84 26.56
CA TYR C 130 -23.00 7.96 27.11
C TYR C 130 -21.46 7.83 26.80
N GLY C 131 -20.60 8.82 27.20
CA GLY C 131 -19.09 8.70 27.13
C GLY C 131 -18.07 9.78 26.62
N TRP C 132 -16.78 9.53 26.84
CA TRP C 132 -15.73 10.60 26.66
C TRP C 132 -15.18 10.72 25.26
N PHE C 133 -14.24 11.66 25.11
CA PHE C 133 -13.55 11.86 23.88
C PHE C 133 -12.36 12.63 24.16
N HIS C 134 -11.21 12.18 23.69
CA HIS C 134 -9.96 12.91 23.95
C HIS C 134 -8.99 12.58 22.86
N THR C 135 -8.07 13.51 22.64
CA THR C 135 -6.92 13.36 21.79
C THR C 135 -6.00 12.54 22.70
N SER C 136 -5.06 11.75 22.13
CA SER C 136 -4.25 10.76 22.94
C SER C 136 -3.14 10.14 22.09
N LEU C 137 -2.36 9.26 22.68
CA LEU C 137 -1.19 8.71 22.00
C LEU C 137 -1.34 7.29 21.51
N ILE C 138 -0.66 6.97 20.40
CA ILE C 138 -0.37 5.57 20.09
C ILE C 138 1.09 5.32 19.94
N LEU C 139 1.57 4.24 20.58
CA LEU C 139 2.91 3.68 20.44
C LEU C 139 2.86 2.19 20.09
N GLU C 140 3.04 1.91 18.76
CA GLU C 140 2.98 0.61 18.08
C GLU C 140 4.15 -0.14 18.57
N GLY C 141 3.87 -1.25 19.23
CA GLY C 141 4.93 -2.03 19.89
C GLY C 141 5.93 -2.50 18.87
N LYS C 142 5.49 -3.16 17.81
CA LYS C 142 6.35 -3.50 16.68
C LYS C 142 7.49 -2.47 16.31
N ASN C 143 7.17 -1.18 16.10
CA ASN C 143 8.27 -0.27 15.79
C ASN C 143 9.02 0.06 17.08
N TYR C 144 8.31 0.01 18.17
CA TYR C 144 8.85 0.66 19.31
C TYR C 144 9.84 -0.29 19.87
N LEU C 145 9.55 -1.54 19.64
CA LEU C 145 10.34 -2.57 20.24
C LEU C 145 11.62 -2.62 19.39
N GLN C 146 11.36 -2.26 18.16
CA GLN C 146 12.37 -2.24 17.14
C GLN C 146 13.35 -1.02 17.42
N TRP C 147 12.80 0.12 17.82
CA TRP C 147 13.63 1.27 18.10
C TRP C 147 14.54 0.97 19.32
N LEU C 148 13.96 0.54 20.46
CA LEU C 148 14.79 0.26 21.60
C LEU C 148 15.98 -0.65 21.17
N THR C 149 15.70 -1.60 20.31
CA THR C 149 16.76 -2.41 19.72
C THR C 149 17.98 -1.64 19.08
N GLU C 150 17.78 -0.60 18.28
CA GLU C 150 18.98 -0.02 17.65
C GLU C 150 19.67 0.91 18.59
N ARG C 151 18.89 1.41 19.56
CA ARG C 151 19.37 2.13 20.76
C ARG C 151 20.22 1.19 21.65
N LEU C 152 19.66 0.02 21.98
CA LEU C 152 20.33 -0.88 22.94
C LEU C 152 21.62 -1.38 22.38
N THR C 153 21.61 -1.65 21.08
CA THR C 153 22.76 -2.06 20.30
C THR C 153 23.83 -1.02 20.24
N GLU C 154 23.43 0.19 19.79
CA GLU C 154 24.42 1.26 19.60
C GLU C 154 25.23 1.48 20.83
N ARG C 155 24.53 1.30 21.98
CA ARG C 155 25.07 1.23 23.35
C ARG C 155 25.96 0.09 23.73
N GLY C 156 25.95 -1.00 22.97
CA GLY C 156 26.91 -2.12 23.24
C GLY C 156 26.30 -3.27 23.99
N VAL C 157 25.05 -3.03 24.39
CA VAL C 157 24.20 -4.02 25.03
C VAL C 157 23.99 -5.26 24.22
N LYS C 158 24.66 -6.32 24.65
CA LYS C 158 24.61 -7.69 24.06
C LYS C 158 23.24 -8.49 24.27
N PHE C 159 22.94 -9.41 23.38
CA PHE C 159 21.62 -9.95 23.28
C PHE C 159 21.68 -11.43 22.97
N PHE C 160 21.10 -12.29 23.82
CA PHE C 160 21.02 -13.74 23.56
C PHE C 160 19.69 -14.37 23.64
N GLN C 161 19.54 -15.43 22.90
CA GLN C 161 18.20 -15.83 22.53
C GLN C 161 18.11 -17.08 23.31
N ARG C 162 17.68 -17.01 24.55
CA ARG C 162 17.67 -18.21 25.32
C ARG C 162 16.52 -18.25 26.31
N LYS C 163 16.18 -19.46 26.75
CA LYS C 163 15.23 -19.69 27.80
C LYS C 163 16.08 -20.02 28.99
N VAL C 164 15.95 -19.15 29.98
CA VAL C 164 16.59 -19.20 31.29
C VAL C 164 15.73 -20.08 32.16
N GLU C 165 16.20 -21.23 32.63
CA GLU C 165 15.32 -22.02 33.51
C GLU C 165 15.16 -21.53 34.95
N SER C 166 15.86 -20.52 35.46
CA SER C 166 15.81 -20.17 36.94
C SER C 166 16.73 -19.00 37.30
N PHE C 167 16.44 -18.24 38.35
CA PHE C 167 17.40 -17.17 38.68
C PHE C 167 18.81 -17.65 39.02
N GLU C 168 19.01 -18.82 39.61
CA GLU C 168 20.40 -19.31 39.93
C GLU C 168 21.27 -19.67 38.72
N GLU C 169 20.75 -20.37 37.69
CA GLU C 169 21.48 -20.53 36.41
C GLU C 169 22.16 -19.22 36.02
N VAL C 170 21.52 -18.11 36.34
CA VAL C 170 22.08 -16.88 35.87
C VAL C 170 23.11 -16.22 36.86
N ALA C 171 22.63 -15.94 38.08
CA ALA C 171 23.45 -15.91 39.32
C ALA C 171 24.79 -16.59 39.09
N ARG C 172 24.82 -17.91 39.33
CA ARG C 172 25.94 -18.77 38.97
C ARG C 172 26.62 -18.11 37.81
N GLU C 173 25.99 -18.03 36.63
CA GLU C 173 26.78 -17.68 35.41
C GLU C 173 27.60 -16.33 35.33
N GLY C 174 27.57 -15.54 36.42
CA GLY C 174 28.54 -14.43 36.62
C GLY C 174 27.92 -13.07 37.00
N ALA C 175 26.59 -13.08 37.18
CA ALA C 175 25.84 -11.84 37.07
C ALA C 175 25.67 -11.31 38.43
N ASP C 176 26.29 -10.15 38.65
CA ASP C 176 26.02 -9.28 39.80
C ASP C 176 24.48 -9.00 39.95
N VAL C 177 23.87 -8.32 38.98
CA VAL C 177 22.39 -8.02 39.01
C VAL C 177 21.49 -8.61 37.86
N ILE C 178 20.32 -9.12 38.26
CA ILE C 178 19.25 -9.70 37.35
C ILE C 178 17.88 -8.92 37.27
N VAL C 179 17.52 -8.49 36.04
CA VAL C 179 16.22 -7.82 35.81
C VAL C 179 15.20 -8.70 35.12
N ASN C 180 14.10 -8.93 35.83
CA ASN C 180 13.06 -9.93 35.50
C ASN C 180 11.84 -9.31 34.82
N CYS C 181 11.84 -9.40 33.50
CA CYS C 181 10.86 -8.74 32.74
C CYS C 181 10.23 -9.75 31.86
N THR C 182 9.85 -10.84 32.44
CA THR C 182 9.42 -11.97 31.66
C THR C 182 7.89 -12.05 31.62
N GLY C 183 7.21 -10.96 31.82
CA GLY C 183 5.78 -11.02 32.14
C GLY C 183 5.02 -12.33 32.46
N VAL C 184 4.08 -12.66 31.58
CA VAL C 184 3.07 -13.61 31.86
C VAL C 184 3.76 -14.84 32.32
N TRP C 185 4.94 -15.10 31.76
CA TRP C 185 5.72 -16.24 32.18
C TRP C 185 6.58 -16.12 33.42
N ALA C 186 6.36 -15.12 34.28
CA ALA C 186 7.31 -14.93 35.35
C ALA C 186 7.24 -16.13 36.28
N GLY C 187 5.99 -16.55 36.57
CA GLY C 187 5.64 -17.49 37.63
C GLY C 187 6.42 -18.76 37.49
N ALA C 188 7.08 -18.95 36.34
CA ALA C 188 7.88 -20.13 36.10
C ALA C 188 9.36 -19.87 36.53
N LEU C 189 9.61 -18.85 37.31
CA LEU C 189 10.98 -18.78 37.75
C LEU C 189 10.85 -18.71 39.26
N GLN C 190 9.57 -18.53 39.63
CA GLN C 190 9.10 -18.19 40.97
C GLN C 190 7.54 -18.29 41.13
N ARG C 191 7.00 -19.40 41.69
CA ARG C 191 5.54 -19.57 41.83
C ARG C 191 4.93 -18.20 42.14
N ASP C 192 4.00 -17.67 41.32
CA ASP C 192 3.25 -16.41 41.63
C ASP C 192 1.74 -16.45 41.41
N PRO C 193 0.94 -17.02 42.36
CA PRO C 193 -0.45 -17.26 41.90
C PRO C 193 -1.32 -15.96 41.83
N LEU C 194 -0.77 -14.83 42.26
CA LEU C 194 -1.41 -13.55 41.89
C LEU C 194 -1.24 -13.08 40.34
N LEU C 195 -0.31 -13.74 39.60
CA LEU C 195 -0.15 -13.65 38.12
C LEU C 195 -0.82 -14.79 37.26
N GLN C 196 -1.69 -14.42 36.31
CA GLN C 196 -2.34 -15.42 35.38
C GLN C 196 -2.65 -14.78 33.99
N PRO C 197 -2.79 -15.60 32.92
CA PRO C 197 -2.88 -14.95 31.61
C PRO C 197 -4.21 -14.29 31.35
N GLY C 198 -4.17 -13.00 31.05
CA GLY C 198 -5.24 -12.36 30.29
C GLY C 198 -5.19 -12.61 28.78
N ARG C 199 -5.86 -13.65 28.29
CA ARG C 199 -5.74 -13.90 26.88
C ARG C 199 -6.48 -12.86 26.10
N GLY C 200 -5.95 -12.44 24.96
CA GLY C 200 -6.70 -11.59 23.99
C GLY C 200 -6.32 -11.88 22.52
N GLN C 201 -7.21 -11.57 21.59
CA GLN C 201 -6.97 -11.94 20.26
C GLN C 201 -7.38 -10.65 19.61
N ILE C 202 -6.66 -10.24 18.55
CA ILE C 202 -6.97 -9.04 17.75
C ILE C 202 -6.73 -9.41 16.30
N MET C 203 -7.17 -8.54 15.38
CA MET C 203 -7.32 -8.81 13.92
C MET C 203 -7.02 -7.48 13.27
N LYS C 204 -6.10 -7.47 12.30
CA LYS C 204 -5.61 -6.26 11.69
C LYS C 204 -6.27 -6.20 10.33
N VAL C 205 -7.07 -5.16 10.16
CA VAL C 205 -7.81 -4.94 8.99
C VAL C 205 -7.24 -3.73 8.32
N ASP C 206 -7.38 -3.68 7.02
CA ASP C 206 -6.99 -2.51 6.22
C ASP C 206 -8.23 -1.68 5.87
N ALA C 207 -8.54 -0.69 6.74
CA ALA C 207 -9.53 0.34 6.45
C ALA C 207 -8.89 1.69 6.71
N PRO C 208 -8.31 2.28 5.66
CA PRO C 208 -7.54 3.51 5.96
C PRO C 208 -8.49 4.71 6.20
N TRP C 209 -9.79 4.56 5.99
CA TRP C 209 -10.62 5.72 6.30
C TRP C 209 -10.85 5.92 7.78
N MET C 210 -10.47 4.96 8.62
CA MET C 210 -10.68 5.18 10.03
C MET C 210 -9.66 6.21 10.58
N LYS C 211 -10.10 7.42 10.92
CA LYS C 211 -9.19 8.36 11.63
C LYS C 211 -9.26 8.28 13.16
N HIS C 212 -10.22 7.54 13.73
CA HIS C 212 -10.53 7.70 15.16
C HIS C 212 -10.57 6.27 15.80
N PHE C 213 -9.79 6.04 16.87
CA PHE C 213 -10.16 5.01 17.89
C PHE C 213 -11.59 5.15 18.56
N ILE C 214 -12.25 3.99 18.64
CA ILE C 214 -13.54 3.79 19.27
C ILE C 214 -13.53 2.59 20.28
N LEU C 215 -13.76 2.86 21.57
CA LEU C 215 -13.60 1.83 22.58
C LEU C 215 -14.94 1.77 23.17
N THR C 216 -15.54 0.58 23.13
CA THR C 216 -16.81 0.40 23.85
C THR C 216 -16.50 -0.19 25.26
N HIS C 217 -17.23 0.33 26.29
CA HIS C 217 -17.21 -0.32 27.64
C HIS C 217 -18.58 -0.78 28.13
N ASP C 218 -18.53 -1.94 28.80
CA ASP C 218 -19.71 -2.65 29.32
C ASP C 218 -19.36 -3.59 30.52
N PRO C 219 -19.78 -3.25 31.80
CA PRO C 219 -19.40 -4.17 32.90
C PRO C 219 -20.03 -5.57 32.73
N GLU C 220 -21.22 -5.71 32.10
CA GLU C 220 -21.83 -7.04 31.87
C GLU C 220 -20.90 -8.07 31.14
N ARG C 221 -19.85 -7.61 30.42
CA ARG C 221 -18.88 -8.55 29.77
C ARG C 221 -17.46 -8.22 30.11
N GLY C 222 -17.19 -6.92 30.15
CA GLY C 222 -16.15 -6.37 31.02
C GLY C 222 -14.89 -5.85 30.34
N ILE C 223 -13.86 -5.68 31.17
CA ILE C 223 -12.63 -4.96 30.84
C ILE C 223 -11.97 -5.60 29.61
N TYR C 224 -11.53 -4.75 28.65
CA TYR C 224 -10.96 -5.20 27.35
C TYR C 224 -11.68 -6.41 26.75
N ASN C 225 -13.01 -6.50 26.90
CA ASN C 225 -13.76 -7.70 26.49
C ASN C 225 -14.94 -7.21 25.76
N SER C 226 -14.80 -5.97 25.38
CA SER C 226 -15.81 -5.25 24.74
C SER C 226 -15.12 -4.80 23.43
N PRO C 227 -15.85 -4.84 22.32
CA PRO C 227 -15.38 -4.29 21.04
C PRO C 227 -14.55 -2.98 21.07
N TYR C 228 -13.38 -2.98 20.46
CA TYR C 228 -12.66 -1.73 20.12
C TYR C 228 -11.97 -1.67 18.69
N ILE C 229 -11.65 -0.43 18.30
CA ILE C 229 -11.28 -0.13 16.93
C ILE C 229 -10.23 0.88 17.12
N ILE C 230 -9.00 0.38 17.14
CA ILE C 230 -7.76 1.19 17.17
C ILE C 230 -7.02 1.22 15.82
N PRO C 231 -6.95 2.39 15.17
CA PRO C 231 -6.00 2.64 14.05
C PRO C 231 -4.50 2.54 14.35
N GLY C 232 -3.84 1.62 13.68
CA GLY C 232 -2.40 1.51 13.75
C GLY C 232 -1.96 2.43 12.64
N THR C 233 -0.66 2.45 12.36
CA THR C 233 -0.18 3.31 11.30
C THR C 233 -0.64 2.75 9.95
N GLN C 234 -0.40 1.47 9.81
CA GLN C 234 -0.50 0.74 8.57
C GLN C 234 -1.91 0.18 8.39
N THR C 235 -2.56 0.10 9.49
CA THR C 235 -3.60 -0.78 9.43
C THR C 235 -4.54 -0.53 10.63
N VAL C 236 -5.63 -1.24 10.67
CA VAL C 236 -6.52 -0.86 11.67
C VAL C 236 -6.76 -2.12 12.44
N THR C 237 -6.65 -1.98 13.77
CA THR C 237 -6.68 -3.10 14.65
C THR C 237 -8.04 -3.38 15.24
N LEU C 238 -8.58 -4.59 15.06
CA LEU C 238 -9.87 -4.98 15.65
C LEU C 238 -9.61 -5.98 16.78
N GLY C 239 -10.12 -5.72 18.00
CA GLY C 239 -10.04 -6.59 19.22
C GLY C 239 -11.28 -6.42 20.11
N GLY C 240 -11.23 -6.91 21.35
CA GLY C 240 -12.39 -6.93 22.26
C GLY C 240 -12.46 -8.23 23.10
N ILE C 241 -11.37 -9.01 23.15
CA ILE C 241 -11.39 -10.33 23.83
C ILE C 241 -10.50 -10.51 25.03
N PHE C 242 -11.15 -10.87 26.12
CA PHE C 242 -10.50 -11.05 27.42
C PHE C 242 -10.88 -12.33 28.15
N GLN C 243 -9.89 -13.12 28.64
CA GLN C 243 -10.11 -14.49 29.24
C GLN C 243 -8.99 -14.86 30.23
N LEU C 244 -9.20 -14.56 31.51
CA LEU C 244 -8.30 -15.02 32.58
C LEU C 244 -8.18 -16.48 32.41
N GLY C 245 -6.98 -16.93 32.18
CA GLY C 245 -6.69 -18.29 32.42
C GLY C 245 -6.43 -19.10 31.19
N ASN C 246 -6.76 -18.60 30.04
CA ASN C 246 -6.55 -19.41 28.85
C ASN C 246 -5.11 -19.25 28.32
N TRP C 247 -4.38 -20.37 28.08
CA TRP C 247 -2.95 -20.35 27.82
C TRP C 247 -2.63 -20.66 26.40
N SER C 248 -3.63 -20.48 25.56
CA SER C 248 -3.59 -20.97 24.16
C SER C 248 -3.28 -19.83 23.26
N GLU C 249 -2.02 -19.75 22.91
CA GLU C 249 -1.64 -18.95 21.81
C GLU C 249 -2.07 -19.75 20.61
N LEU C 250 -3.26 -19.53 20.09
CA LEU C 250 -3.55 -20.14 18.83
C LEU C 250 -4.81 -19.48 18.47
N ASN C 251 -4.91 -19.01 17.21
CA ASN C 251 -6.11 -18.28 16.82
C ASN C 251 -7.42 -18.99 16.93
N ASN C 252 -8.34 -18.34 17.64
CA ASN C 252 -9.63 -18.89 17.81
C ASN C 252 -10.70 -18.39 16.85
N ILE C 253 -11.14 -19.29 16.01
CA ILE C 253 -12.27 -19.02 15.18
C ILE C 253 -13.53 -18.43 15.82
N GLN C 254 -13.90 -18.78 17.06
CA GLN C 254 -15.11 -18.09 17.51
C GLN C 254 -14.69 -16.74 17.89
N ASP C 255 -13.55 -16.66 18.59
CA ASP C 255 -13.05 -15.33 18.95
C ASP C 255 -12.97 -14.42 17.70
N HIS C 256 -12.52 -14.97 16.59
CA HIS C 256 -12.75 -14.35 15.36
C HIS C 256 -14.24 -13.84 15.30
N ASN C 257 -15.22 -14.74 15.17
CA ASN C 257 -16.62 -14.25 14.95
C ASN C 257 -17.05 -13.17 15.94
N THR C 258 -16.52 -13.23 17.16
CA THR C 258 -16.94 -12.27 18.15
C THR C 258 -16.42 -10.84 17.86
N ILE C 259 -15.10 -10.71 17.57
CA ILE C 259 -14.45 -9.48 17.11
C ILE C 259 -15.14 -8.86 15.85
N TRP C 260 -15.31 -9.67 14.80
CA TRP C 260 -15.78 -9.03 13.57
C TRP C 260 -17.27 -8.66 13.67
N GLU C 261 -18.05 -9.31 14.52
CA GLU C 261 -19.39 -8.78 14.73
C GLU C 261 -19.38 -7.51 15.63
N GLY C 262 -18.68 -7.56 16.78
CA GLY C 262 -18.55 -6.42 17.70
C GLY C 262 -18.12 -5.22 16.89
N CYS C 263 -17.08 -5.39 16.09
CA CYS C 263 -16.57 -4.21 15.39
C CYS C 263 -17.47 -3.72 14.30
N CYS C 264 -18.04 -4.66 13.55
CA CYS C 264 -18.86 -4.31 12.44
C CYS C 264 -20.01 -3.50 12.88
N ARG C 265 -20.69 -4.02 13.92
CA ARG C 265 -21.93 -3.46 14.53
C ARG C 265 -21.50 -2.09 14.88
N LEU C 266 -20.61 -2.02 15.83
CA LEU C 266 -20.10 -0.75 16.22
C LEU C 266 -19.85 0.21 15.00
N GLU C 267 -19.54 -0.30 13.80
CA GLU C 267 -18.93 0.53 12.80
C GLU C 267 -19.07 0.00 11.33
N PRO C 268 -20.30 0.02 10.79
CA PRO C 268 -20.59 -0.79 9.60
C PRO C 268 -19.63 -0.73 8.46
N THR C 269 -18.99 0.42 8.23
CA THR C 269 -18.27 0.70 6.96
C THR C 269 -17.10 -0.25 6.87
N LEU C 270 -16.97 -1.03 7.94
CA LEU C 270 -15.95 -2.01 8.16
C LEU C 270 -16.30 -3.34 7.51
N LYS C 271 -17.57 -3.63 7.19
CA LYS C 271 -17.72 -4.87 6.43
C LYS C 271 -16.90 -4.89 5.14
N ASN C 272 -16.56 -3.74 4.65
CA ASN C 272 -15.52 -3.68 3.62
C ASN C 272 -14.01 -3.65 4.01
N ALA C 273 -13.63 -3.67 5.28
CA ALA C 273 -12.19 -3.80 5.54
C ALA C 273 -11.64 -5.07 4.89
N ARG C 274 -10.37 -5.08 4.49
CA ARG C 274 -9.71 -6.28 4.02
C ARG C 274 -9.09 -6.83 5.29
N ILE C 275 -9.46 -8.04 5.70
CA ILE C 275 -8.72 -8.67 6.82
C ILE C 275 -7.30 -8.95 6.35
N ILE C 276 -6.26 -8.66 7.16
CA ILE C 276 -4.90 -8.96 6.72
C ILE C 276 -4.24 -9.87 7.64
N GLY C 277 -4.26 -9.66 8.95
CA GLY C 277 -3.57 -10.56 9.88
C GLY C 277 -4.46 -10.72 11.10
N GLU C 278 -4.11 -11.60 12.01
CA GLU C 278 -4.88 -11.86 13.23
C GLU C 278 -3.91 -12.49 14.12
N ARG C 279 -4.09 -12.30 15.39
CA ARG C 279 -3.04 -12.53 16.38
C ARG C 279 -3.55 -12.82 17.84
N THR C 280 -2.91 -13.74 18.53
CA THR C 280 -3.31 -14.02 19.92
C THR C 280 -2.22 -13.50 20.94
N GLY C 281 -2.62 -12.96 22.09
CA GLY C 281 -1.70 -12.41 23.09
C GLY C 281 -2.11 -12.85 24.49
N PHE C 282 -1.28 -12.50 25.48
CA PHE C 282 -1.42 -12.86 26.85
C PHE C 282 -0.99 -11.63 27.66
N ARG C 283 -2.03 -10.95 28.17
CA ARG C 283 -1.94 -9.82 29.07
C ARG C 283 -1.49 -10.36 30.43
N PRO C 284 -0.25 -10.05 30.90
CA PRO C 284 0.15 -10.57 32.21
C PRO C 284 -0.64 -9.80 33.30
N VAL C 285 -1.71 -10.47 33.76
CA VAL C 285 -2.61 -9.89 34.72
C VAL C 285 -2.23 -10.21 36.22
N ARG C 286 -2.22 -9.12 37.00
CA ARG C 286 -1.98 -9.05 38.47
C ARG C 286 -2.79 -7.97 39.18
N PRO C 287 -3.18 -8.26 40.44
CA PRO C 287 -3.91 -7.19 41.12
C PRO C 287 -3.07 -5.90 41.20
N GLN C 288 -1.75 -6.00 40.98
CA GLN C 288 -0.92 -4.80 40.83
C GLN C 288 0.59 -5.00 40.52
N ILE C 289 1.23 -3.99 39.93
CA ILE C 289 2.43 -4.31 39.20
C ILE C 289 3.47 -4.81 40.10
N ARG C 290 4.34 -5.68 39.61
CA ARG C 290 5.36 -6.22 40.50
C ARG C 290 6.75 -5.61 40.31
N LEU C 291 7.03 -4.60 41.14
CA LEU C 291 8.19 -3.73 41.02
C LEU C 291 8.80 -3.33 42.37
N GLU C 292 9.56 -4.28 42.82
CA GLU C 292 10.30 -4.18 44.03
C GLU C 292 11.52 -5.05 43.73
N ARG C 293 12.44 -5.10 44.71
CA ARG C 293 13.67 -5.92 44.69
C ARG C 293 13.55 -7.31 45.35
N GLU C 294 14.54 -8.16 45.19
CA GLU C 294 14.74 -9.24 46.15
C GLU C 294 16.11 -9.82 46.06
N GLN C 295 16.76 -9.76 47.20
CA GLN C 295 18.09 -10.29 47.40
C GLN C 295 17.88 -11.78 47.40
N LEU C 296 18.42 -12.43 46.36
CA LEU C 296 18.24 -13.85 46.16
C LEU C 296 19.29 -14.62 46.90
N ARG C 297 18.98 -14.89 48.17
CA ARG C 297 19.70 -15.87 48.99
C ARG C 297 20.09 -17.14 48.16
N THR C 298 21.36 -17.15 47.70
CA THR C 298 21.86 -18.15 46.74
C THR C 298 23.40 -18.40 46.83
N GLY C 299 23.74 -19.66 47.23
CA GLY C 299 25.04 -20.06 47.81
C GLY C 299 25.81 -18.89 48.46
N PRO C 300 27.20 -18.95 48.45
CA PRO C 300 28.25 -17.87 48.63
C PRO C 300 27.92 -16.31 48.71
N SER C 301 27.39 -15.69 47.65
CA SER C 301 26.61 -14.43 47.83
C SER C 301 25.36 -14.36 46.95
N ASN C 302 24.25 -14.31 47.68
CA ASN C 302 23.08 -13.59 47.23
C ASN C 302 23.44 -12.46 46.27
N THR C 303 23.00 -12.70 45.04
CA THR C 303 22.95 -11.67 44.00
C THR C 303 21.56 -10.95 44.13
N GLU C 304 21.29 -9.91 43.39
CA GLU C 304 20.04 -9.16 43.61
C GLU C 304 19.17 -9.17 42.34
N VAL C 305 17.87 -9.07 42.52
CA VAL C 305 17.01 -9.16 41.35
C VAL C 305 16.02 -8.03 41.47
N ILE C 306 15.79 -7.34 40.34
CA ILE C 306 14.66 -6.42 40.22
C ILE C 306 13.54 -7.10 39.38
N HIS C 307 12.37 -7.19 40.01
CA HIS C 307 11.14 -7.67 39.40
C HIS C 307 10.38 -6.50 38.85
N ASN C 308 10.11 -6.63 37.56
CA ASN C 308 9.35 -5.69 36.82
C ASN C 308 8.38 -6.46 35.89
N TYR C 309 7.24 -6.92 36.42
CA TYR C 309 6.35 -7.83 35.67
C TYR C 309 4.89 -7.70 36.04
N GLY C 310 4.05 -8.43 35.30
CA GLY C 310 2.56 -8.33 35.40
C GLY C 310 1.87 -6.99 35.09
N HIS C 311 2.05 -6.49 33.86
CA HIS C 311 1.43 -5.17 33.50
C HIS C 311 0.02 -5.33 32.87
N GLY C 312 -0.35 -6.59 32.59
CA GLY C 312 -1.63 -6.94 31.97
C GLY C 312 -2.03 -6.03 30.84
N GLY C 313 -2.96 -5.10 31.09
CA GLY C 313 -3.59 -4.38 30.01
C GLY C 313 -2.82 -3.22 29.47
N TYR C 314 -1.85 -2.74 30.23
CA TYR C 314 -1.37 -1.34 30.07
C TYR C 314 0.19 -1.14 30.03
N GLY C 315 0.91 -2.29 30.01
CA GLY C 315 2.35 -2.32 29.67
C GLY C 315 2.77 -1.12 28.84
N LEU C 316 2.35 -1.08 27.57
CA LEU C 316 2.59 0.07 26.74
C LEU C 316 2.30 1.45 27.40
N THR C 317 1.14 1.59 28.07
CA THR C 317 0.71 2.90 28.59
C THR C 317 1.60 3.37 29.72
N ILE C 318 2.20 2.39 30.39
CA ILE C 318 2.82 2.63 31.70
C ILE C 318 4.33 2.43 31.76
N HIS C 319 4.86 1.78 30.75
CA HIS C 319 6.24 1.30 30.68
C HIS C 319 7.46 2.08 31.20
N TRP C 320 7.48 3.35 30.84
CA TRP C 320 8.39 4.34 31.43
C TRP C 320 8.45 4.50 33.02
N GLY C 321 7.30 4.82 33.62
CA GLY C 321 7.16 4.64 35.06
C GLY C 321 8.16 3.59 35.46
N CYS C 322 7.84 2.36 35.14
CA CYS C 322 8.62 1.23 35.50
C CYS C 322 10.11 1.25 35.10
N ALA C 323 10.44 1.67 33.87
CA ALA C 323 11.86 1.64 33.51
C ALA C 323 12.67 2.56 34.49
N LEU C 324 12.11 3.77 34.73
CA LEU C 324 12.76 4.79 35.55
C LEU C 324 12.86 4.38 37.02
N GLU C 325 11.88 3.63 37.51
CA GLU C 325 11.89 3.07 38.84
C GLU C 325 12.87 1.96 38.90
N ALA C 326 12.60 0.86 38.26
CA ALA C 326 13.57 -0.20 38.34
C ALA C 326 14.98 0.38 38.11
N ALA C 327 15.06 1.52 37.45
CA ALA C 327 16.39 2.00 37.29
C ALA C 327 16.94 2.74 38.56
N LYS C 328 16.07 3.43 39.30
CA LYS C 328 16.43 3.94 40.65
C LYS C 328 16.82 2.81 41.61
N LEU C 329 15.98 1.76 41.69
CA LEU C 329 16.25 0.62 42.56
C LEU C 329 17.65 0.19 42.20
N PHE C 330 17.87 0.07 40.91
CA PHE C 330 19.18 -0.20 40.46
C PHE C 330 20.26 0.75 41.18
N GLY C 331 20.12 2.08 41.02
CA GLY C 331 20.96 3.05 41.73
C GLY C 331 21.29 2.61 43.15
N ARG C 332 20.25 2.53 44.02
CA ARG C 332 20.32 2.12 45.47
C ARG C 332 21.02 0.72 45.76
N ILE C 333 21.21 -0.09 44.71
CA ILE C 333 21.96 -1.31 44.78
C ILE C 333 23.46 -0.95 44.75
N LEU C 334 23.78 0.07 43.95
CA LEU C 334 25.18 0.56 43.81
C LEU C 334 25.66 1.32 45.06
N GLU C 335 24.77 2.05 45.71
CA GLU C 335 25.18 2.73 46.92
C GLU C 335 25.47 1.59 47.87
N GLU C 336 24.46 0.74 48.11
CA GLU C 336 24.62 -0.51 48.89
C GLU C 336 25.88 -1.30 48.54
N LYS C 337 26.01 -1.76 47.31
CA LYS C 337 27.25 -2.46 47.01
C LYS C 337 28.54 -1.55 47.10
N LYS C 338 28.37 -0.33 47.59
CA LYS C 338 29.44 0.70 47.69
C LYS C 338 30.36 1.06 46.43
N LEU C 339 29.75 1.41 45.29
CA LEU C 339 30.42 2.01 44.05
C LEU C 339 29.63 3.29 43.49
N SER C 340 29.08 4.15 44.38
CA SER C 340 28.06 5.19 44.01
C SER C 340 28.53 6.68 43.99
N MET D 1 -39.73 17.37 -22.34
CA MET D 1 -38.97 18.17 -21.30
C MET D 1 -37.46 17.85 -21.23
N ARG D 2 -36.72 18.44 -22.17
CA ARG D 2 -35.33 18.09 -22.50
C ARG D 2 -34.30 18.99 -21.68
N VAL D 3 -33.47 18.35 -20.81
CA VAL D 3 -32.66 19.13 -19.84
C VAL D 3 -31.13 18.97 -19.99
N VAL D 4 -30.37 20.06 -20.36
CA VAL D 4 -28.83 20.09 -20.38
C VAL D 4 -28.09 20.74 -19.19
N VAL D 5 -27.24 19.86 -18.64
CA VAL D 5 -26.31 20.20 -17.59
C VAL D 5 -24.90 20.31 -18.14
N ILE D 6 -24.34 21.53 -18.01
CA ILE D 6 -22.93 21.72 -18.48
C ILE D 6 -21.92 21.67 -17.37
N GLY D 7 -21.02 20.71 -17.44
CA GLY D 7 -20.01 20.62 -16.42
C GLY D 7 -20.25 19.46 -15.51
N ALA D 8 -19.22 18.64 -15.34
CA ALA D 8 -19.23 17.33 -14.69
C ALA D 8 -18.51 17.37 -13.32
N GLY D 9 -18.49 18.61 -12.79
CA GLY D 9 -17.64 19.05 -11.69
C GLY D 9 -18.42 18.53 -10.54
N VAL D 10 -18.04 18.82 -9.29
CA VAL D 10 -18.95 18.41 -8.20
C VAL D 10 -20.34 18.94 -8.58
N ILE D 11 -20.45 20.28 -8.66
CA ILE D 11 -21.71 20.97 -8.84
C ILE D 11 -22.67 20.45 -9.93
N GLY D 12 -22.18 20.36 -11.18
CA GLY D 12 -22.94 19.71 -12.26
C GLY D 12 -23.59 18.41 -11.74
N LEU D 13 -22.72 17.41 -11.51
CA LEU D 13 -23.14 16.06 -11.11
C LEU D 13 -24.15 16.07 -9.94
N SER D 14 -23.92 16.81 -8.87
CA SER D 14 -24.84 16.69 -7.73
C SER D 14 -26.15 17.31 -8.08
N THR D 15 -26.10 18.37 -8.83
CA THR D 15 -27.30 19.07 -9.10
C THR D 15 -28.05 18.22 -10.10
N ALA D 16 -27.32 17.80 -11.12
CA ALA D 16 -27.99 17.06 -12.15
C ALA D 16 -28.70 15.88 -11.48
N LEU D 17 -28.05 15.26 -10.49
CA LEU D 17 -28.69 14.22 -9.66
C LEU D 17 -29.81 14.75 -8.84
N CYS D 18 -29.56 15.82 -8.12
CA CYS D 18 -30.59 16.26 -7.26
C CYS D 18 -31.88 16.45 -8.01
N ILE D 19 -31.71 16.89 -9.27
CA ILE D 19 -32.84 17.20 -10.15
C ILE D 19 -33.60 15.93 -10.54
N HIS D 20 -32.96 14.95 -11.19
CA HIS D 20 -33.59 13.59 -11.39
C HIS D 20 -34.23 12.93 -10.15
N GLU D 21 -33.51 12.88 -9.01
CA GLU D 21 -34.13 12.29 -7.82
C GLU D 21 -35.44 13.05 -7.52
N ARG D 22 -35.53 14.37 -7.87
CA ARG D 22 -36.81 15.16 -7.68
C ARG D 22 -38.01 15.16 -8.62
N TYR D 23 -37.81 14.98 -9.92
CA TYR D 23 -38.90 15.05 -10.84
C TYR D 23 -38.79 13.93 -11.88
N HIS D 24 -38.60 12.67 -11.51
CA HIS D 24 -38.82 11.73 -12.63
C HIS D 24 -40.23 11.14 -12.59
N SER D 25 -40.76 11.04 -11.36
CA SER D 25 -42.18 10.60 -11.10
C SER D 25 -43.14 11.55 -11.84
N VAL D 26 -43.01 12.80 -11.39
CA VAL D 26 -43.88 13.93 -11.65
C VAL D 26 -43.80 14.51 -13.07
N LEU D 27 -42.66 14.42 -13.70
CA LEU D 27 -42.59 14.89 -15.04
C LEU D 27 -42.77 13.73 -15.95
N GLN D 28 -43.31 13.93 -17.12
CA GLN D 28 -43.16 12.76 -17.89
C GLN D 28 -41.82 12.68 -18.63
N PRO D 29 -41.79 12.89 -19.98
CA PRO D 29 -40.53 12.43 -20.68
C PRO D 29 -39.30 13.26 -20.31
N LEU D 30 -38.66 12.95 -19.16
CA LEU D 30 -37.60 13.83 -18.56
C LEU D 30 -36.18 13.34 -18.83
N ASP D 31 -35.49 13.97 -19.77
CA ASP D 31 -34.33 13.32 -20.33
C ASP D 31 -33.13 14.13 -20.16
N ILE D 32 -32.43 13.99 -19.00
CA ILE D 32 -31.19 14.74 -18.74
C ILE D 32 -29.92 14.13 -19.35
N LYS D 33 -29.39 14.87 -20.32
CA LYS D 33 -28.12 14.59 -20.91
C LYS D 33 -27.18 15.60 -20.20
N VAL D 34 -25.98 15.15 -19.83
CA VAL D 34 -24.95 16.04 -19.31
C VAL D 34 -23.82 16.19 -20.34
N TYR D 35 -23.39 17.45 -20.54
CA TYR D 35 -22.15 17.71 -21.31
C TYR D 35 -21.03 18.39 -20.51
N ALA D 36 -19.83 17.82 -20.62
CA ALA D 36 -18.64 18.46 -20.09
C ALA D 36 -17.36 18.43 -20.95
N ASP D 37 -16.54 19.47 -20.79
CA ASP D 37 -15.27 19.49 -21.50
C ASP D 37 -14.28 18.60 -20.73
N ARG D 38 -14.49 18.42 -19.41
CA ARG D 38 -13.65 17.50 -18.66
C ARG D 38 -14.38 16.74 -17.57
N PHE D 39 -13.97 15.47 -17.36
CA PHE D 39 -14.57 14.57 -16.34
C PHE D 39 -13.69 14.05 -15.25
N THR D 40 -14.38 13.34 -14.39
CA THR D 40 -13.89 12.74 -13.13
C THR D 40 -12.48 12.64 -12.63
N PRO D 41 -11.49 12.38 -13.50
CA PRO D 41 -10.07 12.70 -13.07
C PRO D 41 -9.58 14.16 -13.22
N LEU D 42 -10.12 14.89 -14.16
CA LEU D 42 -9.45 16.06 -14.58
C LEU D 42 -10.23 17.27 -14.26
N THR D 43 -10.94 17.25 -13.14
CA THR D 43 -11.77 18.42 -12.82
C THR D 43 -11.20 19.08 -11.63
N THR D 44 -11.59 20.30 -11.39
CA THR D 44 -11.11 20.96 -10.24
C THR D 44 -11.55 20.21 -9.00
N THR D 45 -12.83 19.84 -8.96
CA THR D 45 -13.32 19.11 -7.80
C THR D 45 -12.28 18.08 -7.49
N ASP D 46 -11.59 17.64 -8.52
CA ASP D 46 -10.64 16.55 -8.35
C ASP D 46 -9.43 16.76 -7.47
N VAL D 47 -9.03 18.00 -7.33
CA VAL D 47 -7.78 18.32 -6.75
C VAL D 47 -7.98 18.54 -5.21
N ALA D 48 -9.09 19.20 -4.88
CA ALA D 48 -9.63 19.41 -3.54
C ALA D 48 -9.62 18.19 -2.64
N ALA D 49 -9.00 18.38 -1.48
CA ALA D 49 -8.91 17.42 -0.38
C ALA D 49 -10.26 16.97 0.10
N GLY D 50 -11.21 17.88 0.11
CA GLY D 50 -12.62 17.57 0.26
C GLY D 50 -13.00 17.74 1.71
N LEU D 51 -12.29 18.61 2.41
CA LEU D 51 -12.61 18.73 3.80
C LEU D 51 -13.69 19.75 3.78
N TRP D 52 -14.71 19.55 4.63
CA TRP D 52 -15.81 20.49 4.81
C TRP D 52 -15.39 21.52 5.81
N GLN D 53 -15.49 22.78 5.38
CA GLN D 53 -15.13 23.94 6.20
C GLN D 53 -15.04 25.31 5.49
N PRO D 54 -16.10 26.16 5.68
CA PRO D 54 -16.12 27.56 5.12
C PRO D 54 -15.43 28.63 5.98
N TYR D 55 -15.05 29.71 5.30
CA TYR D 55 -14.34 30.90 5.82
C TYR D 55 -14.72 31.20 7.26
N LEU D 56 -13.80 30.93 8.18
CA LEU D 56 -13.79 31.55 9.52
C LEU D 56 -14.84 32.73 9.65
N SER D 57 -14.71 33.73 8.75
CA SER D 57 -15.58 34.94 8.63
C SER D 57 -16.83 34.88 7.71
N ASP D 58 -17.88 35.62 8.11
CA ASP D 58 -19.31 35.29 7.87
C ASP D 58 -19.92 35.63 6.50
N PRO D 59 -20.94 34.87 6.00
CA PRO D 59 -20.95 34.93 4.56
C PRO D 59 -21.58 36.25 4.26
N ASN D 60 -20.94 36.98 3.34
CA ASN D 60 -21.51 38.21 2.78
C ASN D 60 -23.00 37.99 2.40
N ASN D 61 -23.35 36.75 1.98
CA ASN D 61 -24.77 36.30 1.82
C ASN D 61 -25.27 35.15 2.78
N PRO D 62 -25.95 35.48 3.90
CA PRO D 62 -26.22 34.36 4.84
C PRO D 62 -27.08 33.14 4.34
N GLN D 63 -27.69 33.21 3.14
CA GLN D 63 -28.24 31.95 2.62
C GLN D 63 -27.08 30.94 2.57
N GLU D 64 -25.96 31.33 1.91
CA GLU D 64 -24.84 30.42 1.67
C GLU D 64 -24.56 29.62 2.91
N ALA D 65 -24.33 30.33 4.04
CA ALA D 65 -24.05 29.68 5.32
C ALA D 65 -24.97 28.50 5.48
N ASP D 66 -26.18 28.64 4.99
CA ASP D 66 -27.16 27.59 5.21
C ASP D 66 -27.06 26.44 4.30
N TRP D 67 -26.71 26.76 3.05
CA TRP D 67 -26.32 25.77 2.04
C TRP D 67 -25.23 24.79 2.54
N SER D 68 -24.12 25.36 3.03
CA SER D 68 -23.14 24.55 3.78
C SER D 68 -23.70 23.78 4.98
N GLN D 69 -24.73 24.30 5.68
CA GLN D 69 -25.30 23.56 6.82
C GLN D 69 -25.99 22.34 6.26
N GLN D 70 -26.98 22.55 5.42
CA GLN D 70 -27.66 21.43 4.79
C GLN D 70 -26.61 20.44 4.28
N THR D 71 -25.58 20.94 3.54
CA THR D 71 -24.58 20.03 2.93
C THR D 71 -24.13 19.06 4.01
N PHE D 72 -23.51 19.62 5.05
CA PHE D 72 -23.10 18.89 6.25
C PHE D 72 -23.97 17.81 6.83
N ASP D 73 -25.17 18.25 7.25
CA ASP D 73 -26.13 17.30 7.83
C ASP D 73 -26.22 16.14 6.85
N TYR D 74 -26.57 16.45 5.62
CA TYR D 74 -26.94 15.46 4.69
C TYR D 74 -25.86 14.37 4.67
N LEU D 75 -24.62 14.76 4.43
CA LEU D 75 -23.56 13.75 4.48
C LEU D 75 -23.45 13.01 5.83
N LEU D 76 -23.39 13.76 6.93
CA LEU D 76 -23.10 13.20 8.25
C LEU D 76 -24.17 12.20 8.68
N SER D 77 -25.34 12.30 8.05
CA SER D 77 -26.38 11.28 8.17
C SER D 77 -26.11 10.05 7.28
N HIS D 78 -25.12 10.16 6.38
CA HIS D 78 -24.60 9.09 5.51
C HIS D 78 -23.26 8.40 6.02
N VAL D 79 -22.39 9.11 6.73
CA VAL D 79 -21.30 8.47 7.47
C VAL D 79 -21.27 6.93 7.66
N HIS D 80 -22.38 6.33 8.12
CA HIS D 80 -22.41 4.92 8.57
C HIS D 80 -23.40 4.05 7.82
N SER D 81 -23.11 3.88 6.55
CA SER D 81 -23.75 2.85 5.74
C SER D 81 -22.68 2.29 4.71
N PRO D 82 -23.03 1.17 3.96
CA PRO D 82 -22.07 0.46 3.05
C PRO D 82 -21.38 1.53 2.27
N ASN D 83 -22.22 2.26 1.53
CA ASN D 83 -21.91 3.35 0.62
C ASN D 83 -20.69 4.28 0.97
N ALA D 84 -20.46 4.60 2.28
CA ALA D 84 -19.61 5.77 2.75
C ALA D 84 -18.15 5.68 2.35
N GLU D 85 -17.40 4.71 2.87
CA GLU D 85 -16.06 4.48 2.36
C GLU D 85 -16.11 4.60 0.83
N ASN D 86 -17.25 4.29 0.20
CA ASN D 86 -17.45 4.43 -1.29
C ASN D 86 -17.47 5.81 -1.96
N LEU D 87 -18.44 6.66 -1.57
CA LEU D 87 -18.37 8.09 -1.93
C LEU D 87 -17.07 8.64 -1.49
N GLY D 88 -16.46 8.06 -0.46
CA GLY D 88 -15.22 8.56 0.04
C GLY D 88 -15.42 9.53 1.16
N LEU D 89 -16.25 9.17 2.15
CA LEU D 89 -16.81 10.01 3.27
C LEU D 89 -16.52 9.39 4.61
N PHE D 90 -15.74 10.05 5.43
CA PHE D 90 -15.38 9.51 6.74
C PHE D 90 -15.24 10.70 7.68
N LEU D 91 -15.12 10.43 8.97
CA LEU D 91 -15.04 11.50 9.95
C LEU D 91 -13.61 11.74 10.20
N ILE D 92 -13.23 12.99 10.37
CA ILE D 92 -11.87 13.32 10.77
C ILE D 92 -11.90 14.48 11.77
N SER D 93 -10.87 14.59 12.65
CA SER D 93 -10.73 15.69 13.65
C SER D 93 -9.51 16.51 13.39
N GLY D 94 -9.38 17.72 13.95
CA GLY D 94 -8.12 18.45 13.72
C GLY D 94 -7.99 19.94 13.97
N TYR D 95 -6.84 20.48 13.58
CA TYR D 95 -6.30 21.75 14.07
C TYR D 95 -6.47 22.89 13.08
N ASN D 96 -7.13 23.96 13.58
CA ASN D 96 -7.01 25.33 13.08
C ASN D 96 -6.10 26.12 13.99
N LEU D 97 -5.01 26.60 13.43
CA LEU D 97 -4.13 27.44 14.19
C LEU D 97 -4.17 28.92 13.79
N PHE D 98 -3.54 29.77 14.59
CA PHE D 98 -3.83 31.17 14.50
C PHE D 98 -2.82 31.80 15.32
N HIS D 99 -2.16 32.78 14.69
CA HIS D 99 -1.14 33.65 15.34
C HIS D 99 -1.62 34.42 16.55
N GLU D 100 -2.91 34.74 16.54
CA GLU D 100 -3.52 35.60 17.52
C GLU D 100 -4.87 35.05 17.89
N ALA D 101 -5.41 35.53 18.98
CA ALA D 101 -6.82 35.27 19.13
C ALA D 101 -7.51 35.81 17.88
N ILE D 102 -8.68 35.25 17.64
CA ILE D 102 -9.63 35.56 16.54
C ILE D 102 -10.97 35.20 17.19
N PRO D 103 -12.07 35.57 16.59
CA PRO D 103 -13.33 35.19 17.22
C PRO D 103 -14.01 33.97 16.61
N ASP D 104 -14.43 32.99 17.40
CA ASP D 104 -15.28 31.89 16.93
C ASP D 104 -15.91 32.01 15.59
N PRO D 105 -16.08 30.90 14.83
CA PRO D 105 -16.77 31.05 13.51
C PRO D 105 -18.29 30.77 13.62
N SER D 106 -19.02 31.06 12.54
CA SER D 106 -20.51 31.00 12.60
C SER D 106 -20.92 29.58 12.76
N TRP D 107 -20.48 28.73 11.83
CA TRP D 107 -20.66 27.27 11.85
C TRP D 107 -20.31 26.57 13.19
N LYS D 108 -19.53 27.21 14.08
CA LYS D 108 -18.90 26.47 15.20
C LYS D 108 -19.83 25.49 15.93
N ASP D 109 -21.15 25.72 15.80
CA ASP D 109 -22.16 24.75 16.24
C ASP D 109 -22.57 23.59 15.27
N THR D 110 -21.97 23.57 14.08
CA THR D 110 -22.37 22.61 13.07
C THR D 110 -21.48 21.39 13.18
N VAL D 111 -20.19 21.63 13.33
CA VAL D 111 -19.24 20.51 13.41
C VAL D 111 -19.39 19.82 14.75
N LEU D 112 -18.71 18.70 14.90
CA LEU D 112 -18.85 17.92 16.08
C LEU D 112 -17.86 18.39 17.11
N GLY D 113 -18.33 18.64 18.30
CA GLY D 113 -17.46 18.96 19.39
C GLY D 113 -16.44 19.97 19.00
N PHE D 114 -16.86 21.17 18.60
CA PHE D 114 -15.92 22.30 18.44
C PHE D 114 -15.41 22.67 19.82
N ARG D 115 -14.26 23.36 19.92
CA ARG D 115 -13.69 23.83 21.19
C ARG D 115 -12.28 24.35 21.00
N LYS D 116 -11.93 25.46 21.63
CA LYS D 116 -10.57 26.04 21.44
C LYS D 116 -9.45 25.12 22.00
N LEU D 117 -8.18 25.41 21.72
CA LEU D 117 -7.10 24.50 21.98
C LEU D 117 -6.31 24.85 23.21
N THR D 118 -6.59 24.11 24.30
CA THR D 118 -5.87 24.06 25.62
C THR D 118 -4.40 24.57 25.73
N PRO D 119 -3.94 24.93 26.94
CA PRO D 119 -2.56 25.46 26.92
C PRO D 119 -1.54 24.38 26.54
N ARG D 120 -1.74 23.14 27.05
CA ARG D 120 -0.98 21.88 26.66
C ARG D 120 -0.76 21.57 25.11
N GLU D 121 -1.77 21.93 24.31
CA GLU D 121 -1.79 21.72 22.87
C GLU D 121 -1.04 22.75 22.07
N LEU D 122 -1.19 24.03 22.44
CA LEU D 122 -0.51 25.11 21.68
C LEU D 122 1.04 24.89 21.76
N ASP D 123 1.40 24.08 22.73
CA ASP D 123 2.75 23.70 22.97
C ASP D 123 3.37 22.74 22.01
N MET D 124 2.60 21.99 21.23
CA MET D 124 3.31 21.28 20.20
C MET D 124 3.38 22.12 18.93
N PHE D 125 2.87 23.36 18.93
CA PHE D 125 3.11 24.14 17.76
C PHE D 125 3.68 25.50 18.10
N PRO D 126 5.03 25.67 18.00
CA PRO D 126 5.70 26.96 18.26
C PRO D 126 5.20 28.11 17.37
N ASP D 127 5.59 28.18 16.08
CA ASP D 127 5.17 29.29 15.19
C ASP D 127 3.76 29.76 15.40
N TYR D 128 2.92 29.05 16.18
CA TYR D 128 1.48 29.43 16.32
C TYR D 128 1.01 29.71 17.70
N GLY D 129 0.10 30.64 17.83
CA GLY D 129 -0.30 31.00 19.16
C GLY D 129 -1.64 30.64 19.76
N TYR D 130 -2.63 30.24 19.00
CA TYR D 130 -3.92 29.90 19.66
C TYR D 130 -4.67 29.23 18.55
N GLY D 131 -5.79 28.54 18.87
CA GLY D 131 -6.57 27.80 17.85
C GLY D 131 -7.78 26.94 18.21
N TRP D 132 -8.50 26.43 17.15
CA TRP D 132 -9.68 25.53 17.27
C TRP D 132 -9.38 24.02 17.11
N PHE D 133 -10.42 23.18 17.35
CA PHE D 133 -10.35 21.73 17.28
C PHE D 133 -11.70 21.12 17.40
N HIS D 134 -12.27 20.79 16.28
CA HIS D 134 -13.54 20.06 16.21
C HIS D 134 -13.31 18.75 15.38
N THR D 135 -14.26 17.83 15.38
CA THR D 135 -14.33 16.76 14.40
C THR D 135 -15.03 17.38 13.19
N SER D 136 -14.69 17.02 11.96
CA SER D 136 -15.48 17.37 10.75
C SER D 136 -15.58 16.14 9.85
N LEU D 137 -16.13 16.29 8.62
CA LEU D 137 -16.04 15.28 7.50
C LEU D 137 -15.13 15.66 6.28
N ILE D 138 -14.40 14.66 5.76
CA ILE D 138 -13.82 14.73 4.41
C ILE D 138 -14.72 13.93 3.48
N LEU D 139 -14.94 14.52 2.29
CA LEU D 139 -15.63 13.94 1.12
C LEU D 139 -14.77 14.14 -0.11
N GLU D 140 -14.02 13.07 -0.46
CA GLU D 140 -13.02 13.02 -1.55
C GLU D 140 -13.59 13.13 -3.00
N GLY D 141 -13.22 14.16 -3.74
CA GLY D 141 -13.93 14.55 -4.96
C GLY D 141 -13.93 13.47 -6.03
N LYS D 142 -12.85 12.65 -6.03
CA LYS D 142 -12.45 11.70 -7.10
C LYS D 142 -13.31 10.50 -7.13
N ASN D 143 -13.42 9.99 -5.92
CA ASN D 143 -14.43 9.05 -5.53
C ASN D 143 -15.88 9.51 -5.57
N TYR D 144 -16.11 10.79 -5.36
CA TYR D 144 -17.43 11.19 -5.11
C TYR D 144 -18.05 11.58 -6.44
N LEU D 145 -17.22 12.21 -7.26
CA LEU D 145 -17.50 12.28 -8.67
C LEU D 145 -17.68 10.86 -9.23
N GLN D 146 -16.84 9.92 -8.81
CA GLN D 146 -17.03 8.57 -9.29
C GLN D 146 -18.46 8.06 -8.96
N TRP D 147 -18.86 8.26 -7.70
CA TRP D 147 -20.09 7.76 -7.13
C TRP D 147 -21.34 8.41 -7.72
N LEU D 148 -21.32 9.74 -7.93
CA LEU D 148 -22.51 10.31 -8.48
C LEU D 148 -22.61 9.75 -9.88
N THR D 149 -21.50 9.81 -10.59
CA THR D 149 -21.52 9.39 -11.97
C THR D 149 -22.33 8.08 -12.16
N GLU D 150 -22.20 7.12 -11.24
CA GLU D 150 -22.83 5.82 -11.50
C GLU D 150 -24.19 5.89 -11.00
N ARG D 151 -24.43 6.62 -9.90
CA ARG D 151 -25.80 6.78 -9.41
C ARG D 151 -26.63 7.35 -10.61
N LEU D 152 -26.28 8.53 -11.15
CA LEU D 152 -26.81 9.07 -12.43
C LEU D 152 -26.88 8.22 -13.72
N THR D 153 -26.00 7.25 -13.91
CA THR D 153 -26.21 6.39 -15.06
C THR D 153 -27.21 5.25 -14.74
N GLU D 154 -27.09 4.61 -13.57
CA GLU D 154 -28.20 3.75 -13.14
C GLU D 154 -29.55 4.45 -13.33
N ARG D 155 -29.54 5.74 -13.72
CA ARG D 155 -30.76 6.53 -13.91
C ARG D 155 -30.90 7.18 -15.24
N GLY D 156 -30.06 6.81 -16.16
CA GLY D 156 -30.33 7.16 -17.56
C GLY D 156 -30.12 8.63 -17.85
N VAL D 157 -29.38 9.33 -16.98
CA VAL D 157 -28.68 10.51 -17.44
C VAL D 157 -27.46 10.08 -18.27
N LYS D 158 -27.37 10.70 -19.45
CA LYS D 158 -26.35 10.39 -20.50
C LYS D 158 -25.17 11.41 -20.47
N PHE D 159 -24.00 11.00 -20.92
CA PHE D 159 -22.85 11.84 -20.80
C PHE D 159 -22.26 12.14 -22.17
N PHE D 160 -21.87 13.39 -22.44
CA PHE D 160 -21.25 13.63 -23.76
C PHE D 160 -20.01 14.47 -23.52
N GLN D 161 -18.90 14.01 -24.10
CA GLN D 161 -17.59 14.62 -23.89
C GLN D 161 -17.63 15.82 -24.82
N ARG D 162 -17.55 17.07 -24.33
CA ARG D 162 -17.64 18.22 -25.25
C ARG D 162 -17.44 19.69 -24.77
N LYS D 163 -16.86 20.54 -25.64
CA LYS D 163 -16.54 21.93 -25.29
C LYS D 163 -17.73 22.70 -25.79
N VAL D 164 -18.63 23.02 -24.87
CA VAL D 164 -19.88 23.72 -25.28
C VAL D 164 -19.57 25.17 -25.55
N GLU D 165 -19.84 25.66 -26.78
CA GLU D 165 -19.43 27.00 -27.24
C GLU D 165 -20.35 28.11 -26.85
N SER D 166 -21.60 27.79 -26.49
CA SER D 166 -22.59 28.74 -25.89
C SER D 166 -24.01 28.20 -25.65
N PHE D 167 -24.65 28.83 -24.69
CA PHE D 167 -26.10 28.66 -24.50
C PHE D 167 -26.89 28.36 -25.79
N GLU D 168 -26.82 29.23 -26.82
CA GLU D 168 -27.67 29.12 -28.04
C GLU D 168 -27.22 28.04 -29.05
N GLU D 169 -26.18 27.28 -28.73
CA GLU D 169 -25.84 26.08 -29.50
C GLU D 169 -26.53 24.99 -28.80
N VAL D 170 -26.73 25.18 -27.49
CA VAL D 170 -27.44 24.15 -26.70
C VAL D 170 -28.96 24.23 -26.99
N ALA D 171 -29.51 25.43 -26.76
CA ALA D 171 -30.88 25.80 -27.07
C ALA D 171 -31.27 25.26 -28.42
N ARG D 172 -30.53 25.70 -29.45
CA ARG D 172 -30.64 25.27 -30.84
C ARG D 172 -30.91 23.81 -30.94
N GLU D 173 -29.99 22.98 -30.48
CA GLU D 173 -30.27 21.53 -30.51
C GLU D 173 -31.53 21.14 -29.65
N GLY D 174 -32.47 22.09 -29.56
CA GLY D 174 -33.74 21.88 -28.89
C GLY D 174 -33.61 21.48 -27.43
N ALA D 175 -33.46 22.47 -26.54
CA ALA D 175 -33.03 22.19 -25.18
C ALA D 175 -33.70 23.07 -24.12
N ASP D 176 -34.69 22.56 -23.41
CA ASP D 176 -35.67 23.47 -22.80
C ASP D 176 -35.30 24.09 -21.45
N VAL D 177 -34.54 23.35 -20.62
CA VAL D 177 -33.80 23.98 -19.50
C VAL D 177 -32.30 23.78 -19.62
N ILE D 178 -31.50 24.84 -19.34
CA ILE D 178 -30.02 24.74 -19.12
C ILE D 178 -29.56 25.11 -17.66
N VAL D 179 -28.58 24.31 -17.19
CA VAL D 179 -27.91 24.59 -15.92
C VAL D 179 -26.41 24.78 -16.09
N ASN D 180 -25.97 26.01 -15.80
CA ASN D 180 -24.59 26.38 -15.84
C ASN D 180 -23.94 25.83 -14.59
N CYS D 181 -23.12 24.78 -14.80
CA CYS D 181 -22.17 24.30 -13.76
C CYS D 181 -20.76 24.21 -14.25
N THR D 182 -20.27 25.31 -14.85
CA THR D 182 -19.00 25.28 -15.60
C THR D 182 -17.87 25.83 -14.81
N GLY D 183 -18.13 26.22 -13.55
CA GLY D 183 -17.17 26.81 -12.64
C GLY D 183 -16.42 28.06 -13.11
N VAL D 184 -15.13 28.10 -12.82
CA VAL D 184 -14.31 29.16 -13.16
C VAL D 184 -14.46 29.50 -14.65
N TRP D 185 -14.78 28.52 -15.45
CA TRP D 185 -14.71 28.70 -16.88
C TRP D 185 -15.98 29.30 -17.31
N ALA D 186 -16.88 29.61 -16.37
CA ALA D 186 -18.17 30.21 -16.67
C ALA D 186 -18.04 31.34 -17.65
N GLY D 187 -17.13 32.27 -17.40
CA GLY D 187 -17.06 33.48 -18.26
C GLY D 187 -16.90 33.35 -19.78
N ALA D 188 -16.48 32.19 -20.29
CA ALA D 188 -16.41 31.95 -21.71
C ALA D 188 -17.87 31.85 -22.18
N LEU D 189 -18.85 31.69 -21.27
CA LEU D 189 -20.19 31.33 -21.75
C LEU D 189 -21.04 32.60 -21.77
N GLN D 190 -20.89 33.35 -20.70
CA GLN D 190 -21.41 34.67 -20.71
C GLN D 190 -20.47 35.42 -19.80
N ARG D 191 -19.83 36.44 -20.37
CA ARG D 191 -18.78 37.22 -19.73
C ARG D 191 -19.22 37.54 -18.26
N ASP D 192 -18.29 37.30 -17.29
CA ASP D 192 -18.53 37.64 -15.86
C ASP D 192 -17.27 38.11 -15.17
N PRO D 193 -17.20 39.40 -14.86
CA PRO D 193 -15.95 39.98 -14.40
C PRO D 193 -15.85 39.99 -12.87
N LEU D 194 -16.76 39.39 -12.13
CA LEU D 194 -16.42 39.27 -10.71
C LEU D 194 -15.89 37.83 -10.34
N LEU D 195 -16.30 36.86 -11.17
CA LEU D 195 -15.91 35.49 -11.02
C LEU D 195 -14.49 35.40 -11.58
N GLN D 196 -13.55 34.98 -10.72
CA GLN D 196 -12.16 34.69 -11.14
C GLN D 196 -11.37 33.55 -10.40
N PRO D 197 -10.27 33.08 -11.03
CA PRO D 197 -9.53 31.98 -10.46
C PRO D 197 -8.56 32.31 -9.36
N GLY D 198 -8.80 31.63 -8.23
CA GLY D 198 -7.78 31.46 -7.22
C GLY D 198 -7.08 30.16 -7.46
N ARG D 199 -5.98 30.14 -8.23
CA ARG D 199 -5.07 28.99 -8.24
C ARG D 199 -4.91 28.36 -6.86
N GLY D 200 -4.37 27.17 -6.89
CA GLY D 200 -3.97 26.46 -5.73
C GLY D 200 -3.19 25.28 -6.29
N GLN D 201 -2.26 24.82 -5.48
CA GLN D 201 -1.51 23.68 -5.83
C GLN D 201 -1.44 23.02 -4.44
N ILE D 202 -1.26 21.68 -4.50
CA ILE D 202 -1.26 20.73 -3.39
C ILE D 202 -0.33 19.60 -3.76
N MET D 203 0.18 18.91 -2.73
CA MET D 203 1.00 17.70 -2.79
C MET D 203 0.32 16.52 -2.09
N LYS D 204 0.17 15.36 -2.72
CA LYS D 204 -0.29 14.14 -2.03
C LYS D 204 0.97 13.51 -1.52
N VAL D 205 0.93 12.91 -0.33
CA VAL D 205 2.11 12.36 0.29
C VAL D 205 1.65 11.07 1.03
N ASP D 206 2.56 10.13 1.31
CA ASP D 206 2.35 8.90 2.07
C ASP D 206 2.79 9.07 3.53
N ALA D 207 1.81 9.27 4.42
CA ALA D 207 2.13 9.61 5.82
C ALA D 207 1.06 9.02 6.72
N PRO D 208 0.87 7.71 6.58
CA PRO D 208 -0.35 7.15 7.13
C PRO D 208 -0.56 7.45 8.67
N TRP D 209 0.37 8.13 9.30
CA TRP D 209 0.36 8.19 10.75
C TRP D 209 -0.26 9.49 11.19
N MET D 210 -0.43 10.39 10.22
CA MET D 210 -1.14 11.62 10.46
C MET D 210 -2.62 11.28 10.62
N LYS D 211 -3.25 11.40 11.81
CA LYS D 211 -4.72 11.21 11.89
C LYS D 211 -5.51 12.45 12.03
N HIS D 212 -4.92 13.63 12.24
CA HIS D 212 -5.79 14.81 12.40
C HIS D 212 -5.50 15.80 11.32
N PHE D 213 -6.45 16.66 10.90
CA PHE D 213 -6.04 17.75 10.00
C PHE D 213 -5.32 18.87 10.72
N ILE D 214 -4.70 19.78 10.00
CA ILE D 214 -4.06 21.00 10.60
C ILE D 214 -4.08 22.19 9.60
N LEU D 215 -4.93 23.19 9.81
CA LEU D 215 -4.93 24.31 8.84
C LEU D 215 -4.27 25.42 9.57
N THR D 216 -3.23 26.00 9.02
CA THR D 216 -2.78 27.13 9.76
C THR D 216 -3.33 28.34 9.13
N HIS D 217 -3.40 29.38 9.92
CA HIS D 217 -3.90 30.58 9.36
C HIS D 217 -2.87 31.73 9.53
N ASP D 218 -3.14 32.85 8.86
CA ASP D 218 -2.50 34.16 9.08
C ASP D 218 -3.05 35.20 8.05
N PRO D 219 -3.62 36.34 8.49
CA PRO D 219 -4.21 37.21 7.44
C PRO D 219 -3.21 37.97 6.55
N GLU D 220 -1.93 38.05 6.96
CA GLU D 220 -0.86 38.56 6.09
C GLU D 220 -1.05 37.93 4.69
N ARG D 221 -0.59 36.68 4.66
CA ARG D 221 -0.44 35.86 3.47
C ARG D 221 -1.79 35.42 2.83
N GLY D 222 -2.90 35.69 3.54
CA GLY D 222 -4.31 35.60 3.05
C GLY D 222 -4.96 34.24 3.00
N ILE D 223 -6.30 34.21 3.09
CA ILE D 223 -7.03 32.95 2.87
C ILE D 223 -6.46 31.98 1.83
N TYR D 224 -6.56 30.42 2.46
CA TYR D 224 -6.06 29.35 1.62
C TYR D 224 -4.75 29.88 1.12
N ASN D 225 -3.81 30.01 1.94
CA ASN D 225 -2.43 30.51 1.58
C ASN D 225 -1.44 30.44 2.70
N SER D 226 -1.81 29.77 3.75
CA SER D 226 -0.91 29.45 4.84
C SER D 226 -0.78 27.93 4.74
N PRO D 227 0.19 27.34 5.37
CA PRO D 227 0.06 25.93 5.35
C PRO D 227 -1.25 25.25 5.80
N TYR D 228 -1.70 24.28 4.98
CA TYR D 228 -2.61 23.16 5.39
C TYR D 228 -2.10 21.69 5.14
N ILE D 229 -2.68 20.72 5.88
CA ILE D 229 -2.34 19.27 5.91
C ILE D 229 -3.66 18.54 6.15
N ILE D 230 -4.23 17.86 5.18
CA ILE D 230 -5.53 17.19 5.37
C ILE D 230 -5.42 15.73 5.02
N PRO D 231 -5.39 14.80 6.00
CA PRO D 231 -5.51 13.36 5.79
C PRO D 231 -6.49 12.99 4.72
N GLY D 232 -6.09 12.18 3.76
CA GLY D 232 -7.01 11.75 2.70
C GLY D 232 -7.31 10.38 3.16
N THR D 233 -7.96 9.57 2.33
CA THR D 233 -8.22 8.15 2.63
C THR D 233 -6.97 7.32 2.49
N GLN D 234 -6.17 7.64 1.50
CA GLN D 234 -5.14 6.73 1.04
C GLN D 234 -3.87 7.52 1.23
N THR D 235 -3.98 8.84 1.20
CA THR D 235 -2.85 9.66 0.90
C THR D 235 -3.14 10.98 1.67
N VAL D 236 -2.17 11.86 1.79
CA VAL D 236 -2.34 13.02 2.66
C VAL D 236 -1.96 14.21 1.83
N THR D 237 -2.95 15.09 1.80
CA THR D 237 -2.88 16.18 0.98
C THR D 237 -2.16 17.30 1.70
N LEU D 238 -0.98 17.74 1.25
CA LEU D 238 -0.38 18.99 1.79
C LEU D 238 -0.76 20.11 0.79
N GLY D 239 -1.20 21.29 1.33
CA GLY D 239 -1.77 22.47 0.61
C GLY D 239 -1.16 23.82 1.08
N GLY D 240 -1.71 24.91 0.52
CA GLY D 240 -1.53 26.28 1.08
C GLY D 240 -1.10 27.36 0.08
N ILE D 241 -1.63 27.29 -1.12
CA ILE D 241 -1.38 28.22 -2.20
C ILE D 241 -2.63 28.83 -2.78
N PHE D 242 -2.65 30.16 -2.85
CA PHE D 242 -3.77 30.91 -3.40
C PHE D 242 -3.20 32.06 -4.27
N GLN D 243 -3.74 32.31 -5.47
CA GLN D 243 -3.11 33.25 -6.39
C GLN D 243 -4.01 33.90 -7.45
N LEU D 244 -4.81 34.93 -7.07
CA LEU D 244 -5.92 35.50 -7.87
C LEU D 244 -5.47 35.86 -9.23
N GLY D 245 -6.31 35.69 -10.23
CA GLY D 245 -5.85 35.99 -11.55
C GLY D 245 -4.82 35.04 -12.12
N ASN D 246 -4.19 34.17 -11.34
CA ASN D 246 -3.41 33.17 -12.03
C ASN D 246 -4.18 32.13 -12.88
N TRP D 247 -3.86 31.93 -14.17
CA TRP D 247 -4.48 30.77 -14.93
C TRP D 247 -3.59 29.56 -15.25
N SER D 248 -2.36 29.49 -14.74
CA SER D 248 -1.39 28.47 -15.22
C SER D 248 -1.67 27.08 -14.65
N GLU D 249 -2.19 26.16 -15.45
CA GLU D 249 -2.55 24.80 -14.94
C GLU D 249 -1.34 23.92 -14.94
N LEU D 250 -0.42 24.16 -14.07
CA LEU D 250 0.81 23.66 -14.39
C LEU D 250 1.48 23.74 -13.09
N ASN D 251 2.12 22.63 -12.70
CA ASN D 251 2.77 22.60 -11.41
C ASN D 251 3.91 23.54 -11.36
N ASN D 252 3.95 24.26 -10.25
CA ASN D 252 4.93 25.20 -10.10
C ASN D 252 5.95 24.90 -9.02
N ILE D 253 7.19 24.85 -9.46
CA ILE D 253 8.32 24.51 -8.62
C ILE D 253 8.61 25.46 -7.42
N GLN D 254 8.39 26.78 -7.58
CA GLN D 254 8.41 27.70 -6.41
C GLN D 254 7.41 27.17 -5.41
N ASP D 255 6.19 27.14 -5.90
CA ASP D 255 5.02 26.74 -5.17
C ASP D 255 5.22 25.42 -4.35
N HIS D 256 5.77 24.43 -5.04
CA HIS D 256 6.18 23.22 -4.40
C HIS D 256 6.83 23.60 -3.04
N ASN D 257 7.98 24.20 -3.18
CA ASN D 257 8.83 24.51 -2.06
C ASN D 257 8.07 25.17 -0.83
N THR D 258 7.35 26.24 -1.12
CA THR D 258 6.46 26.82 -0.17
C THR D 258 5.71 25.80 0.68
N ILE D 259 4.90 24.96 0.01
CA ILE D 259 4.08 23.91 0.58
C ILE D 259 4.89 22.90 1.38
N TRP D 260 6.10 22.56 0.91
CA TRP D 260 6.87 21.50 1.55
C TRP D 260 7.54 22.07 2.75
N GLU D 261 8.31 23.17 2.54
CA GLU D 261 8.83 23.98 3.62
C GLU D 261 7.79 24.18 4.74
N GLY D 262 6.66 24.78 4.36
CA GLY D 262 5.64 25.25 5.26
C GLY D 262 4.96 24.06 5.94
N CYS D 263 4.78 22.99 5.15
CA CYS D 263 4.30 21.73 5.78
C CYS D 263 5.33 21.02 6.70
N CYS D 264 6.63 21.05 6.37
CA CYS D 264 7.62 20.50 7.29
C CYS D 264 7.75 21.18 8.63
N ARG D 265 7.85 22.52 8.58
CA ARG D 265 7.96 23.35 9.77
C ARG D 265 6.76 22.93 10.55
N LEU D 266 5.59 22.98 9.96
CA LEU D 266 4.37 22.60 10.66
C LEU D 266 4.18 21.09 11.17
N GLU D 267 4.47 20.02 10.42
CA GLU D 267 4.66 18.75 11.12
C GLU D 267 5.89 18.08 10.55
N PRO D 268 6.97 18.13 11.32
CA PRO D 268 8.29 17.84 10.79
C PRO D 268 8.49 16.35 10.55
N THR D 269 7.50 15.52 10.93
CA THR D 269 7.63 14.06 10.62
C THR D 269 7.37 13.83 9.14
N LEU D 270 7.08 14.91 8.50
CA LEU D 270 6.53 14.88 7.24
C LEU D 270 7.78 15.03 6.41
N LYS D 271 8.89 15.38 7.06
CA LYS D 271 10.18 15.39 6.32
C LYS D 271 10.37 14.01 5.64
N ASN D 272 9.83 12.99 6.31
CA ASN D 272 9.84 11.65 5.83
C ASN D 272 8.74 11.15 4.91
N ALA D 273 7.84 11.96 4.42
CA ALA D 273 6.80 11.26 3.70
C ALA D 273 7.28 11.14 2.32
N ARG D 274 6.69 10.20 1.61
CA ARG D 274 6.87 9.91 0.23
C ARG D 274 5.96 10.95 -0.44
N ILE D 275 6.51 11.70 -1.41
CA ILE D 275 5.68 12.46 -2.41
C ILE D 275 5.04 11.57 -3.52
N ILE D 276 3.76 11.68 -3.79
CA ILE D 276 3.19 10.63 -4.60
C ILE D 276 2.74 11.22 -5.85
N GLY D 277 2.29 12.50 -5.77
CA GLY D 277 1.48 13.24 -6.78
C GLY D 277 1.57 14.71 -6.46
N GLU D 278 1.09 15.58 -7.31
CA GLU D 278 1.02 17.01 -6.96
C GLU D 278 0.07 17.65 -7.95
N ARG D 279 -0.80 18.52 -7.47
CA ARG D 279 -1.87 18.99 -8.38
C ARG D 279 -2.19 20.49 -8.38
N THR D 280 -2.45 20.99 -9.57
CA THR D 280 -2.96 22.32 -9.72
C THR D 280 -4.45 22.43 -10.11
N GLY D 281 -5.19 23.23 -9.37
CA GLY D 281 -6.52 23.58 -9.79
C GLY D 281 -6.82 25.06 -9.58
N PHE D 282 -7.95 25.50 -10.13
CA PHE D 282 -8.37 26.87 -9.97
C PHE D 282 -9.61 27.06 -9.08
N ARG D 283 -9.49 27.64 -7.92
CA ARG D 283 -10.69 27.84 -7.15
C ARG D 283 -11.53 28.79 -7.90
N PRO D 284 -12.78 28.47 -8.11
CA PRO D 284 -13.65 29.49 -8.83
C PRO D 284 -14.15 30.71 -7.94
N VAL D 285 -13.23 31.66 -7.61
CA VAL D 285 -13.47 32.77 -6.67
C VAL D 285 -14.43 33.82 -7.24
N ARG D 286 -15.25 34.40 -6.34
CA ARG D 286 -16.35 35.31 -6.69
C ARG D 286 -17.07 35.94 -5.49
N PRO D 287 -17.42 37.20 -5.59
CA PRO D 287 -17.98 37.80 -4.33
C PRO D 287 -18.95 36.93 -3.49
N GLN D 288 -19.84 36.21 -4.17
CA GLN D 288 -20.88 35.35 -3.58
C GLN D 288 -21.42 34.51 -4.77
N ILE D 289 -22.03 33.36 -4.47
CA ILE D 289 -22.28 32.34 -5.48
C ILE D 289 -23.37 32.75 -6.43
N ARG D 290 -23.17 32.52 -7.71
CA ARG D 290 -24.22 32.84 -8.63
C ARG D 290 -25.20 31.68 -8.88
N LEU D 291 -26.19 31.56 -8.02
CA LEU D 291 -27.27 30.63 -8.29
C LEU D 291 -28.53 31.48 -8.42
N GLU D 292 -29.24 31.22 -9.52
CA GLU D 292 -30.27 32.08 -10.04
C GLU D 292 -30.54 31.70 -11.47
N ARG D 293 -31.72 32.11 -11.93
CA ARG D 293 -32.21 31.84 -13.28
C ARG D 293 -31.85 32.87 -14.38
N GLU D 294 -32.52 32.73 -15.50
CA GLU D 294 -32.39 33.72 -16.50
C GLU D 294 -33.08 33.25 -17.77
N GLN D 295 -34.20 33.94 -18.04
CA GLN D 295 -34.89 33.95 -19.33
C GLN D 295 -33.82 34.36 -20.34
N LEU D 296 -33.35 33.39 -21.13
CA LEU D 296 -32.26 33.67 -22.05
C LEU D 296 -32.69 33.50 -23.50
N ARG D 297 -33.08 34.67 -24.04
CA ARG D 297 -33.60 34.90 -25.39
C ARG D 297 -32.57 34.58 -26.47
N THR D 298 -33.14 34.27 -27.62
CA THR D 298 -32.54 33.41 -28.61
C THR D 298 -33.80 33.11 -29.42
N GLY D 299 -33.62 32.71 -30.70
CA GLY D 299 -34.64 32.04 -31.54
C GLY D 299 -36.12 32.33 -31.30
N PRO D 300 -37.02 31.31 -31.48
CA PRO D 300 -38.47 31.58 -31.29
C PRO D 300 -38.85 32.13 -29.86
N SER D 301 -39.04 31.24 -28.88
CA SER D 301 -39.10 31.71 -27.47
C SER D 301 -37.68 31.75 -26.89
N ASN D 302 -37.57 31.83 -25.57
CA ASN D 302 -36.31 31.40 -25.02
C ASN D 302 -36.24 29.84 -24.93
N THR D 303 -35.17 29.41 -24.26
CA THR D 303 -35.03 28.11 -23.68
C THR D 303 -34.54 28.63 -22.30
N GLU D 304 -34.71 27.93 -21.18
CA GLU D 304 -34.45 28.66 -19.90
C GLU D 304 -33.09 28.35 -19.23
N VAL D 305 -32.78 28.93 -18.07
CA VAL D 305 -31.40 28.73 -17.52
C VAL D 305 -31.08 28.87 -16.01
N ILE D 306 -30.47 27.84 -15.46
CA ILE D 306 -29.94 28.03 -14.12
C ILE D 306 -28.41 28.18 -14.16
N HIS D 307 -27.96 29.23 -13.51
CA HIS D 307 -26.57 29.38 -13.18
C HIS D 307 -26.43 28.85 -11.79
N ASN D 308 -25.24 28.26 -11.59
CA ASN D 308 -24.84 27.74 -10.32
C ASN D 308 -23.31 27.51 -10.38
N TYR D 309 -22.59 28.61 -10.40
CA TYR D 309 -21.18 28.60 -10.46
C TYR D 309 -20.83 29.64 -9.46
N GLY D 310 -19.57 29.51 -9.00
CA GLY D 310 -18.82 30.55 -8.32
C GLY D 310 -18.68 30.08 -6.93
N HIS D 311 -18.03 28.96 -6.70
CA HIS D 311 -18.11 28.37 -5.36
C HIS D 311 -16.81 28.57 -4.54
N GLY D 312 -15.90 29.35 -5.08
CA GLY D 312 -14.70 29.65 -4.29
C GLY D 312 -13.90 28.42 -3.90
N GLY D 313 -13.28 28.47 -2.71
CA GLY D 313 -12.50 27.37 -2.19
C GLY D 313 -13.40 26.51 -1.37
N TYR D 314 -14.66 26.27 -1.79
CA TYR D 314 -15.66 25.53 -0.94
C TYR D 314 -16.93 24.79 -1.46
N GLY D 315 -16.90 24.39 -2.72
CA GLY D 315 -18.10 23.82 -3.33
C GLY D 315 -18.35 22.41 -2.92
N LEU D 316 -17.37 21.76 -2.31
CA LEU D 316 -17.60 20.51 -1.71
C LEU D 316 -18.22 20.79 -0.41
N THR D 317 -17.95 21.90 0.24
CA THR D 317 -18.67 22.17 1.50
C THR D 317 -20.11 22.54 1.30
N ILE D 318 -20.42 23.01 0.11
CA ILE D 318 -21.73 23.47 -0.11
C ILE D 318 -22.48 22.60 -1.08
N HIS D 319 -21.86 21.90 -2.00
CA HIS D 319 -22.62 21.52 -3.20
C HIS D 319 -24.12 21.19 -2.96
N TRP D 320 -24.42 20.47 -1.87
CA TRP D 320 -25.78 19.99 -1.59
C TRP D 320 -26.86 21.11 -1.39
N GLY D 321 -26.53 22.07 -0.51
CA GLY D 321 -27.21 23.36 -0.47
C GLY D 321 -27.68 23.94 -1.80
N CYS D 322 -26.73 24.35 -2.64
CA CYS D 322 -26.98 24.83 -3.99
C CYS D 322 -27.82 23.89 -4.85
N ALA D 323 -27.78 22.57 -4.59
CA ALA D 323 -28.45 21.53 -5.41
C ALA D 323 -29.88 21.30 -5.02
N LEU D 324 -30.12 21.15 -3.73
CA LEU D 324 -31.48 21.04 -3.19
C LEU D 324 -32.20 22.31 -3.60
N GLU D 325 -31.36 23.32 -3.95
CA GLU D 325 -31.76 24.71 -4.17
C GLU D 325 -32.00 25.03 -5.65
N ALA D 326 -30.98 24.93 -6.46
CA ALA D 326 -31.19 24.91 -7.86
C ALA D 326 -32.33 23.95 -8.27
N ALA D 327 -32.66 22.92 -7.47
CA ALA D 327 -33.79 21.99 -7.82
C ALA D 327 -35.17 22.71 -7.67
N LYS D 328 -35.34 23.43 -6.55
CA LYS D 328 -36.50 24.33 -6.30
C LYS D 328 -36.82 25.21 -7.53
N LEU D 329 -35.77 25.88 -8.00
CA LEU D 329 -35.89 26.75 -9.16
C LEU D 329 -36.34 26.02 -10.43
N PHE D 330 -36.14 24.73 -10.48
CA PHE D 330 -36.58 23.94 -11.63
C PHE D 330 -38.02 23.47 -11.53
N GLY D 331 -38.51 23.27 -10.32
CA GLY D 331 -39.95 23.09 -10.14
C GLY D 331 -40.66 24.41 -10.38
N ARG D 332 -40.03 25.48 -9.90
CA ARG D 332 -40.61 26.81 -10.07
C ARG D 332 -40.60 27.31 -11.53
N ILE D 333 -39.98 26.51 -12.40
CA ILE D 333 -40.06 26.68 -13.85
C ILE D 333 -41.17 25.80 -14.43
N LEU D 334 -41.35 24.62 -13.83
CA LEU D 334 -42.44 23.72 -14.16
C LEU D 334 -43.82 24.37 -13.91
N GLU D 335 -43.98 25.00 -12.74
CA GLU D 335 -45.26 25.69 -12.48
C GLU D 335 -45.54 26.92 -13.41
N GLU D 336 -44.46 27.47 -13.98
CA GLU D 336 -44.59 28.49 -15.01
C GLU D 336 -45.02 27.94 -16.38
N LYS D 337 -44.56 26.75 -16.79
CA LYS D 337 -45.11 26.17 -18.05
C LYS D 337 -46.58 25.70 -17.82
N LYS D 338 -46.92 25.63 -16.53
CA LYS D 338 -47.96 24.78 -15.99
C LYS D 338 -47.49 23.40 -16.48
N LEU D 339 -46.63 22.75 -15.66
CA LEU D 339 -46.27 21.32 -15.81
C LEU D 339 -45.90 20.60 -14.46
N SER D 340 -46.56 20.95 -13.34
CA SER D 340 -46.26 20.38 -11.98
C SER D 340 -47.51 19.85 -11.23
#